data_4TSM
#
_entry.id   4TSM
#
_cell.length_a   143.951
_cell.length_b   79.366
_cell.length_c   164.746
_cell.angle_alpha   90.00
_cell.angle_beta   90.23
_cell.angle_gamma   90.00
#
_symmetry.space_group_name_H-M   'C 1 2 1'
#
loop_
_entity.id
_entity.type
_entity.pdbx_description
1 polymer 'maltose-binding protein, pilin chimera'
2 branched alpha-D-glucopyranose-(1-4)-alpha-D-glucopyranose-(1-4)-alpha-D-glucopyranose-(1-4)-alpha-D-glucopyranose
3 non-polymer 'trimethylamine oxide'
4 water water
#
_entity_poly.entity_id   1
_entity_poly.type   'polypeptide(L)'
_entity_poly.pdbx_seq_one_letter_code
;MKIEEGKLVIWINGDKGYNGLAEVGKKFEKDTGIKVTVEHPDKLEEKFPQVAATGDGPDIIFWAHDRFGGYAQSGLLAEI
TPAAAFQDKLYPFTWDAVRYNGKLIAYPIAVEALSLIYNKDLLPNPPKTWEEIPALDKELKAKGKSALMFNLQEPYFTWP
LIAADGGYAFKYAAGKYDIKDVGVDNAGAKAGLTFLVDLIKNKHMNADTDYSIAEAAFNKGETAMTINGPWAWSNIDTSA
VNYGVTVLPTFKGQPSKPFVGVLSAGINAASPNKELAKEFLENYLLTDEGLEAVNKDKPLGAVALKSYEEELAKDPRIAA
TMENAQKGEIMPNIPQMSAFWYAVRTAVINAASGRQTVDAALAAAQTNAAASNINKAKVASVESDYSSVKSAALSYYSDT
NKIPVTPDGQTGLSVLETYMESLPDKADIGGKYKLIKVGNKLVLQIGTNDEGVTLTEAQSAKLLSDIGENKIYTSVTADN
LGNPLTSNTKVDNKVLYIVLIDNTVMDSTKGSLEHHHHHH
;
_entity_poly.pdbx_strand_id   A,B,C
#
# COMPACT_ATOMS: atom_id res chain seq x y z
N MET A 1 8.04 -0.17 -19.61
CA MET A 1 6.96 -0.21 -18.63
C MET A 1 6.56 -1.66 -18.45
N LYS A 2 6.09 -2.02 -17.26
CA LYS A 2 5.58 -3.37 -17.00
C LYS A 2 4.43 -3.32 -16.02
N ILE A 3 3.71 -4.43 -15.89
CA ILE A 3 2.62 -4.53 -14.94
C ILE A 3 3.01 -5.31 -13.67
N GLU A 4 2.19 -5.12 -12.63
CA GLU A 4 2.23 -5.98 -11.45
CA GLU A 4 2.21 -5.88 -11.38
C GLU A 4 0.79 -6.33 -11.14
N GLU A 5 0.62 -7.39 -10.34
CA GLU A 5 -0.70 -7.94 -10.00
CA GLU A 5 -0.68 -7.98 -10.00
C GLU A 5 -1.35 -8.65 -11.19
N GLY A 6 -0.55 -9.19 -12.09
CA GLY A 6 -1.05 -9.90 -13.26
C GLY A 6 -0.71 -11.38 -13.16
N LYS A 7 -0.52 -11.83 -11.94
CA LYS A 7 -0.09 -13.20 -11.67
C LYS A 7 -0.88 -13.80 -10.51
N LEU A 8 -1.16 -15.10 -10.56
CA LEU A 8 -1.65 -15.84 -9.40
C LEU A 8 -0.50 -16.67 -8.82
N VAL A 9 -0.28 -16.60 -7.52
CA VAL A 9 0.72 -17.43 -6.88
C VAL A 9 -0.02 -18.54 -6.13
N ILE A 10 0.42 -19.78 -6.32
CA ILE A 10 -0.23 -20.91 -5.68
C ILE A 10 0.76 -21.67 -4.80
N TRP A 11 0.35 -22.00 -3.57
CA TRP A 11 1.09 -22.91 -2.71
C TRP A 11 0.40 -24.27 -2.64
N ILE A 12 1.19 -25.33 -2.76
CA ILE A 12 0.70 -26.70 -2.64
C ILE A 12 1.83 -27.56 -2.08
N ASN A 13 1.50 -28.55 -1.27
CA ASN A 13 2.54 -29.32 -0.60
C ASN A 13 3.43 -30.11 -1.55
N GLY A 14 4.66 -30.35 -1.13
CA GLY A 14 5.68 -30.99 -1.95
C GLY A 14 5.42 -32.43 -2.38
N ASP A 15 4.49 -33.10 -1.72
CA ASP A 15 4.16 -34.48 -2.05
C ASP A 15 3.01 -34.59 -3.06
N LYS A 16 2.44 -33.45 -3.46
CA LYS A 16 1.36 -33.43 -4.44
C LYS A 16 1.87 -33.11 -5.86
N GLY A 17 0.96 -33.17 -6.83
CA GLY A 17 1.31 -33.09 -8.24
C GLY A 17 1.47 -31.67 -8.74
N TYR A 18 2.49 -30.96 -8.27
CA TYR A 18 2.60 -29.53 -8.53
C TYR A 18 3.02 -29.22 -9.95
N ASN A 19 3.68 -30.15 -10.63
CA ASN A 19 4.04 -29.94 -12.02
C ASN A 19 2.79 -30.08 -12.87
N GLY A 20 1.98 -31.11 -12.60
CA GLY A 20 0.68 -31.22 -13.24
C GLY A 20 -0.14 -29.96 -13.06
N LEU A 21 -0.11 -29.40 -11.85
CA LEU A 21 -0.87 -28.20 -11.55
C LEU A 21 -0.35 -27.01 -12.38
N ALA A 22 0.97 -26.94 -12.57
CA ALA A 22 1.56 -25.85 -13.34
C ALA A 22 1.10 -25.89 -14.80
N GLU A 23 0.84 -27.10 -15.31
CA GLU A 23 0.28 -27.26 -16.66
C GLU A 23 -1.09 -26.61 -16.78
N VAL A 24 -1.96 -26.84 -15.79
CA VAL A 24 -3.25 -26.16 -15.73
C VAL A 24 -3.01 -24.64 -15.71
N GLY A 25 -2.02 -24.21 -14.94
CA GLY A 25 -1.67 -22.79 -14.88
C GLY A 25 -1.26 -22.21 -16.24
N LYS A 26 -0.56 -23.02 -17.04
CA LYS A 26 -0.18 -22.59 -18.38
C LYS A 26 -1.39 -22.38 -19.26
N LYS A 27 -2.38 -23.27 -19.17
CA LYS A 27 -3.59 -23.13 -19.98
C LYS A 27 -4.35 -21.87 -19.57
N PHE A 28 -4.40 -21.61 -18.26
CA PHE A 28 -5.06 -20.42 -17.74
C PHE A 28 -4.40 -19.16 -18.24
N GLU A 29 -3.07 -19.15 -18.25
CA GLU A 29 -2.33 -18.01 -18.79
C GLU A 29 -2.67 -17.81 -20.26
N LYS A 30 -2.71 -18.91 -21.03
CA LYS A 30 -2.97 -18.82 -22.46
C LYS A 30 -4.33 -18.18 -22.73
N ASP A 31 -5.35 -18.54 -21.96
CA ASP A 31 -6.67 -17.96 -22.14
C ASP A 31 -6.76 -16.53 -21.61
N THR A 32 -6.18 -16.24 -20.45
CA THR A 32 -6.48 -15.00 -19.74
C THR A 32 -5.36 -13.94 -19.73
N GLY A 33 -4.13 -14.35 -20.02
CA GLY A 33 -2.99 -13.48 -19.94
C GLY A 33 -2.42 -13.42 -18.52
N ILE A 34 -3.05 -14.12 -17.59
CA ILE A 34 -2.66 -14.09 -16.18
C ILE A 34 -1.70 -15.23 -15.89
N LYS A 35 -0.47 -14.90 -15.50
CA LYS A 35 0.54 -15.91 -15.21
C LYS A 35 0.22 -16.65 -13.91
N VAL A 36 0.53 -17.94 -13.87
CA VAL A 36 0.25 -18.75 -12.69
C VAL A 36 1.54 -19.41 -12.22
N THR A 37 1.95 -19.09 -10.99
CA THR A 37 3.18 -19.63 -10.44
C THR A 37 2.84 -20.59 -9.32
N VAL A 38 3.25 -21.83 -9.50
CA VAL A 38 3.04 -22.84 -8.48
C VAL A 38 4.31 -22.99 -7.64
N GLU A 39 4.16 -22.92 -6.33
CA GLU A 39 5.26 -23.12 -5.40
C GLU A 39 4.91 -24.22 -4.41
N HIS A 40 5.93 -24.88 -3.88
CA HIS A 40 5.73 -25.83 -2.78
C HIS A 40 6.69 -25.58 -1.62
N PRO A 41 6.49 -24.48 -0.89
CA PRO A 41 7.39 -24.16 0.22
C PRO A 41 7.36 -25.23 1.32
N ASP A 42 8.43 -25.36 2.10
CA ASP A 42 8.36 -26.15 3.32
C ASP A 42 7.42 -25.48 4.30
N LYS A 43 6.76 -26.29 5.14
CA LYS A 43 5.88 -25.80 6.20
C LYS A 43 4.92 -24.74 5.71
N LEU A 44 4.38 -24.93 4.51
CA LEU A 44 3.54 -23.89 3.92
C LEU A 44 2.31 -23.63 4.77
N GLU A 45 1.84 -24.66 5.46
CA GLU A 45 0.63 -24.55 6.28
C GLU A 45 0.88 -23.73 7.55
N GLU A 46 2.13 -23.65 8.01
CA GLU A 46 2.50 -22.80 9.14
C GLU A 46 2.86 -21.40 8.66
N LYS A 47 3.46 -21.34 7.48
CA LYS A 47 3.87 -20.07 6.90
C LYS A 47 2.67 -19.18 6.54
N PHE A 48 1.64 -19.79 5.96
CA PHE A 48 0.53 -19.02 5.40
C PHE A 48 -0.12 -18.06 6.42
N PRO A 49 -0.42 -18.53 7.65
CA PRO A 49 -1.05 -17.54 8.54
C PRO A 49 -0.14 -16.41 8.99
N GLN A 50 1.19 -16.55 8.89
CA GLN A 50 2.03 -15.44 9.31
C GLN A 50 2.50 -14.56 8.16
N VAL A 51 2.19 -14.92 6.91
CA VAL A 51 2.50 -14.03 5.79
C VAL A 51 1.35 -13.80 4.80
N ALA A 52 0.15 -14.24 5.13
CA ALA A 52 -0.97 -14.19 4.18
C ALA A 52 -1.16 -12.80 3.57
N ALA A 53 -1.14 -11.76 4.40
CA ALA A 53 -1.46 -10.43 3.86
C ALA A 53 -0.22 -9.66 3.39
N THR A 54 0.94 -10.30 3.37
CA THR A 54 2.18 -9.56 3.08
C THR A 54 2.47 -9.28 1.61
N GLY A 55 2.03 -10.16 0.72
CA GLY A 55 2.38 -10.02 -0.68
C GLY A 55 3.43 -11.05 -1.03
N ASP A 56 4.00 -11.66 0.00
CA ASP A 56 4.73 -12.89 -0.17
C ASP A 56 3.80 -14.08 0.06
N GLY A 57 2.54 -13.78 0.36
CA GLY A 57 1.54 -14.81 0.58
C GLY A 57 0.97 -15.26 -0.76
N PRO A 58 0.50 -16.50 -0.84
CA PRO A 58 -0.08 -17.00 -2.10
C PRO A 58 -1.49 -16.46 -2.32
N ASP A 59 -1.93 -16.43 -3.57
CA ASP A 59 -3.33 -16.11 -3.86
C ASP A 59 -4.23 -17.28 -3.54
N ILE A 60 -3.72 -18.50 -3.79
CA ILE A 60 -4.43 -19.74 -3.53
C ILE A 60 -3.55 -20.67 -2.68
N ILE A 61 -4.13 -21.20 -1.60
CA ILE A 61 -3.42 -22.18 -0.78
C ILE A 61 -4.09 -23.57 -0.81
N PHE A 62 -3.30 -24.60 -1.11
CA PHE A 62 -3.78 -25.99 -1.08
C PHE A 62 -3.31 -26.67 0.19
N TRP A 63 -4.23 -27.38 0.85
CA TRP A 63 -3.91 -28.24 1.97
C TRP A 63 -5.11 -29.16 2.23
N ALA A 64 -4.94 -30.18 3.07
CA ALA A 64 -6.13 -30.92 3.52
C ALA A 64 -7.04 -29.91 4.21
N HIS A 65 -8.34 -30.15 4.19
CA HIS A 65 -9.32 -29.22 4.76
C HIS A 65 -9.19 -28.97 6.28
N ASP A 66 -8.50 -29.85 6.99
CA ASP A 66 -8.43 -29.70 8.46
C ASP A 66 -7.79 -28.39 8.90
N ARG A 67 -6.99 -27.78 8.03
CA ARG A 67 -6.28 -26.54 8.40
C ARG A 67 -7.11 -25.27 8.18
N PHE A 68 -8.19 -25.36 7.42
CA PHE A 68 -8.83 -24.15 6.90
C PHE A 68 -9.77 -23.42 7.88
N GLY A 69 -10.34 -24.10 8.86
CA GLY A 69 -11.15 -23.39 9.84
C GLY A 69 -10.37 -22.38 10.67
N GLY A 70 -9.14 -22.75 11.05
CA GLY A 70 -8.25 -21.81 11.75
C GLY A 70 -7.94 -20.59 10.89
N TYR A 71 -7.58 -20.84 9.63
CA TYR A 71 -7.41 -19.75 8.67
C TYR A 71 -8.66 -18.90 8.59
N ALA A 72 -9.82 -19.55 8.51
CA ALA A 72 -11.07 -18.82 8.34
C ALA A 72 -11.37 -17.97 9.59
N GLN A 73 -11.22 -18.57 10.75
CA GLN A 73 -11.46 -17.87 12.00
C GLN A 73 -10.55 -16.64 12.12
N SER A 74 -9.32 -16.74 11.66
CA SER A 74 -8.42 -15.58 11.64
C SER A 74 -8.70 -14.60 10.50
N GLY A 75 -9.76 -14.81 9.72
CA GLY A 75 -10.09 -13.91 8.63
C GLY A 75 -9.16 -13.93 7.44
N LEU A 76 -8.51 -15.07 7.18
CA LEU A 76 -7.50 -15.11 6.13
C LEU A 76 -8.03 -15.55 4.77
N LEU A 77 -9.28 -16.02 4.73
CA LEU A 77 -9.83 -16.63 3.52
C LEU A 77 -11.05 -15.87 2.98
N ALA A 78 -11.06 -15.66 1.66
CA ALA A 78 -12.27 -15.19 1.01
C ALA A 78 -13.34 -16.29 1.09
N GLU A 79 -14.58 -15.87 1.32
CA GLU A 79 -15.69 -16.81 1.28
C GLU A 79 -15.84 -17.30 -0.14
N ILE A 80 -16.11 -18.57 -0.33
CA ILE A 80 -16.33 -18.96 -1.69
C ILE A 80 -17.82 -19.23 -1.84
N THR A 81 -18.36 -18.76 -2.97
CA THR A 81 -19.80 -18.80 -3.20
C THR A 81 -20.12 -19.24 -4.63
N PRO A 82 -19.82 -20.50 -4.96
CA PRO A 82 -20.07 -21.01 -6.31
C PRO A 82 -21.55 -21.03 -6.65
N ALA A 83 -21.88 -20.87 -7.92
CA ALA A 83 -23.26 -21.03 -8.36
C ALA A 83 -23.73 -22.46 -8.05
N ALA A 84 -25.05 -22.63 -7.97
CA ALA A 84 -25.65 -23.93 -7.68
C ALA A 84 -25.21 -25.03 -8.66
N ALA A 85 -25.12 -24.68 -9.95
CA ALA A 85 -24.73 -25.68 -10.94
C ALA A 85 -23.28 -26.12 -10.76
N PHE A 86 -22.41 -25.20 -10.36
CA PHE A 86 -21.05 -25.64 -10.04
C PHE A 86 -21.03 -26.54 -8.79
N GLN A 87 -21.75 -26.17 -7.73
CA GLN A 87 -21.78 -27.03 -6.53
C GLN A 87 -22.24 -28.46 -6.88
N ASP A 88 -23.26 -28.58 -7.74
CA ASP A 88 -23.74 -29.88 -8.21
C ASP A 88 -22.68 -30.76 -8.91
N LYS A 89 -21.61 -30.16 -9.41
CA LYS A 89 -20.56 -30.93 -10.09
C LYS A 89 -19.69 -31.73 -9.13
N LEU A 90 -19.72 -31.35 -7.85
CA LEU A 90 -18.87 -31.96 -6.84
C LEU A 90 -19.68 -32.74 -5.80
N TYR A 91 -19.10 -33.82 -5.26
CA TYR A 91 -19.78 -34.63 -4.25
C TYR A 91 -20.17 -33.81 -3.01
N PRO A 92 -21.43 -33.92 -2.57
CA PRO A 92 -21.90 -33.25 -1.34
C PRO A 92 -21.00 -33.54 -0.12
N PHE A 93 -20.51 -34.77 -0.02
CA PHE A 93 -19.59 -35.16 1.05
C PHE A 93 -18.37 -34.22 1.10
N THR A 94 -17.84 -33.89 -0.07
CA THR A 94 -16.63 -33.09 -0.14
C THR A 94 -16.92 -31.61 0.20
N TRP A 95 -18.08 -31.09 -0.21
CA TRP A 95 -18.45 -29.73 0.20
C TRP A 95 -18.58 -29.62 1.72
N ASP A 96 -19.04 -30.69 2.36
CA ASP A 96 -19.19 -30.70 3.81
C ASP A 96 -17.85 -30.48 4.50
N ALA A 97 -16.78 -30.95 3.87
CA ALA A 97 -15.46 -30.90 4.49
C ALA A 97 -14.95 -29.46 4.55
N VAL A 98 -15.43 -28.62 3.63
CA VAL A 98 -14.93 -27.24 3.52
C VAL A 98 -15.98 -26.21 3.94
N ARG A 99 -17.00 -26.67 4.66
CA ARG A 99 -18.01 -25.78 5.24
C ARG A 99 -17.68 -25.51 6.71
N TYR A 100 -17.61 -24.23 7.07
CA TYR A 100 -17.24 -23.84 8.44
C TYR A 100 -18.14 -22.74 8.91
N ASN A 101 -18.81 -22.96 10.03
CA ASN A 101 -19.80 -22.01 10.54
C ASN A 101 -20.78 -21.57 9.44
N GLY A 102 -21.25 -22.53 8.66
CA GLY A 102 -22.28 -22.28 7.67
C GLY A 102 -21.77 -21.75 6.35
N LYS A 103 -20.48 -21.42 6.26
CA LYS A 103 -19.95 -20.86 5.03
C LYS A 103 -18.91 -21.77 4.38
N LEU A 104 -18.89 -21.75 3.05
CA LEU A 104 -17.86 -22.46 2.28
C LEU A 104 -16.57 -21.64 2.29
N ILE A 105 -15.47 -22.25 2.71
CA ILE A 105 -14.22 -21.51 2.85
C ILE A 105 -13.11 -22.03 1.96
N ALA A 106 -13.42 -22.99 1.09
CA ALA A 106 -12.47 -23.54 0.13
C ALA A 106 -13.17 -24.35 -0.94
N TYR A 107 -12.47 -24.64 -2.03
CA TYR A 107 -12.93 -25.63 -2.99
C TYR A 107 -12.37 -27.02 -2.67
N PRO A 108 -13.26 -28.03 -2.60
CA PRO A 108 -12.76 -29.39 -2.37
C PRO A 108 -12.22 -29.99 -3.67
N ILE A 109 -11.11 -30.70 -3.57
CA ILE A 109 -10.49 -31.26 -4.77
C ILE A 109 -10.53 -32.78 -4.79
N ALA A 110 -10.10 -33.40 -3.69
CA ALA A 110 -9.96 -34.86 -3.72
C ALA A 110 -9.99 -35.45 -2.32
N VAL A 111 -10.54 -36.66 -2.21
CA VAL A 111 -10.59 -37.36 -0.97
C VAL A 111 -9.35 -38.22 -0.79
N GLU A 112 -8.65 -37.99 0.32
CA GLU A 112 -7.47 -38.78 0.66
C GLU A 112 -7.71 -39.65 1.89
N ALA A 113 -7.29 -40.91 1.78
CA ALA A 113 -7.31 -41.83 2.90
C ALA A 113 -6.10 -42.76 2.79
N LEU A 114 -5.46 -43.00 3.92
CA LEU A 114 -4.34 -43.96 3.99
C LEU A 114 -4.82 -45.37 3.70
N SER A 115 -4.00 -46.15 2.99
CA SER A 115 -4.27 -47.57 2.79
C SER A 115 -3.06 -48.40 3.15
N LEU A 116 -3.28 -49.69 3.31
CA LEU A 116 -2.17 -50.63 3.43
C LEU A 116 -1.68 -50.93 2.01
N ILE A 117 -0.42 -50.65 1.74
CA ILE A 117 0.18 -50.91 0.44
C ILE A 117 1.17 -52.06 0.63
N TYR A 118 1.03 -53.11 -0.17
CA TYR A 118 1.80 -54.33 0.06
C TYR A 118 2.41 -54.88 -1.21
N ASN A 119 3.58 -55.50 -1.06
CA ASN A 119 4.33 -56.11 -2.14
C ASN A 119 3.70 -57.47 -2.41
N LYS A 120 3.03 -57.60 -3.57
CA LYS A 120 2.24 -58.80 -3.89
C LYS A 120 3.11 -60.04 -4.11
N ASP A 121 4.36 -59.85 -4.48
CA ASP A 121 5.26 -61.00 -4.67
C ASP A 121 5.77 -61.53 -3.32
N LEU A 122 6.21 -60.60 -2.46
CA LEU A 122 6.65 -60.93 -1.11
C LEU A 122 5.52 -61.44 -0.23
N LEU A 123 4.31 -60.96 -0.48
CA LEU A 123 3.21 -61.11 0.47
C LEU A 123 1.86 -61.10 -0.24
N PRO A 124 1.51 -62.22 -0.91
CA PRO A 124 0.27 -62.39 -1.69
C PRO A 124 -0.98 -62.19 -0.83
N ASN A 125 -0.91 -62.62 0.42
CA ASN A 125 -2.01 -62.49 1.37
C ASN A 125 -1.65 -61.62 2.57
N PRO A 126 -1.83 -60.31 2.43
CA PRO A 126 -1.47 -59.37 3.48
C PRO A 126 -2.25 -59.65 4.77
N PRO A 127 -1.64 -59.39 5.95
CA PRO A 127 -2.33 -59.64 7.21
C PRO A 127 -3.65 -58.86 7.33
N LYS A 128 -4.68 -59.49 7.87
CA LYS A 128 -5.92 -58.79 8.11
C LYS A 128 -5.92 -58.06 9.46
N THR A 129 -4.99 -58.42 10.34
CA THR A 129 -4.93 -57.86 11.68
C THR A 129 -3.55 -57.28 12.01
N TRP A 130 -3.51 -56.20 12.79
CA TRP A 130 -2.27 -55.71 13.38
C TRP A 130 -1.61 -56.79 14.26
N GLU A 131 -2.42 -57.53 15.00
CA GLU A 131 -1.90 -58.45 16.01
C GLU A 131 -1.03 -59.57 15.45
N GLU A 132 -1.20 -59.88 14.17
CA GLU A 132 -0.40 -60.95 13.57
C GLU A 132 0.87 -60.41 12.90
N ILE A 133 1.10 -59.11 12.96
CA ILE A 133 2.27 -58.53 12.30
C ILE A 133 3.63 -58.79 13.01
N PRO A 134 3.67 -58.82 14.35
CA PRO A 134 4.96 -59.18 14.96
C PRO A 134 5.50 -60.52 14.45
N ALA A 135 4.65 -61.54 14.43
CA ALA A 135 5.06 -62.87 13.96
C ALA A 135 5.37 -62.89 12.46
N LEU A 136 4.67 -62.07 11.70
CA LEU A 136 4.91 -62.01 10.26
C LEU A 136 6.25 -61.36 10.02
N ASP A 137 6.62 -60.44 10.91
CA ASP A 137 7.90 -59.76 10.79
C ASP A 137 9.00 -60.79 10.99
N LYS A 138 8.87 -61.56 12.06
CA LYS A 138 9.79 -62.63 12.41
C LYS A 138 10.10 -63.49 11.21
N GLU A 139 9.05 -64.03 10.58
CA GLU A 139 9.17 -64.85 9.38
C GLU A 139 9.90 -64.17 8.24
N LEU A 140 9.50 -62.94 7.95
CA LEU A 140 10.10 -62.20 6.84
C LEU A 140 11.59 -61.92 7.10
N LYS A 141 11.92 -61.66 8.36
CA LYS A 141 13.28 -61.32 8.75
C LYS A 141 14.19 -62.55 8.70
N ALA A 142 13.59 -63.73 8.71
CA ALA A 142 14.33 -64.96 8.44
C ALA A 142 14.73 -64.99 6.96
N LYS A 143 14.13 -64.11 6.17
CA LYS A 143 14.37 -64.08 4.73
C LYS A 143 15.06 -62.79 4.25
N GLY A 144 15.51 -61.98 5.20
CA GLY A 144 16.19 -60.74 4.86
C GLY A 144 15.27 -59.57 4.55
N LYS A 145 14.00 -59.68 4.94
CA LYS A 145 13.00 -58.62 4.72
C LYS A 145 12.37 -58.20 6.05
N SER A 146 11.68 -57.07 6.07
CA SER A 146 10.85 -56.70 7.21
C SER A 146 9.38 -56.72 6.80
N ALA A 147 8.48 -56.75 7.78
CA ALA A 147 7.05 -56.82 7.51
C ALA A 147 6.45 -55.49 7.05
N LEU A 148 6.80 -54.43 7.77
CA LEU A 148 6.10 -53.14 7.65
C LEU A 148 6.98 -51.96 8.02
N MET A 149 7.02 -50.95 7.15
CA MET A 149 7.63 -49.67 7.51
C MET A 149 6.76 -48.52 7.03
N PHE A 150 6.52 -47.58 7.92
CA PHE A 150 5.77 -46.39 7.55
C PHE A 150 6.20 -45.22 8.43
N ASN A 151 5.81 -44.01 8.03
CA ASN A 151 6.25 -42.79 8.73
C ASN A 151 5.73 -42.73 10.16
N LEU A 152 6.60 -42.96 11.12
CA LEU A 152 6.21 -42.92 12.52
C LEU A 152 6.18 -41.51 13.11
N GLN A 153 6.77 -40.55 12.39
CA GLN A 153 6.96 -39.19 12.92
C GLN A 153 5.71 -38.31 12.86
N GLU A 154 4.82 -38.56 11.90
CA GLU A 154 3.61 -37.76 11.72
C GLU A 154 2.39 -38.53 12.21
N PRO A 155 1.62 -37.93 13.14
CA PRO A 155 0.49 -38.62 13.74
C PRO A 155 -0.61 -39.00 12.75
N TYR A 156 -0.65 -38.33 11.58
CA TYR A 156 -1.50 -38.77 10.47
C TYR A 156 -1.36 -40.27 10.21
N PHE A 157 -0.13 -40.78 10.29
CA PHE A 157 0.12 -42.18 9.92
C PHE A 157 -0.13 -43.18 11.05
N THR A 158 0.02 -42.75 12.31
CA THR A 158 -0.17 -43.65 13.44
C THR A 158 -1.59 -43.55 14.01
N TRP A 159 -2.27 -42.44 13.75
CA TRP A 159 -3.63 -42.27 14.24
C TRP A 159 -4.60 -43.38 13.84
N PRO A 160 -4.50 -43.96 12.62
CA PRO A 160 -5.49 -45.01 12.32
C PRO A 160 -5.47 -46.15 13.35
N LEU A 161 -4.29 -46.48 13.88
CA LEU A 161 -4.17 -47.53 14.89
C LEU A 161 -4.70 -47.10 16.25
N ILE A 162 -4.40 -45.85 16.62
CA ILE A 162 -4.80 -45.32 17.93
C ILE A 162 -6.31 -45.19 18.02
N ALA A 163 -6.94 -44.81 16.91
CA ALA A 163 -8.38 -44.65 16.87
C ALA A 163 -9.12 -45.98 16.71
N ALA A 164 -8.43 -47.04 16.26
CA ALA A 164 -9.10 -48.30 15.95
C ALA A 164 -10.01 -48.80 17.10
N ASP A 165 -9.49 -48.82 18.31
CA ASP A 165 -10.21 -49.37 19.45
C ASP A 165 -10.95 -48.32 20.27
N GLY A 166 -11.01 -47.08 19.80
CA GLY A 166 -11.86 -46.09 20.44
C GLY A 166 -11.30 -44.69 20.61
N GLY A 167 -10.01 -44.50 20.31
CA GLY A 167 -9.43 -43.16 20.36
C GLY A 167 -10.16 -42.21 19.44
N TYR A 168 -10.31 -40.95 19.86
CA TYR A 168 -10.91 -39.91 19.00
C TYR A 168 -10.31 -38.54 19.32
N ALA A 169 -10.57 -37.56 18.47
CA ALA A 169 -10.03 -36.23 18.64
C ALA A 169 -10.98 -35.43 19.54
N PHE A 170 -11.97 -34.80 18.94
CA PHE A 170 -13.02 -34.08 19.66
C PHE A 170 -14.35 -34.80 19.47
N LYS A 171 -15.09 -34.95 20.56
CA LYS A 171 -16.39 -35.58 20.52
C LYS A 171 -17.35 -34.85 19.57
N TYR A 172 -18.02 -35.62 18.72
CA TYR A 172 -18.90 -35.07 17.71
C TYR A 172 -20.34 -35.45 18.01
N ALA A 173 -21.24 -34.49 17.89
CA ALA A 173 -22.65 -34.80 18.08
C ALA A 173 -23.52 -33.74 17.42
N ALA A 174 -24.36 -34.19 16.49
CA ALA A 174 -25.31 -33.32 15.79
C ALA A 174 -24.64 -32.12 15.12
N GLY A 175 -23.64 -32.38 14.30
CA GLY A 175 -23.03 -31.34 13.50
C GLY A 175 -21.95 -30.53 14.21
N LYS A 176 -21.79 -30.76 15.51
CA LYS A 176 -20.89 -29.93 16.30
C LYS A 176 -19.78 -30.72 16.98
N TYR A 177 -18.59 -30.15 16.99
CA TYR A 177 -17.46 -30.72 17.73
C TYR A 177 -17.30 -30.08 19.10
N ASP A 178 -17.22 -30.93 20.12
CA ASP A 178 -17.06 -30.51 21.51
C ASP A 178 -15.57 -30.35 21.80
N ILE A 179 -15.09 -29.11 21.81
CA ILE A 179 -13.66 -28.85 21.89
C ILE A 179 -13.09 -29.08 23.28
N LYS A 180 -13.94 -29.41 24.25
CA LYS A 180 -13.43 -29.77 25.59
C LYS A 180 -13.63 -31.24 25.92
N ASP A 181 -14.05 -32.03 24.95
CA ASP A 181 -14.20 -33.49 25.13
C ASP A 181 -13.24 -34.18 24.17
N VAL A 182 -12.05 -34.49 24.66
CA VAL A 182 -10.97 -35.05 23.84
C VAL A 182 -10.80 -36.54 24.16
N GLY A 183 -10.54 -37.36 23.14
CA GLY A 183 -10.49 -38.80 23.33
C GLY A 183 -9.14 -39.43 23.02
N VAL A 184 -8.06 -38.70 23.25
CA VAL A 184 -6.75 -39.27 22.94
C VAL A 184 -6.22 -40.06 24.13
N ASP A 185 -6.92 -40.01 25.25
CA ASP A 185 -6.43 -40.67 26.47
C ASP A 185 -7.43 -41.68 27.03
N ASN A 186 -8.30 -42.22 26.19
CA ASN A 186 -9.21 -43.25 26.67
C ASN A 186 -8.58 -44.63 26.50
N ALA A 187 -9.29 -45.67 26.93
CA ALA A 187 -8.73 -47.02 26.92
C ALA A 187 -8.29 -47.43 25.53
N GLY A 188 -9.09 -47.08 24.53
CA GLY A 188 -8.82 -47.44 23.15
C GLY A 188 -7.54 -46.84 22.61
N ALA A 189 -7.36 -45.55 22.85
CA ALA A 189 -6.16 -44.84 22.41
C ALA A 189 -4.92 -45.45 23.07
N LYS A 190 -5.01 -45.71 24.38
CA LYS A 190 -3.96 -46.37 25.14
C LYS A 190 -3.53 -47.70 24.55
N ALA A 191 -4.50 -48.55 24.26
CA ALA A 191 -4.24 -49.87 23.69
C ALA A 191 -3.56 -49.74 22.34
N GLY A 192 -4.10 -48.88 21.48
CA GLY A 192 -3.51 -48.62 20.19
C GLY A 192 -2.08 -48.14 20.26
N LEU A 193 -1.81 -47.15 21.10
CA LEU A 193 -0.46 -46.60 21.15
C LEU A 193 0.47 -47.62 21.81
N THR A 194 -0.03 -48.35 22.81
CA THR A 194 0.77 -49.37 23.48
C THR A 194 1.24 -50.40 22.46
N PHE A 195 0.32 -50.81 21.59
CA PHE A 195 0.68 -51.77 20.55
C PHE A 195 1.80 -51.27 19.63
N LEU A 196 1.71 -50.01 19.23
CA LEU A 196 2.73 -49.43 18.39
C LEU A 196 4.07 -49.34 19.12
N VAL A 197 4.02 -48.92 20.39
CA VAL A 197 5.23 -48.80 21.19
C VAL A 197 5.86 -50.19 21.35
N ASP A 198 5.01 -51.21 21.52
CA ASP A 198 5.52 -52.56 21.64
C ASP A 198 6.13 -53.08 20.33
N LEU A 199 5.58 -52.67 19.18
CA LEU A 199 6.16 -53.04 17.89
C LEU A 199 7.59 -52.54 17.81
N ILE A 200 7.81 -51.37 18.38
CA ILE A 200 9.12 -50.75 18.35
C ILE A 200 10.04 -51.44 19.36
N LYS A 201 9.54 -51.66 20.56
CA LYS A 201 10.34 -52.28 21.61
C LYS A 201 10.73 -53.71 21.26
N ASN A 202 9.87 -54.40 20.50
CA ASN A 202 10.16 -55.77 20.09
C ASN A 202 10.83 -55.84 18.73
N LYS A 203 11.46 -54.74 18.33
CA LYS A 203 12.35 -54.70 17.16
C LYS A 203 11.66 -54.93 15.81
N HIS A 204 10.36 -54.64 15.74
CA HIS A 204 9.63 -54.78 14.48
C HIS A 204 9.57 -53.48 13.64
N MET A 205 10.03 -52.38 14.22
CA MET A 205 10.34 -51.18 13.45
C MET A 205 11.12 -50.23 14.32
N ASN A 206 12.01 -49.45 13.70
CA ASN A 206 12.79 -48.44 14.41
C ASN A 206 11.96 -47.20 14.66
N ALA A 207 12.13 -46.63 15.84
CA ALA A 207 11.37 -45.45 16.25
C ALA A 207 11.64 -44.23 15.37
N ASP A 208 12.76 -44.21 14.64
CA ASP A 208 13.10 -43.06 13.80
C ASP A 208 12.65 -43.20 12.35
N THR A 209 11.95 -44.29 12.02
CA THR A 209 11.42 -44.47 10.68
C THR A 209 10.52 -43.29 10.26
N ASP A 210 10.87 -42.63 9.15
CA ASP A 210 10.08 -41.51 8.63
C ASP A 210 9.59 -41.77 7.22
N TYR A 211 9.10 -40.71 6.55
CA TYR A 211 8.53 -40.85 5.21
C TYR A 211 9.54 -41.38 4.20
N SER A 212 10.69 -40.72 4.09
CA SER A 212 11.64 -41.06 3.03
C SER A 212 12.24 -42.43 3.30
N ILE A 213 12.50 -42.76 4.56
CA ILE A 213 13.02 -44.08 4.90
C ILE A 213 12.00 -45.18 4.54
N ALA A 214 10.74 -44.98 4.90
CA ALA A 214 9.71 -45.98 4.63
C ALA A 214 9.52 -46.14 3.13
N GLU A 215 9.45 -45.01 2.44
CA GLU A 215 9.21 -45.04 1.01
C GLU A 215 10.32 -45.80 0.27
N ALA A 216 11.56 -45.46 0.62
CA ALA A 216 12.71 -46.09 0.01
C ALA A 216 12.70 -47.58 0.28
N ALA A 217 12.44 -47.97 1.51
CA ALA A 217 12.39 -49.39 1.87
C ALA A 217 11.37 -50.17 1.05
N PHE A 218 10.15 -49.65 0.92
CA PHE A 218 9.11 -50.37 0.18
C PHE A 218 9.35 -50.38 -1.33
N ASN A 219 9.79 -49.26 -1.87
CA ASN A 219 9.96 -49.16 -3.32
C ASN A 219 11.21 -49.89 -3.82
N LYS A 220 12.03 -50.36 -2.88
CA LYS A 220 13.22 -51.14 -3.24
C LYS A 220 13.07 -52.59 -2.77
N GLY A 221 11.87 -52.95 -2.31
CA GLY A 221 11.55 -54.33 -2.01
C GLY A 221 12.14 -54.89 -0.74
N GLU A 222 12.46 -54.01 0.21
CA GLU A 222 13.10 -54.44 1.46
C GLU A 222 12.09 -54.71 2.57
N THR A 223 10.90 -54.13 2.41
CA THR A 223 9.82 -54.33 3.38
C THR A 223 8.56 -54.71 2.62
N ALA A 224 7.72 -55.54 3.24
CA ALA A 224 6.59 -56.13 2.54
C ALA A 224 5.36 -55.23 2.51
N MET A 225 5.35 -54.21 3.38
CA MET A 225 4.18 -53.37 3.53
C MET A 225 4.57 -51.96 3.91
N THR A 226 3.76 -51.01 3.49
CA THR A 226 3.90 -49.66 3.99
C THR A 226 2.49 -49.09 4.16
N ILE A 227 2.39 -47.90 4.74
CA ILE A 227 1.08 -47.28 4.89
C ILE A 227 1.20 -45.90 4.29
N ASN A 228 0.37 -45.59 3.29
CA ASN A 228 0.49 -44.32 2.60
C ASN A 228 -0.75 -43.95 1.81
N GLY A 229 -0.78 -42.72 1.30
CA GLY A 229 -1.89 -42.22 0.54
C GLY A 229 -1.62 -42.24 -0.95
N PRO A 230 -2.62 -41.85 -1.75
CA PRO A 230 -2.64 -41.92 -3.21
C PRO A 230 -1.46 -41.21 -3.87
N TRP A 231 -0.99 -40.11 -3.27
CA TRP A 231 0.14 -39.36 -3.82
C TRP A 231 1.37 -40.27 -3.96
N ALA A 232 1.45 -41.27 -3.10
CA ALA A 232 2.62 -42.16 -3.06
C ALA A 232 2.68 -43.17 -4.22
N TRP A 233 1.55 -43.43 -4.89
CA TRP A 233 1.48 -44.51 -5.87
C TRP A 233 2.39 -44.27 -7.08
N SER A 234 2.56 -43.01 -7.48
CA SER A 234 3.44 -42.62 -8.61
C SER A 234 4.82 -43.25 -8.55
N ASN A 235 5.48 -43.03 -7.42
CA ASN A 235 6.85 -43.49 -7.24
C ASN A 235 6.96 -45.00 -7.20
N ILE A 236 5.93 -45.69 -6.68
CA ILE A 236 5.97 -47.14 -6.67
C ILE A 236 5.77 -47.70 -8.08
N ASP A 237 4.97 -47.01 -8.89
CA ASP A 237 4.77 -47.37 -10.29
C ASP A 237 6.10 -47.44 -11.03
N THR A 238 6.95 -46.45 -10.79
CA THR A 238 8.24 -46.38 -11.47
C THR A 238 9.21 -47.41 -10.87
N SER A 239 8.91 -47.89 -9.67
CA SER A 239 9.75 -48.91 -9.07
C SER A 239 9.41 -50.31 -9.63
N ALA A 240 10.20 -51.30 -9.24
CA ALA A 240 10.02 -52.65 -9.74
C ALA A 240 9.04 -53.45 -8.88
N VAL A 241 8.46 -52.80 -7.88
CA VAL A 241 7.57 -53.50 -6.98
C VAL A 241 6.18 -53.67 -7.59
N ASN A 242 5.70 -54.91 -7.60
CA ASN A 242 4.32 -55.18 -7.93
C ASN A 242 3.49 -55.03 -6.64
N TYR A 243 2.71 -53.97 -6.55
CA TYR A 243 2.05 -53.66 -5.28
C TYR A 243 0.52 -53.72 -5.36
N GLY A 244 -0.09 -53.99 -4.22
CA GLY A 244 -1.52 -53.90 -4.08
C GLY A 244 -1.87 -52.81 -3.09
N VAL A 245 -3.08 -52.27 -3.19
CA VAL A 245 -3.57 -51.28 -2.24
C VAL A 245 -4.83 -51.85 -1.58
N THR A 246 -4.89 -51.92 -0.26
CA THR A 246 -5.95 -52.71 0.38
C THR A 246 -6.36 -52.14 1.74
N VAL A 247 -7.33 -52.79 2.38
CA VAL A 247 -7.77 -52.43 3.71
C VAL A 247 -6.64 -52.39 4.75
N LEU A 248 -6.62 -51.38 5.59
CA LEU A 248 -5.71 -51.37 6.73
C LEU A 248 -6.05 -52.51 7.69
N PRO A 249 -5.04 -52.99 8.43
CA PRO A 249 -5.29 -54.11 9.35
C PRO A 249 -6.19 -53.71 10.51
N THR A 250 -6.92 -54.66 11.07
CA THR A 250 -7.74 -54.39 12.24
C THR A 250 -6.90 -54.46 13.51
N PHE A 251 -7.42 -53.88 14.58
CA PHE A 251 -6.81 -53.96 15.89
C PHE A 251 -7.90 -54.29 16.89
N LYS A 252 -7.70 -55.36 17.66
CA LYS A 252 -8.72 -55.87 18.57
C LYS A 252 -10.05 -56.05 17.84
N GLY A 253 -9.95 -56.46 16.58
CA GLY A 253 -11.12 -56.81 15.79
C GLY A 253 -11.80 -55.61 15.14
N GLN A 254 -11.31 -54.42 15.46
CA GLN A 254 -11.91 -53.17 15.00
C GLN A 254 -11.14 -52.62 13.80
N PRO A 255 -11.84 -52.09 12.80
CA PRO A 255 -11.09 -51.52 11.67
C PRO A 255 -10.15 -50.40 12.11
N SER A 256 -9.03 -50.27 11.40
CA SER A 256 -8.23 -49.07 11.55
C SER A 256 -9.06 -47.89 11.04
N LYS A 257 -8.95 -46.74 11.71
CA LYS A 257 -9.78 -45.59 11.37
C LYS A 257 -8.91 -44.37 11.02
N PRO A 258 -8.49 -44.27 9.75
CA PRO A 258 -7.64 -43.14 9.41
C PRO A 258 -8.46 -41.85 9.41
N PHE A 259 -7.81 -40.73 9.72
CA PHE A 259 -8.44 -39.44 9.53
C PHE A 259 -8.42 -39.09 8.04
N VAL A 260 -9.59 -38.85 7.51
CA VAL A 260 -9.79 -38.63 6.09
C VAL A 260 -9.61 -37.16 5.77
N GLY A 261 -8.78 -36.86 4.78
CA GLY A 261 -8.50 -35.49 4.40
C GLY A 261 -9.05 -35.24 3.03
N VAL A 262 -9.57 -34.03 2.83
CA VAL A 262 -9.99 -33.59 1.53
C VAL A 262 -8.99 -32.53 1.09
N LEU A 263 -8.17 -32.83 0.09
CA LEU A 263 -7.32 -31.80 -0.49
C LEU A 263 -8.23 -30.67 -0.95
N SER A 264 -7.91 -29.44 -0.53
CA SER A 264 -8.77 -28.28 -0.72
C SER A 264 -7.97 -27.06 -1.14
N ALA A 265 -8.64 -26.11 -1.81
CA ALA A 265 -7.97 -24.92 -2.29
C ALA A 265 -8.67 -23.67 -1.77
N GLY A 266 -7.98 -22.92 -0.93
CA GLY A 266 -8.54 -21.70 -0.37
C GLY A 266 -8.05 -20.46 -1.10
N ILE A 267 -8.86 -19.41 -1.09
CA ILE A 267 -8.45 -18.15 -1.72
C ILE A 267 -8.13 -17.12 -0.65
N ASN A 268 -6.93 -16.56 -0.73
CA ASN A 268 -6.45 -15.52 0.20
C ASN A 268 -7.38 -14.30 0.25
N ALA A 269 -7.89 -13.97 1.44
CA ALA A 269 -8.70 -12.76 1.66
C ALA A 269 -8.00 -11.50 1.16
N ALA A 270 -6.67 -11.51 1.19
CA ALA A 270 -5.90 -10.34 0.77
C ALA A 270 -5.53 -10.34 -0.71
N SER A 271 -5.88 -11.39 -1.45
CA SER A 271 -5.52 -11.42 -2.86
C SER A 271 -6.24 -10.32 -3.63
N PRO A 272 -5.49 -9.62 -4.49
CA PRO A 272 -6.08 -8.61 -5.38
C PRO A 272 -6.79 -9.24 -6.58
N ASN A 273 -6.80 -10.58 -6.64
CA ASN A 273 -7.33 -11.26 -7.82
C ASN A 273 -8.22 -12.43 -7.46
N LYS A 274 -9.15 -12.22 -6.53
CA LYS A 274 -10.02 -13.30 -6.04
C LYS A 274 -10.93 -13.90 -7.10
N GLU A 275 -11.45 -13.10 -8.02
CA GLU A 275 -12.33 -13.65 -9.05
C GLU A 275 -11.53 -14.48 -10.07
N LEU A 276 -10.34 -14.03 -10.44
CA LEU A 276 -9.49 -14.83 -11.33
C LEU A 276 -9.10 -16.15 -10.66
N ALA A 277 -8.85 -16.10 -9.36
CA ALA A 277 -8.61 -17.33 -8.60
C ALA A 277 -9.81 -18.30 -8.64
N LYS A 278 -11.03 -17.78 -8.48
CA LYS A 278 -12.24 -18.61 -8.62
C LYS A 278 -12.37 -19.21 -10.00
N GLU A 279 -12.07 -18.42 -11.03
CA GLU A 279 -12.12 -18.94 -12.41
C GLU A 279 -11.12 -20.07 -12.60
N PHE A 280 -9.89 -19.88 -12.12
CA PHE A 280 -8.89 -20.92 -12.25
C PHE A 280 -9.34 -22.20 -11.58
N LEU A 281 -9.81 -22.10 -10.35
CA LEU A 281 -10.19 -23.30 -9.59
C LEU A 281 -11.44 -23.95 -10.15
N GLU A 282 -12.50 -23.17 -10.40
CA GLU A 282 -13.74 -23.75 -10.93
C GLU A 282 -13.63 -24.24 -12.39
N ASN A 283 -13.04 -23.42 -13.27
CA ASN A 283 -13.21 -23.68 -14.69
C ASN A 283 -11.96 -24.19 -15.39
N TYR A 284 -10.88 -24.34 -14.65
CA TYR A 284 -9.65 -24.87 -15.21
C TYR A 284 -9.18 -26.09 -14.43
N LEU A 285 -9.06 -25.97 -13.12
CA LEU A 285 -8.64 -27.11 -12.33
C LEU A 285 -9.75 -28.15 -12.22
N LEU A 286 -10.96 -27.74 -11.82
CA LEU A 286 -12.01 -28.73 -11.51
C LEU A 286 -12.77 -29.11 -12.79
N THR A 287 -12.01 -29.67 -13.72
CA THR A 287 -12.47 -30.20 -15.01
C THR A 287 -11.79 -31.54 -15.15
N ASP A 288 -12.28 -32.41 -16.05
CA ASP A 288 -11.59 -33.69 -16.26
C ASP A 288 -10.14 -33.45 -16.63
N GLU A 289 -9.92 -32.51 -17.54
CA GLU A 289 -8.57 -32.25 -18.04
C GLU A 289 -7.64 -31.67 -16.98
N GLY A 290 -8.14 -30.75 -16.18
CA GLY A 290 -7.35 -30.15 -15.12
C GLY A 290 -6.95 -31.16 -14.07
N LEU A 291 -7.94 -31.89 -13.57
CA LEU A 291 -7.67 -32.91 -12.56
C LEU A 291 -6.79 -34.03 -13.10
N GLU A 292 -6.97 -34.40 -14.38
CA GLU A 292 -6.12 -35.42 -14.97
C GLU A 292 -4.64 -34.99 -15.03
N ALA A 293 -4.39 -33.73 -15.38
CA ALA A 293 -3.00 -33.22 -15.39
C ALA A 293 -2.35 -33.37 -14.01
N VAL A 294 -3.07 -32.99 -12.96
CA VAL A 294 -2.55 -33.12 -11.61
C VAL A 294 -2.45 -34.62 -11.24
N ASN A 295 -3.50 -35.37 -11.55
CA ASN A 295 -3.58 -36.77 -11.15
C ASN A 295 -2.51 -37.64 -11.82
N LYS A 296 -2.14 -37.30 -13.05
CA LYS A 296 -1.11 -38.07 -13.75
C LYS A 296 0.28 -37.74 -13.21
N ASP A 297 0.42 -36.58 -12.57
CA ASP A 297 1.68 -36.23 -11.94
C ASP A 297 1.79 -37.00 -10.61
N LYS A 298 0.91 -36.69 -9.65
CA LYS A 298 0.75 -37.51 -8.44
C LYS A 298 -0.74 -37.78 -8.24
N PRO A 299 -1.12 -39.05 -8.03
CA PRO A 299 -2.56 -39.35 -7.92
C PRO A 299 -3.24 -38.61 -6.76
N LEU A 300 -4.41 -38.05 -7.05
CA LEU A 300 -5.15 -37.24 -6.09
C LEU A 300 -5.93 -38.06 -5.07
N GLY A 301 -6.22 -39.31 -5.41
CA GLY A 301 -7.19 -40.08 -4.66
C GLY A 301 -8.55 -39.99 -5.34
N ALA A 302 -9.62 -40.07 -4.56
CA ALA A 302 -10.97 -40.09 -5.10
C ALA A 302 -11.46 -38.64 -5.28
N VAL A 303 -11.55 -38.19 -6.53
CA VAL A 303 -11.72 -36.74 -6.73
C VAL A 303 -13.14 -36.24 -6.47
N ALA A 304 -13.24 -34.94 -6.17
CA ALA A 304 -14.50 -34.36 -5.76
C ALA A 304 -15.42 -34.14 -6.96
N LEU A 305 -14.81 -33.99 -8.14
CA LEU A 305 -15.54 -33.79 -9.38
C LEU A 305 -16.18 -35.12 -9.85
N LYS A 306 -17.51 -35.17 -9.86
CA LYS A 306 -18.23 -36.42 -10.17
C LYS A 306 -17.83 -36.99 -11.53
N SER A 307 -17.75 -36.15 -12.55
CA SER A 307 -17.55 -36.69 -13.90
C SER A 307 -16.22 -37.43 -14.01
N TYR A 308 -15.17 -36.85 -13.45
CA TYR A 308 -13.87 -37.49 -13.50
C TYR A 308 -13.71 -38.61 -12.46
N GLU A 309 -14.33 -38.49 -11.30
CA GLU A 309 -14.31 -39.61 -10.34
C GLU A 309 -14.96 -40.89 -10.93
N GLU A 310 -16.03 -40.71 -11.69
CA GLU A 310 -16.66 -41.84 -12.37
C GLU A 310 -15.71 -42.58 -13.30
N GLU A 311 -14.76 -41.87 -13.90
CA GLU A 311 -13.74 -42.52 -14.71
C GLU A 311 -12.71 -43.21 -13.82
N LEU A 312 -12.35 -42.59 -12.72
CA LEU A 312 -11.35 -43.15 -11.82
C LEU A 312 -11.86 -44.32 -10.98
N ALA A 313 -13.18 -44.41 -10.79
CA ALA A 313 -13.75 -45.40 -9.85
C ALA A 313 -13.47 -46.87 -10.22
N LYS A 314 -13.14 -47.14 -11.48
CA LYS A 314 -12.87 -48.51 -11.94
C LYS A 314 -11.50 -49.01 -11.46
N ASP A 315 -10.67 -48.11 -10.96
CA ASP A 315 -9.36 -48.44 -10.40
C ASP A 315 -9.50 -49.06 -9.00
N PRO A 316 -9.02 -50.31 -8.80
CA PRO A 316 -9.17 -50.90 -7.47
C PRO A 316 -8.42 -50.13 -6.38
N ARG A 317 -7.40 -49.35 -6.73
CA ARG A 317 -6.70 -48.56 -5.72
C ARG A 317 -7.62 -47.44 -5.21
N ILE A 318 -8.51 -46.97 -6.07
CA ILE A 318 -9.47 -45.94 -5.68
C ILE A 318 -10.57 -46.55 -4.81
N ALA A 319 -11.04 -47.74 -5.19
CA ALA A 319 -12.01 -48.45 -4.35
C ALA A 319 -11.45 -48.72 -2.95
N ALA A 320 -10.18 -49.12 -2.88
CA ALA A 320 -9.51 -49.36 -1.59
C ALA A 320 -9.43 -48.07 -0.78
N THR A 321 -9.09 -46.98 -1.45
CA THR A 321 -9.03 -45.66 -0.80
C THR A 321 -10.38 -45.32 -0.15
N MET A 322 -11.45 -45.45 -0.91
CA MET A 322 -12.80 -45.20 -0.39
C MET A 322 -13.19 -46.17 0.73
N GLU A 323 -12.75 -47.44 0.63
CA GLU A 323 -13.02 -48.40 1.69
C GLU A 323 -12.39 -47.93 3.01
N ASN A 324 -11.11 -47.58 2.97
CA ASN A 324 -10.47 -47.11 4.18
C ASN A 324 -11.05 -45.78 4.67
N ALA A 325 -11.48 -44.94 3.73
CA ALA A 325 -12.09 -43.67 4.09
C ALA A 325 -13.39 -43.87 4.86
N GLN A 326 -14.20 -44.82 4.40
CA GLN A 326 -15.51 -45.06 5.01
C GLN A 326 -15.34 -45.66 6.41
N LYS A 327 -14.25 -46.41 6.62
CA LYS A 327 -13.96 -46.97 7.95
C LYS A 327 -13.33 -45.96 8.90
N GLY A 328 -12.78 -44.87 8.35
CA GLY A 328 -12.20 -43.82 9.16
C GLY A 328 -13.19 -42.69 9.38
N GLU A 329 -12.68 -41.50 9.72
CA GLU A 329 -13.49 -40.32 9.99
C GLU A 329 -12.97 -39.12 9.21
N ILE A 330 -13.88 -38.27 8.75
CA ILE A 330 -13.51 -37.01 8.13
C ILE A 330 -12.84 -36.15 9.20
N MET A 331 -11.72 -35.50 8.85
CA MET A 331 -11.10 -34.60 9.82
C MET A 331 -12.04 -33.44 10.15
N PRO A 332 -12.07 -33.07 11.42
CA PRO A 332 -12.68 -31.77 11.71
C PRO A 332 -11.88 -30.66 11.01
N ASN A 333 -12.52 -29.57 10.59
CA ASN A 333 -11.77 -28.40 10.08
C ASN A 333 -11.67 -27.26 11.10
N ILE A 334 -12.10 -27.51 12.33
CA ILE A 334 -12.19 -26.46 13.35
C ILE A 334 -10.79 -25.92 13.75
N PRO A 335 -10.73 -24.64 14.22
CA PRO A 335 -9.44 -24.01 14.57
C PRO A 335 -8.60 -24.84 15.53
N GLN A 336 -9.25 -25.61 16.40
CA GLN A 336 -8.54 -26.41 17.40
C GLN A 336 -7.82 -27.63 16.82
N MET A 337 -8.01 -27.93 15.55
CA MET A 337 -7.40 -29.16 15.02
C MET A 337 -5.88 -29.13 15.05
N SER A 338 -5.31 -27.94 14.84
CA SER A 338 -3.86 -27.78 14.87
C SER A 338 -3.32 -28.20 16.23
N ALA A 339 -4.03 -27.82 17.28
CA ALA A 339 -3.63 -28.12 18.65
C ALA A 339 -3.64 -29.62 18.88
N PHE A 340 -4.71 -30.26 18.43
CA PHE A 340 -4.84 -31.71 18.50
C PHE A 340 -3.65 -32.39 17.84
N TRP A 341 -3.33 -32.00 16.60
CA TRP A 341 -2.30 -32.70 15.83
C TRP A 341 -0.92 -32.53 16.49
N TYR A 342 -0.64 -31.32 16.96
CA TYR A 342 0.65 -31.03 17.59
C TYR A 342 0.79 -31.85 18.87
N ALA A 343 -0.30 -31.93 19.63
CA ALA A 343 -0.34 -32.70 20.87
C ALA A 343 -0.07 -34.19 20.62
N VAL A 344 -0.75 -34.76 19.64
CA VAL A 344 -0.63 -36.18 19.38
C VAL A 344 0.73 -36.49 18.77
N ARG A 345 1.26 -35.57 17.98
CA ARG A 345 2.60 -35.75 17.42
C ARG A 345 3.64 -35.96 18.53
N THR A 346 3.60 -35.07 19.51
CA THR A 346 4.52 -35.14 20.64
C THR A 346 4.30 -36.40 21.48
N ALA A 347 3.05 -36.77 21.69
CA ALA A 347 2.73 -37.93 22.52
C ALA A 347 3.29 -39.22 21.93
N VAL A 348 3.14 -39.40 20.61
CA VAL A 348 3.62 -40.62 19.99
C VAL A 348 5.16 -40.67 20.01
N ILE A 349 5.80 -39.57 19.66
CA ILE A 349 7.26 -39.50 19.69
C ILE A 349 7.81 -39.77 21.09
N ASN A 350 7.19 -39.18 22.11
CA ASN A 350 7.67 -39.37 23.47
C ASN A 350 7.40 -40.78 23.99
N ALA A 351 6.26 -41.34 23.63
CA ALA A 351 5.95 -42.73 24.02
C ALA A 351 6.87 -43.70 23.32
N ALA A 352 7.05 -43.50 22.01
CA ALA A 352 7.86 -44.40 21.19
C ALA A 352 9.33 -44.42 21.60
N SER A 353 9.83 -43.26 22.04
CA SER A 353 11.23 -43.13 22.42
C SER A 353 11.46 -43.50 23.89
N GLY A 354 10.42 -43.97 24.55
CA GLY A 354 10.50 -44.34 25.95
C GLY A 354 10.63 -43.19 26.92
N ARG A 355 10.53 -41.94 26.44
CA ARG A 355 10.63 -40.77 27.33
C ARG A 355 9.49 -40.72 28.34
N GLN A 356 8.28 -41.06 27.89
CA GLN A 356 7.13 -41.16 28.78
C GLN A 356 6.47 -42.51 28.59
N THR A 357 5.71 -42.94 29.59
CA THR A 357 4.82 -44.08 29.40
C THR A 357 3.73 -43.67 28.42
N VAL A 358 3.02 -44.66 27.89
CA VAL A 358 1.90 -44.37 27.02
C VAL A 358 0.88 -43.52 27.77
N ASP A 359 0.67 -43.85 29.04
CA ASP A 359 -0.34 -43.15 29.84
C ASP A 359 0.00 -41.67 30.05
N ALA A 360 1.25 -41.37 30.37
CA ALA A 360 1.63 -40.00 30.64
C ALA A 360 1.69 -39.17 29.36
N ALA A 361 2.15 -39.81 28.28
CA ALA A 361 2.20 -39.18 26.96
C ALA A 361 0.81 -38.75 26.52
N LEU A 362 -0.14 -39.68 26.61
CA LEU A 362 -1.51 -39.42 26.20
C LEU A 362 -2.24 -38.50 27.17
N ALA A 363 -1.94 -38.65 28.47
CA ALA A 363 -2.55 -37.76 29.47
C ALA A 363 -2.24 -36.30 29.15
N ALA A 364 -0.99 -36.04 28.76
CA ALA A 364 -0.55 -34.69 28.45
C ALA A 364 -1.15 -34.24 27.12
N ALA A 365 -1.19 -35.16 26.16
CA ALA A 365 -1.81 -34.87 24.88
C ALA A 365 -3.29 -34.49 25.05
N GLN A 366 -4.00 -35.19 25.93
CA GLN A 366 -5.40 -34.85 26.15
C GLN A 366 -5.56 -33.40 26.60
N THR A 367 -4.72 -32.99 27.54
CA THR A 367 -4.76 -31.61 28.04
C THR A 367 -4.40 -30.60 26.94
N ASN A 368 -3.30 -30.87 26.24
CA ASN A 368 -2.81 -29.99 25.19
C ASN A 368 -3.80 -29.80 24.04
N ALA A 369 -4.42 -30.90 23.62
CA ALA A 369 -5.39 -30.86 22.54
C ALA A 369 -6.53 -29.89 22.85
N ALA A 370 -6.87 -29.74 24.13
CA ALA A 370 -8.01 -28.94 24.52
C ALA A 370 -7.61 -27.54 25.00
N ALA A 371 -6.33 -27.21 24.86
CA ALA A 371 -5.79 -26.01 25.52
C ALA A 371 -5.57 -24.81 24.60
N SER A 372 -5.91 -24.90 23.32
CA SER A 372 -5.57 -23.79 22.41
C SER A 372 -6.15 -22.45 22.88
N ASN A 373 -7.40 -22.40 23.29
CA ASN A 373 -7.99 -21.12 23.64
C ASN A 373 -7.49 -20.58 24.98
N ILE A 374 -7.37 -21.44 25.99
CA ILE A 374 -6.81 -21.01 27.27
C ILE A 374 -5.36 -20.56 27.09
N ASN A 375 -4.63 -21.23 26.20
CA ASN A 375 -3.24 -20.85 25.93
C ASN A 375 -3.11 -19.44 25.36
N LYS A 376 -4.14 -18.98 24.64
CA LYS A 376 -4.14 -17.59 24.18
C LYS A 376 -4.27 -16.64 25.37
N ALA A 377 -5.13 -16.98 26.33
CA ALA A 377 -5.27 -16.15 27.53
C ALA A 377 -3.96 -16.07 28.33
N LYS A 378 -3.26 -17.19 28.44
CA LYS A 378 -2.01 -17.26 29.19
C LYS A 378 -0.94 -16.37 28.56
N VAL A 379 -0.82 -16.42 27.23
CA VAL A 379 0.06 -15.53 26.48
C VAL A 379 -0.28 -14.04 26.69
N ALA A 380 -1.56 -13.70 26.58
CA ALA A 380 -2.02 -12.32 26.82
C ALA A 380 -1.62 -11.80 28.21
N SER A 381 -1.70 -12.67 29.20
CA SER A 381 -1.33 -12.35 30.58
C SER A 381 0.16 -12.06 30.71
N VAL A 382 1.00 -12.90 30.12
CA VAL A 382 2.44 -12.72 30.21
C VAL A 382 2.84 -11.43 29.48
N GLU A 383 2.14 -11.13 28.40
CA GLU A 383 2.37 -9.90 27.66
C GLU A 383 2.02 -8.67 28.50
N SER A 384 0.94 -8.78 29.27
CA SER A 384 0.56 -7.72 30.20
C SER A 384 1.65 -7.52 31.24
N ASP A 385 2.08 -8.65 31.83
CA ASP A 385 3.09 -8.61 32.88
C ASP A 385 4.37 -8.00 32.34
N TYR A 386 4.81 -8.49 31.19
CA TYR A 386 6.04 -8.01 30.56
C TYR A 386 5.98 -6.51 30.30
N SER A 387 4.86 -6.07 29.74
CA SER A 387 4.65 -4.64 29.50
C SER A 387 4.81 -3.79 30.76
N SER A 388 4.10 -4.18 31.82
CA SER A 388 4.13 -3.51 33.11
C SER A 388 5.52 -3.42 33.67
N VAL A 389 6.23 -4.54 33.66
CA VAL A 389 7.57 -4.60 34.22
C VAL A 389 8.53 -3.79 33.36
N LYS A 390 8.38 -3.88 32.03
CA LYS A 390 9.22 -3.10 31.10
C LYS A 390 9.03 -1.59 31.34
N SER A 391 7.77 -1.16 31.43
CA SER A 391 7.47 0.24 31.68
C SER A 391 8.04 0.67 33.03
N ALA A 392 7.83 -0.16 34.05
CA ALA A 392 8.28 0.17 35.39
C ALA A 392 9.80 0.26 35.44
N ALA A 393 10.49 -0.64 34.75
CA ALA A 393 11.95 -0.65 34.75
C ALA A 393 12.50 0.58 34.04
N LEU A 394 11.84 0.98 32.97
CA LEU A 394 12.28 2.12 32.20
C LEU A 394 12.00 3.42 32.98
N SER A 395 10.90 3.45 33.72
CA SER A 395 10.59 4.61 34.57
C SER A 395 11.60 4.71 35.70
N TYR A 396 11.95 3.56 36.27
CA TYR A 396 12.94 3.50 37.34
C TYR A 396 14.30 4.02 36.87
N TYR A 397 14.73 3.55 35.71
CA TYR A 397 16.01 3.93 35.15
C TYR A 397 16.02 5.42 34.76
N SER A 398 14.88 5.90 34.24
CA SER A 398 14.70 7.33 33.97
C SER A 398 14.89 8.20 35.22
N ASP A 399 14.32 7.77 36.35
CA ASP A 399 14.39 8.52 37.61
C ASP A 399 15.77 8.49 38.25
N THR A 400 16.37 7.31 38.30
CA THR A 400 17.52 7.06 39.16
C THR A 400 18.87 6.99 38.43
N ASN A 401 18.83 6.82 37.11
CA ASN A 401 20.01 6.49 36.31
C ASN A 401 20.64 5.15 36.71
N LYS A 402 19.92 4.37 37.52
CA LYS A 402 20.35 3.03 37.92
C LYS A 402 19.49 1.94 37.28
N ILE A 403 20.09 0.79 37.05
CA ILE A 403 19.36 -0.32 36.47
C ILE A 403 18.73 -1.16 37.59
N PRO A 404 17.41 -1.39 37.50
CA PRO A 404 16.79 -2.16 38.58
C PRO A 404 17.06 -3.66 38.41
N VAL A 405 17.79 -4.24 39.36
CA VAL A 405 18.07 -5.68 39.34
C VAL A 405 17.63 -6.34 40.63
N THR A 406 17.18 -7.59 40.53
CA THR A 406 16.87 -8.38 41.71
C THR A 406 18.18 -8.58 42.46
N PRO A 407 18.21 -8.17 43.75
CA PRO A 407 19.42 -8.23 44.57
C PRO A 407 19.95 -9.65 44.75
N ASP A 408 21.24 -9.77 45.09
CA ASP A 408 21.87 -11.08 45.29
C ASP A 408 21.26 -11.79 46.50
N GLY A 409 20.87 -13.04 46.31
CA GLY A 409 20.32 -13.84 47.40
C GLY A 409 18.81 -13.75 47.57
N GLN A 410 18.19 -12.88 46.79
CA GLN A 410 16.74 -12.72 46.82
C GLN A 410 16.15 -13.10 45.46
N THR A 411 14.82 -13.15 45.35
CA THR A 411 14.17 -13.18 44.05
C THR A 411 12.96 -12.24 44.01
N GLY A 412 12.20 -12.31 42.92
CA GLY A 412 11.05 -11.45 42.76
C GLY A 412 11.36 -10.04 42.27
N LEU A 413 10.31 -9.26 42.14
CA LEU A 413 10.39 -7.97 41.48
C LEU A 413 10.31 -6.79 42.45
N SER A 414 10.65 -7.05 43.72
CA SER A 414 10.50 -6.06 44.79
C SER A 414 11.20 -4.72 44.52
N VAL A 415 12.28 -4.72 43.75
CA VAL A 415 12.96 -3.45 43.47
C VAL A 415 12.07 -2.48 42.68
N LEU A 416 11.08 -3.01 41.96
CA LEU A 416 10.15 -2.20 41.18
C LEU A 416 8.81 -1.95 41.88
N GLU A 417 8.70 -2.38 43.13
CA GLU A 417 7.49 -2.24 43.94
C GLU A 417 6.80 -0.89 43.80
N THR A 418 7.62 0.15 43.94
CA THR A 418 7.24 1.54 43.87
C THR A 418 6.70 1.99 42.50
N TYR A 419 7.04 1.22 41.46
CA TYR A 419 6.74 1.60 40.07
C TYR A 419 5.60 0.79 39.46
N MET A 420 5.03 -0.13 40.24
CA MET A 420 4.01 -1.01 39.71
C MET A 420 2.75 -1.00 40.55
N GLU A 421 1.63 -1.18 39.87
CA GLU A 421 0.35 -1.22 40.53
C GLU A 421 0.25 -2.41 41.44
N SER A 422 0.79 -3.53 40.96
CA SER A 422 0.79 -4.78 41.68
C SER A 422 2.06 -5.52 41.32
N LEU A 423 2.60 -6.30 42.24
CA LEU A 423 3.86 -7.00 41.97
C LEU A 423 3.61 -8.40 41.38
N PRO A 424 3.95 -8.60 40.10
CA PRO A 424 3.86 -9.94 39.50
C PRO A 424 4.79 -10.91 40.21
N ASP A 425 4.39 -12.17 40.30
CA ASP A 425 5.20 -13.15 41.01
C ASP A 425 5.64 -14.25 40.06
N LYS A 426 4.66 -14.92 39.47
CA LYS A 426 4.89 -16.01 38.54
C LYS A 426 4.11 -15.76 37.26
N ALA A 427 4.65 -16.19 36.13
CA ALA A 427 3.99 -15.98 34.85
C ALA A 427 2.87 -16.98 34.66
N ASP A 428 1.82 -16.54 33.97
CA ASP A 428 0.71 -17.42 33.63
C ASP A 428 1.15 -18.61 32.75
N ILE A 429 2.33 -18.52 32.15
CA ILE A 429 2.87 -19.65 31.38
C ILE A 429 3.79 -20.48 32.28
N GLY A 430 3.80 -20.13 33.57
CA GLY A 430 4.66 -20.81 34.53
C GLY A 430 5.97 -20.10 34.71
N GLY A 431 6.55 -20.17 35.91
CA GLY A 431 7.87 -19.61 36.14
C GLY A 431 7.86 -18.31 36.93
N LYS A 432 8.72 -18.26 37.93
CA LYS A 432 8.91 -17.08 38.76
C LYS A 432 9.70 -15.97 38.06
N TYR A 433 9.22 -14.73 38.20
CA TYR A 433 9.90 -13.58 37.57
C TYR A 433 11.14 -13.11 38.34
N LYS A 434 12.17 -12.74 37.61
CA LYS A 434 13.42 -12.25 38.19
C LYS A 434 14.11 -11.24 37.26
N LEU A 435 14.73 -10.22 37.84
CA LEU A 435 15.48 -9.23 37.05
C LEU A 435 16.98 -9.49 37.09
N ILE A 436 17.58 -9.71 35.94
CA ILE A 436 19.01 -9.97 35.86
C ILE A 436 19.71 -9.10 34.83
N LYS A 437 21.01 -8.88 35.03
CA LYS A 437 21.82 -8.22 34.03
C LYS A 437 22.54 -9.25 33.17
N VAL A 438 22.46 -9.06 31.86
CA VAL A 438 23.19 -9.90 30.91
C VAL A 438 24.01 -8.97 30.04
N GLY A 439 25.32 -8.94 30.25
CA GLY A 439 26.15 -7.93 29.63
C GLY A 439 25.67 -6.57 30.08
N ASN A 440 25.33 -5.70 29.13
CA ASN A 440 24.82 -4.37 29.44
C ASN A 440 23.33 -4.26 29.14
N LYS A 441 22.63 -5.39 29.30
CA LYS A 441 21.19 -5.46 29.11
C LYS A 441 20.50 -5.76 30.45
N LEU A 442 19.30 -5.24 30.62
CA LEU A 442 18.42 -5.69 31.68
C LEU A 442 17.47 -6.72 31.09
N VAL A 443 17.33 -7.86 31.78
CA VAL A 443 16.58 -8.99 31.25
C VAL A 443 15.56 -9.48 32.27
N LEU A 444 14.34 -9.75 31.81
CA LEU A 444 13.37 -10.39 32.67
C LEU A 444 13.52 -11.92 32.53
N GLN A 445 13.99 -12.57 33.59
CA GLN A 445 14.05 -14.03 33.60
C GLN A 445 12.73 -14.58 34.09
N ILE A 446 12.15 -15.51 33.34
CA ILE A 446 10.92 -16.17 33.76
C ILE A 446 11.18 -17.64 34.02
N GLY A 447 11.16 -18.02 35.29
CA GLY A 447 11.40 -19.40 35.66
C GLY A 447 12.80 -19.67 36.17
N THR A 448 12.98 -20.89 36.69
CA THR A 448 14.27 -21.39 37.10
C THR A 448 14.44 -22.75 36.47
N ASN A 449 15.65 -23.30 36.55
CA ASN A 449 15.96 -24.58 35.94
C ASN A 449 14.91 -25.66 36.23
N ASP A 450 14.55 -25.80 37.49
CA ASP A 450 13.60 -26.83 37.91
C ASP A 450 12.14 -26.48 37.57
N GLU A 451 11.84 -25.18 37.50
CA GLU A 451 10.48 -24.70 37.35
C GLU A 451 10.37 -23.59 36.30
N GLY A 452 10.13 -23.95 35.05
CA GLY A 452 10.13 -22.98 33.98
C GLY A 452 8.79 -22.70 33.32
N VAL A 453 8.85 -22.12 32.13
CA VAL A 453 7.66 -21.84 31.35
C VAL A 453 7.33 -23.06 30.49
N THR A 454 6.08 -23.15 30.04
CA THR A 454 5.69 -24.09 29.00
C THR A 454 4.96 -23.34 27.89
N LEU A 455 5.42 -23.56 26.66
CA LEU A 455 4.81 -22.93 25.50
C LEU A 455 4.58 -23.93 24.36
N THR A 456 3.37 -23.91 23.83
CA THR A 456 3.07 -24.62 22.60
C THR A 456 3.64 -23.87 21.41
N GLU A 457 3.62 -24.51 20.25
CA GLU A 457 4.03 -23.91 19.00
C GLU A 457 3.27 -22.60 18.77
N ALA A 458 1.96 -22.66 19.00
CA ALA A 458 1.11 -21.52 18.74
C ALA A 458 1.37 -20.36 19.72
N GLN A 459 1.66 -20.68 20.98
CA GLN A 459 1.90 -19.63 21.99
C GLN A 459 3.15 -18.83 21.66
N SER A 460 4.23 -19.54 21.31
CA SER A 460 5.49 -18.91 20.92
C SER A 460 5.33 -18.02 19.71
N ALA A 461 4.55 -18.48 18.74
CA ALA A 461 4.24 -17.66 17.58
C ALA A 461 3.51 -16.39 18.02
N LYS A 462 2.51 -16.54 18.87
CA LYS A 462 1.74 -15.38 19.36
C LYS A 462 2.63 -14.43 20.16
N LEU A 463 3.45 -14.99 21.03
CA LEU A 463 4.33 -14.20 21.88
C LEU A 463 5.27 -13.34 21.03
N LEU A 464 5.79 -13.92 19.97
CA LEU A 464 6.73 -13.23 19.10
C LEU A 464 6.09 -12.16 18.24
N SER A 465 4.91 -12.46 17.70
CA SER A 465 4.13 -11.49 16.94
C SER A 465 3.89 -10.21 17.74
N ASP A 466 3.65 -10.36 19.03
CA ASP A 466 3.23 -9.25 19.88
C ASP A 466 4.38 -8.49 20.51
N ILE A 467 5.44 -9.20 20.88
CA ILE A 467 6.55 -8.57 21.59
C ILE A 467 7.66 -8.15 20.61
N GLY A 468 7.79 -8.89 19.52
CA GLY A 468 8.74 -8.56 18.47
C GLY A 468 9.96 -9.46 18.49
N GLU A 469 10.83 -9.30 17.49
CA GLU A 469 12.07 -10.08 17.40
C GLU A 469 13.19 -9.46 18.22
N ASN A 470 14.22 -10.27 18.46
CA ASN A 470 15.41 -9.89 19.22
C ASN A 470 15.09 -9.46 20.63
N LYS A 471 14.03 -10.05 21.20
CA LYS A 471 13.67 -9.82 22.61
C LYS A 471 13.64 -11.12 23.44
N ILE A 472 13.13 -12.20 22.86
CA ILE A 472 12.82 -13.43 23.61
C ILE A 472 13.84 -14.54 23.35
N TYR A 473 14.45 -15.04 24.43
CA TYR A 473 15.55 -15.98 24.32
C TYR A 473 15.35 -17.15 25.28
N THR A 474 15.87 -18.31 24.89
CA THR A 474 15.77 -19.51 25.71
C THR A 474 17.06 -19.79 26.46
N SER A 475 18.09 -18.99 26.19
CA SER A 475 19.35 -19.15 26.93
C SER A 475 20.13 -17.83 26.99
N VAL A 476 20.88 -17.69 28.07
CA VAL A 476 21.81 -16.58 28.21
C VAL A 476 23.16 -17.11 28.62
N THR A 477 24.22 -16.36 28.30
CA THR A 477 25.49 -16.55 28.96
C THR A 477 25.47 -15.62 30.17
N ALA A 478 26.62 -15.07 30.54
CA ALA A 478 26.66 -14.03 31.56
C ALA A 478 26.98 -12.69 30.90
N ASP A 479 27.32 -12.74 29.61
CA ASP A 479 27.63 -11.54 28.85
C ASP A 479 26.74 -11.35 27.62
N ASN A 480 26.10 -12.41 27.15
CA ASN A 480 25.19 -12.27 26.01
C ASN A 480 23.93 -13.12 26.08
N LEU A 481 22.94 -12.70 25.29
CA LEU A 481 21.73 -13.47 25.06
C LEU A 481 22.03 -14.60 24.09
N GLY A 482 21.46 -15.78 24.32
CA GLY A 482 21.75 -16.93 23.49
C GLY A 482 20.73 -17.29 22.43
N ASN A 483 20.06 -18.42 22.61
CA ASN A 483 19.15 -18.99 21.61
C ASN A 483 17.78 -18.31 21.58
N PRO A 484 17.48 -17.59 20.50
CA PRO A 484 16.19 -16.89 20.42
C PRO A 484 15.00 -17.83 20.26
N LEU A 485 13.87 -17.48 20.88
CA LEU A 485 12.62 -18.18 20.63
C LEU A 485 12.19 -17.96 19.18
N THR A 486 11.78 -19.03 18.50
CA THR A 486 11.24 -18.89 17.14
C THR A 486 9.77 -19.31 17.09
N SER A 487 9.05 -18.87 16.06
CA SER A 487 7.62 -19.18 15.92
C SER A 487 7.38 -20.69 15.92
N ASN A 488 8.39 -21.42 15.47
CA ASN A 488 8.40 -22.87 15.59
C ASN A 488 8.33 -23.33 17.04
N THR A 489 9.40 -23.06 17.79
CA THR A 489 9.69 -23.74 19.07
C THR A 489 8.55 -24.02 20.05
N LYS A 490 8.58 -25.28 20.51
CA LYS A 490 7.89 -25.73 21.70
C LYS A 490 8.83 -25.44 22.86
N VAL A 491 8.28 -25.06 24.01
CA VAL A 491 9.08 -24.95 25.23
C VAL A 491 8.41 -25.77 26.32
N ASP A 492 9.18 -26.59 27.00
CA ASP A 492 8.62 -27.53 27.97
C ASP A 492 9.37 -27.45 29.30
N ASN A 493 8.82 -26.68 30.23
CA ASN A 493 9.38 -26.49 31.57
C ASN A 493 10.83 -25.99 31.56
N LYS A 494 11.07 -24.93 30.78
CA LYS A 494 12.40 -24.34 30.65
C LYS A 494 12.35 -22.84 30.93
N VAL A 495 13.49 -22.29 31.33
CA VAL A 495 13.60 -20.86 31.61
C VAL A 495 13.41 -20.05 30.32
N LEU A 496 12.76 -18.90 30.42
CA LEU A 496 12.64 -17.98 29.29
C LEU A 496 13.23 -16.64 29.68
N TYR A 497 13.80 -15.93 28.71
CA TYR A 497 14.37 -14.60 28.93
C TYR A 497 13.76 -13.60 27.97
N ILE A 498 13.33 -12.45 28.48
CA ILE A 498 12.86 -11.36 27.62
C ILE A 498 13.61 -10.07 27.97
N VAL A 499 14.22 -9.45 26.96
CA VAL A 499 15.00 -8.23 27.16
C VAL A 499 14.09 -7.08 27.59
N LEU A 500 14.48 -6.37 28.64
CA LEU A 500 13.74 -5.21 29.10
C LEU A 500 14.40 -3.95 28.58
N ILE A 501 15.71 -3.86 28.77
CA ILE A 501 16.48 -2.68 28.38
C ILE A 501 17.74 -3.11 27.63
N ASP A 502 17.86 -2.69 26.39
CA ASP A 502 18.92 -3.16 25.48
C ASP A 502 20.32 -2.75 25.89
N ASN A 503 20.44 -1.54 26.41
CA ASN A 503 21.74 -0.97 26.71
C ASN A 503 21.73 0.00 27.88
N THR A 504 22.63 -0.23 28.82
CA THR A 504 22.96 0.75 29.85
C THR A 504 24.36 1.31 29.59
N VAL A 505 24.46 2.55 29.14
CA VAL A 505 25.76 3.14 28.85
C VAL A 505 26.55 3.40 30.13
N MET B 1 -24.27 44.06 34.01
CA MET B 1 -22.91 44.06 34.55
C MET B 1 -22.21 42.76 34.20
N LYS B 2 -20.88 42.84 34.07
CA LYS B 2 -20.07 41.66 33.74
C LYS B 2 -18.74 41.71 34.49
N ILE B 3 -18.07 40.58 34.59
CA ILE B 3 -16.79 40.54 35.28
C ILE B 3 -15.64 40.23 34.35
N GLU B 4 -14.46 40.69 34.76
CA GLU B 4 -13.22 40.17 34.21
C GLU B 4 -12.45 39.45 35.30
N GLU B 5 -11.43 38.72 34.88
CA GLU B 5 -10.58 37.95 35.78
C GLU B 5 -11.38 36.85 36.48
N GLY B 6 -12.47 36.40 35.86
CA GLY B 6 -13.28 35.33 36.42
C GLY B 6 -13.25 34.04 35.61
N LYS B 7 -12.25 33.92 34.75
CA LYS B 7 -12.07 32.72 33.93
C LYS B 7 -10.61 32.34 33.78
N LEU B 8 -10.38 31.05 33.51
CA LEU B 8 -9.09 30.57 33.09
C LEU B 8 -9.14 30.27 31.60
N VAL B 9 -8.21 30.84 30.84
CA VAL B 9 -8.07 30.51 29.44
C VAL B 9 -6.87 29.61 29.26
N ILE B 10 -7.05 28.52 28.52
CA ILE B 10 -6.00 27.50 28.35
C ILE B 10 -5.68 27.28 26.88
N TRP B 11 -4.39 27.25 26.55
CA TRP B 11 -3.97 26.94 25.19
C TRP B 11 -3.33 25.56 25.18
N ILE B 12 -3.73 24.72 24.23
CA ILE B 12 -3.09 23.43 24.03
C ILE B 12 -3.09 23.12 22.54
N ASN B 13 -2.10 22.38 22.05
CA ASN B 13 -1.97 22.17 20.63
C ASN B 13 -3.05 21.26 20.04
N GLY B 14 -3.40 21.52 18.78
CA GLY B 14 -4.53 20.89 18.15
C GLY B 14 -4.48 19.38 17.96
N ASP B 15 -3.30 18.77 18.18
CA ASP B 15 -3.16 17.31 18.04
C ASP B 15 -3.32 16.58 19.37
N LYS B 16 -3.56 17.33 20.44
CA LYS B 16 -3.75 16.76 21.76
C LYS B 16 -5.24 16.72 22.11
N GLY B 17 -5.57 16.11 23.25
CA GLY B 17 -6.96 15.88 23.62
C GLY B 17 -7.66 17.09 24.23
N TYR B 18 -7.83 18.15 23.45
CA TYR B 18 -8.40 19.36 24.02
C TYR B 18 -9.86 19.19 24.42
N ASN B 19 -10.61 18.32 23.74
CA ASN B 19 -12.00 18.09 24.17
C ASN B 19 -12.04 17.38 25.54
N GLY B 20 -11.17 16.41 25.72
CA GLY B 20 -11.04 15.76 27.02
C GLY B 20 -10.64 16.77 28.09
N LEU B 21 -9.72 17.66 27.75
CA LEU B 21 -9.27 18.70 28.68
C LEU B 21 -10.42 19.64 29.04
N ALA B 22 -11.31 19.91 28.08
CA ALA B 22 -12.45 20.79 28.33
C ALA B 22 -13.42 20.17 29.34
N GLU B 23 -13.50 18.83 29.36
CA GLU B 23 -14.29 18.12 30.36
CA GLU B 23 -14.31 18.15 30.36
C GLU B 23 -13.76 18.40 31.76
N VAL B 24 -12.43 18.39 31.89
CA VAL B 24 -11.82 18.70 33.18
C VAL B 24 -12.19 20.13 33.57
N GLY B 25 -12.16 21.03 32.59
CA GLY B 25 -12.49 22.43 32.82
C GLY B 25 -13.92 22.64 33.28
N LYS B 26 -14.83 21.83 32.76
CA LYS B 26 -16.23 21.90 33.18
C LYS B 26 -16.39 21.50 34.64
N LYS B 27 -15.69 20.46 35.06
CA LYS B 27 -15.75 20.04 36.45
C LYS B 27 -15.16 21.12 37.37
N PHE B 28 -14.07 21.75 36.93
CA PHE B 28 -13.47 22.85 37.69
C PHE B 28 -14.47 23.99 37.83
N GLU B 29 -15.14 24.34 36.73
CA GLU B 29 -16.16 25.39 36.78
C GLU B 29 -17.30 25.07 37.76
N LYS B 30 -17.79 23.84 37.71
CA LYS B 30 -18.88 23.40 38.57
C LYS B 30 -18.51 23.53 40.05
N ASP B 31 -17.27 23.21 40.38
CA ASP B 31 -16.79 23.32 41.75
C ASP B 31 -16.47 24.75 42.22
N THR B 32 -15.85 25.55 41.35
CA THR B 32 -15.28 26.83 41.79
C THR B 32 -16.07 28.03 41.33
N GLY B 33 -16.87 27.86 40.29
CA GLY B 33 -17.60 28.97 39.72
C GLY B 33 -16.74 29.72 38.71
N ILE B 34 -15.56 29.18 38.42
CA ILE B 34 -14.67 29.83 37.49
C ILE B 34 -14.64 29.13 36.15
N LYS B 35 -14.97 29.89 35.11
CA LYS B 35 -15.11 29.34 33.76
C LYS B 35 -13.75 28.94 33.22
N VAL B 36 -13.72 27.84 32.47
CA VAL B 36 -12.49 27.39 31.84
C VAL B 36 -12.71 27.29 30.34
N THR B 37 -11.94 28.07 29.57
CA THR B 37 -12.06 28.02 28.12
C THR B 37 -10.80 27.43 27.50
N VAL B 38 -10.94 26.29 26.85
CA VAL B 38 -9.83 25.62 26.19
C VAL B 38 -9.77 26.01 24.72
N GLU B 39 -8.61 26.47 24.27
CA GLU B 39 -8.42 26.83 22.87
C GLU B 39 -7.21 26.11 22.31
N HIS B 40 -7.21 25.89 20.99
CA HIS B 40 -6.06 25.30 20.33
C HIS B 40 -5.67 26.15 19.13
N PRO B 41 -5.12 27.35 19.39
CA PRO B 41 -4.73 28.23 18.29
C PRO B 41 -3.65 27.62 17.42
N ASP B 42 -3.62 27.99 16.15
CA ASP B 42 -2.47 27.69 15.30
C ASP B 42 -1.24 28.43 15.81
N LYS B 43 -0.10 27.76 15.79
CA LYS B 43 1.18 28.34 16.18
C LYS B 43 1.14 28.98 17.57
N LEU B 44 0.45 28.35 18.52
CA LEU B 44 0.29 28.92 19.85
C LEU B 44 1.64 29.13 20.54
N GLU B 45 2.62 28.28 20.23
CA GLU B 45 3.92 28.40 20.88
C GLU B 45 4.69 29.65 20.42
N GLU B 46 4.39 30.14 19.21
CA GLU B 46 4.97 31.40 18.72
C GLU B 46 4.14 32.59 19.14
N LYS B 47 2.83 32.40 19.23
CA LYS B 47 1.95 33.51 19.58
C LYS B 47 2.12 33.88 21.05
N PHE B 48 2.43 32.90 21.90
CA PHE B 48 2.37 33.15 23.33
C PHE B 48 3.32 34.27 23.73
N PRO B 49 4.59 34.25 23.27
CA PRO B 49 5.41 35.38 23.73
C PRO B 49 5.03 36.75 23.14
N GLN B 50 4.25 36.75 22.06
CA GLN B 50 3.81 37.98 21.41
C GLN B 50 2.62 38.61 22.13
N VAL B 51 1.82 37.79 22.78
CA VAL B 51 0.47 38.15 23.15
C VAL B 51 0.16 37.85 24.62
N ALA B 52 1.16 37.33 25.34
CA ALA B 52 0.97 36.85 26.72
C ALA B 52 0.31 37.86 27.66
N ALA B 53 0.65 39.14 27.51
CA ALA B 53 0.12 40.15 28.42
C ALA B 53 -0.98 41.02 27.80
N THR B 54 -1.49 40.65 26.63
CA THR B 54 -2.54 41.44 26.00
C THR B 54 -3.92 41.30 26.66
N GLY B 55 -4.22 40.11 27.17
CA GLY B 55 -5.55 39.81 27.68
C GLY B 55 -6.22 38.83 26.73
N ASP B 56 -5.56 38.58 25.61
CA ASP B 56 -5.99 37.58 24.64
C ASP B 56 -5.20 36.28 24.81
N GLY B 57 -4.16 36.34 25.63
CA GLY B 57 -3.33 35.17 25.88
C GLY B 57 -3.94 34.25 26.92
N PRO B 58 -3.37 33.06 27.07
CA PRO B 58 -3.87 32.06 28.00
C PRO B 58 -3.34 32.26 29.42
N ASP B 59 -4.11 31.88 30.43
CA ASP B 59 -3.59 31.79 31.78
C ASP B 59 -2.65 30.60 31.90
N ILE B 60 -2.96 29.54 31.17
CA ILE B 60 -2.18 28.29 31.21
C ILE B 60 -1.79 27.90 29.80
N ILE B 61 -0.51 27.64 29.57
CA ILE B 61 -0.09 27.23 28.24
C ILE B 61 0.54 25.83 28.25
N PHE B 62 0.03 24.97 27.37
CA PHE B 62 0.53 23.60 27.21
C PHE B 62 1.42 23.49 26.00
N TRP B 63 2.60 22.91 26.17
CA TRP B 63 3.49 22.57 25.07
C TRP B 63 4.52 21.58 25.60
N ALA B 64 5.25 20.91 24.73
CA ALA B 64 6.41 20.16 25.20
C ALA B 64 7.33 21.13 25.95
N HIS B 65 8.05 20.62 26.94
CA HIS B 65 8.86 21.43 27.84
C HIS B 65 10.00 22.22 27.20
N ASP B 66 10.38 21.85 25.97
CA ASP B 66 11.53 22.46 25.32
C ASP B 66 11.33 23.97 25.10
N ARG B 67 10.08 24.39 24.93
CA ARG B 67 9.78 25.81 24.75
C ARG B 67 9.86 26.70 26.00
N PHE B 68 9.88 26.08 27.18
CA PHE B 68 9.58 26.85 28.40
C PHE B 68 10.73 27.67 28.98
N GLY B 69 11.98 27.26 28.78
CA GLY B 69 13.10 28.06 29.27
C GLY B 69 13.16 29.44 28.61
N GLY B 70 12.86 29.50 27.31
CA GLY B 70 12.78 30.76 26.59
C GLY B 70 11.68 31.68 27.12
N TYR B 71 10.52 31.10 27.38
CA TYR B 71 9.44 31.85 28.01
C TYR B 71 9.90 32.35 29.37
N ALA B 72 10.59 31.49 30.11
CA ALA B 72 11.06 31.83 31.45
C ALA B 72 12.06 32.98 31.44
N GLN B 73 13.05 32.88 30.55
CA GLN B 73 14.08 33.91 30.41
C GLN B 73 13.42 35.24 30.07
N SER B 74 12.31 35.18 29.34
CA SER B 74 11.60 36.40 28.93
C SER B 74 10.63 36.88 30.00
N GLY B 75 10.63 36.25 31.17
CA GLY B 75 9.75 36.67 32.26
C GLY B 75 8.26 36.37 32.04
N LEU B 76 7.95 35.45 31.14
CA LEU B 76 6.55 35.18 30.79
C LEU B 76 5.87 34.17 31.71
N LEU B 77 6.64 33.52 32.57
CA LEU B 77 6.10 32.42 33.37
C LEU B 77 6.19 32.67 34.88
N ALA B 78 5.10 32.36 35.58
CA ALA B 78 5.12 32.25 37.04
C ALA B 78 5.94 31.04 37.48
N GLU B 79 6.70 31.21 38.57
CA GLU B 79 7.41 30.09 39.15
C GLU B 79 6.40 29.11 39.74
N ILE B 80 6.69 27.82 39.59
CA ILE B 80 5.86 26.75 40.10
C ILE B 80 6.44 26.33 41.45
N THR B 81 5.61 26.29 42.49
CA THR B 81 6.09 25.89 43.82
C THR B 81 5.15 24.91 44.52
N PRO B 82 5.05 23.69 44.00
CA PRO B 82 4.11 22.77 44.66
C PRO B 82 4.68 22.27 45.99
N ALA B 83 3.79 21.91 46.90
CA ALA B 83 4.20 21.27 48.13
C ALA B 83 4.93 19.95 47.85
N ALA B 84 5.74 19.52 48.80
CA ALA B 84 6.50 18.27 48.70
C ALA B 84 5.62 17.08 48.35
N ALA B 85 4.47 16.98 49.01
CA ALA B 85 3.56 15.86 48.81
C ALA B 85 3.02 15.82 47.39
N PHE B 86 2.79 16.98 46.77
CA PHE B 86 2.33 16.95 45.39
C PHE B 86 3.47 16.56 44.46
N GLN B 87 4.67 17.09 44.70
CA GLN B 87 5.82 16.69 43.88
C GLN B 87 6.05 15.17 43.92
N ASP B 88 5.79 14.56 45.06
CA ASP B 88 5.94 13.10 45.20
C ASP B 88 4.96 12.31 44.33
N LYS B 89 3.91 12.95 43.87
CA LYS B 89 2.92 12.28 43.00
C LYS B 89 3.43 12.08 41.59
N LEU B 90 4.47 12.81 41.20
CA LEU B 90 4.94 12.81 39.81
C LEU B 90 6.36 12.26 39.73
N TYR B 91 6.69 11.59 38.62
CA TYR B 91 8.04 11.06 38.45
C TYR B 91 9.07 12.19 38.51
N PRO B 92 10.14 11.99 39.32
CA PRO B 92 11.27 12.91 39.35
C PRO B 92 11.82 13.22 37.95
N PHE B 93 11.89 12.22 37.07
CA PHE B 93 12.32 12.43 35.68
C PHE B 93 11.54 13.57 34.99
N THR B 94 10.26 13.67 35.29
CA THR B 94 9.40 14.63 34.59
C THR B 94 9.56 16.03 35.22
N TRP B 95 9.76 16.09 36.54
CA TRP B 95 10.10 17.38 37.16
C TRP B 95 11.42 17.95 36.60
N ASP B 96 12.39 17.08 36.34
CA ASP B 96 13.67 17.49 35.78
C ASP B 96 13.51 18.25 34.46
N ALA B 97 12.55 17.82 33.64
CA ALA B 97 12.32 18.46 32.35
C ALA B 97 11.77 19.88 32.48
N VAL B 98 11.11 20.18 33.60
CA VAL B 98 10.51 21.50 33.77
C VAL B 98 11.22 22.36 34.82
N ARG B 99 12.47 22.01 35.13
CA ARG B 99 13.30 22.79 36.06
C ARG B 99 14.31 23.59 35.24
N TYR B 100 14.36 24.89 35.48
CA TYR B 100 15.19 25.81 34.72
C TYR B 100 15.92 26.72 35.71
N ASN B 101 17.25 26.62 35.74
CA ASN B 101 18.05 27.37 36.69
C ASN B 101 17.60 27.19 38.14
N GLY B 102 17.30 25.97 38.54
CA GLY B 102 16.95 25.68 39.92
C GLY B 102 15.49 25.92 40.26
N LYS B 103 14.72 26.40 39.29
CA LYS B 103 13.30 26.71 39.56
C LYS B 103 12.37 25.90 38.66
N LEU B 104 11.25 25.48 39.21
CA LEU B 104 10.24 24.82 38.39
C LEU B 104 9.44 25.89 37.68
N ILE B 105 9.28 25.72 36.37
CA ILE B 105 8.64 26.73 35.52
C ILE B 105 7.41 26.21 34.78
N ALA B 106 7.05 24.94 35.06
CA ALA B 106 5.83 24.36 34.52
C ALA B 106 5.44 23.10 35.29
N TYR B 107 4.24 22.61 35.07
CA TYR B 107 3.81 21.29 35.58
C TYR B 107 3.98 20.27 34.48
N PRO B 108 4.69 19.16 34.75
CA PRO B 108 4.81 18.13 33.71
C PRO B 108 3.55 17.27 33.67
N ILE B 109 3.16 16.84 32.48
CA ILE B 109 1.93 16.06 32.32
C ILE B 109 2.20 14.63 31.83
N ALA B 110 3.02 14.49 30.79
CA ALA B 110 3.21 13.19 30.14
C ALA B 110 4.48 13.15 29.30
N VAL B 111 5.11 11.98 29.28
CA VAL B 111 6.31 11.76 28.47
C VAL B 111 5.95 11.31 27.05
N GLU B 112 6.46 12.05 26.06
CA GLU B 112 6.24 11.77 24.64
C GLU B 112 7.51 11.29 23.97
N ALA B 113 7.43 10.16 23.27
CA ALA B 113 8.53 9.75 22.39
C ALA B 113 7.94 9.20 21.11
N LEU B 114 8.61 9.44 19.99
CA LEU B 114 8.23 8.82 18.73
C LEU B 114 8.51 7.32 18.75
N SER B 115 7.65 6.53 18.12
CA SER B 115 7.90 5.10 17.92
C SER B 115 7.66 4.73 16.48
N LEU B 116 8.14 3.55 16.09
CA LEU B 116 7.80 3.00 14.80
C LEU B 116 6.42 2.38 14.92
N ILE B 117 5.49 2.86 14.11
CA ILE B 117 4.15 2.29 14.06
C ILE B 117 4.04 1.53 12.73
N TYR B 118 3.54 0.29 12.80
CA TYR B 118 3.55 -0.57 11.63
C TYR B 118 2.25 -1.38 11.45
N ASN B 119 1.91 -1.67 10.19
CA ASN B 119 0.74 -2.47 9.86
C ASN B 119 1.11 -3.95 10.00
N LYS B 120 0.51 -4.61 10.99
CA LYS B 120 0.88 -5.99 11.37
C LYS B 120 0.51 -7.03 10.30
N ASP B 121 -0.54 -6.76 9.55
CA ASP B 121 -0.95 -7.64 8.45
C ASP B 121 0.04 -7.50 7.29
N LEU B 122 0.39 -6.28 6.94
CA LEU B 122 1.29 -6.01 5.83
C LEU B 122 2.73 -6.36 6.15
N LEU B 123 3.12 -6.21 7.41
CA LEU B 123 4.53 -6.30 7.77
C LEU B 123 4.69 -6.85 9.19
N PRO B 124 4.48 -8.17 9.34
CA PRO B 124 4.43 -8.84 10.65
C PRO B 124 5.74 -8.70 11.40
N ASN B 125 6.85 -8.71 10.68
CA ASN B 125 8.17 -8.51 11.26
C ASN B 125 8.77 -7.20 10.80
N PRO B 126 8.50 -6.11 11.54
CA PRO B 126 8.99 -4.80 11.10
C PRO B 126 10.52 -4.77 11.03
N PRO B 127 11.10 -3.96 10.14
CA PRO B 127 12.55 -3.93 9.97
C PRO B 127 13.30 -3.41 11.21
N LYS B 128 14.38 -4.09 11.58
CA LYS B 128 15.22 -3.70 12.69
C LYS B 128 16.13 -2.53 12.32
N THR B 129 16.44 -2.38 11.03
CA THR B 129 17.40 -1.36 10.59
C THR B 129 16.83 -0.39 9.56
N TRP B 130 17.35 0.84 9.57
CA TRP B 130 17.03 1.81 8.53
C TRP B 130 17.57 1.32 7.19
N GLU B 131 18.78 0.76 7.23
CA GLU B 131 19.47 0.31 6.01
C GLU B 131 18.65 -0.63 5.15
N GLU B 132 17.78 -1.43 5.77
CA GLU B 132 17.04 -2.43 5.00
C GLU B 132 15.70 -1.90 4.46
N ILE B 133 15.36 -0.67 4.79
CA ILE B 133 14.09 -0.11 4.33
C ILE B 133 14.00 0.11 2.82
N PRO B 134 15.11 0.53 2.15
CA PRO B 134 14.93 0.69 0.70
C PRO B 134 14.57 -0.63 -0.01
N ALA B 135 15.22 -1.74 0.35
CA ALA B 135 14.89 -3.03 -0.26
C ALA B 135 13.48 -3.45 0.11
N LEU B 136 13.07 -3.15 1.35
CA LEU B 136 11.72 -3.45 1.79
C LEU B 136 10.69 -2.61 1.02
N ASP B 137 11.06 -1.38 0.70
CA ASP B 137 10.14 -0.52 -0.05
C ASP B 137 9.88 -1.10 -1.44
N LYS B 138 10.95 -1.44 -2.16
CA LYS B 138 10.82 -2.02 -3.49
C LYS B 138 9.96 -3.27 -3.49
N GLU B 139 10.14 -4.12 -2.49
CA GLU B 139 9.36 -5.35 -2.36
C GLU B 139 7.88 -5.04 -2.15
N LEU B 140 7.60 -4.04 -1.33
CA LEU B 140 6.23 -3.67 -1.02
C LEU B 140 5.58 -3.00 -2.22
N LYS B 141 6.40 -2.30 -3.01
CA LYS B 141 5.90 -1.62 -4.19
C LYS B 141 5.67 -2.61 -5.34
N ALA B 142 6.07 -3.86 -5.12
CA ALA B 142 5.59 -4.98 -5.94
C ALA B 142 4.24 -5.43 -5.38
N LYS B 143 3.49 -4.46 -4.90
CA LYS B 143 2.07 -4.59 -4.63
C LYS B 143 1.61 -3.15 -4.65
N GLY B 144 0.45 -2.86 -4.09
CA GLY B 144 0.02 -1.47 -4.06
C GLY B 144 0.60 -0.66 -2.93
N LYS B 145 1.66 -1.17 -2.29
CA LYS B 145 2.09 -0.64 -0.99
C LYS B 145 3.46 0.04 -0.92
N SER B 146 3.55 1.06 -0.06
CA SER B 146 4.81 1.70 0.32
C SER B 146 5.30 1.17 1.68
N ALA B 147 6.60 1.23 1.93
CA ALA B 147 7.17 0.80 3.21
C ALA B 147 6.94 1.80 4.35
N LEU B 148 7.26 3.06 4.08
CA LEU B 148 7.30 4.08 5.12
C LEU B 148 6.94 5.48 4.65
N MET B 149 6.03 6.12 5.38
CA MET B 149 5.74 7.54 5.20
C MET B 149 5.60 8.19 6.57
N PHE B 150 6.28 9.31 6.77
CA PHE B 150 6.10 10.09 8.00
C PHE B 150 6.38 11.56 7.69
N ASN B 151 6.14 12.45 8.65
CA ASN B 151 6.27 13.89 8.43
C ASN B 151 7.72 14.35 8.23
N LEU B 152 8.09 14.58 6.98
CA LEU B 152 9.44 15.07 6.69
C LEU B 152 9.59 16.58 6.95
N GLN B 153 8.48 17.29 7.15
CA GLN B 153 8.55 18.75 7.28
C GLN B 153 8.95 19.25 8.67
N GLU B 154 8.79 18.43 9.70
CA GLU B 154 9.14 18.85 11.06
C GLU B 154 10.36 18.10 11.54
N PRO B 155 11.41 18.83 11.95
CA PRO B 155 12.68 18.22 12.35
C PRO B 155 12.54 17.27 13.55
N TYR B 156 11.45 17.42 14.30
CA TYR B 156 11.10 16.46 15.35
C TYR B 156 11.11 15.01 14.84
N PHE B 157 10.58 14.81 13.63
CA PHE B 157 10.41 13.46 13.11
C PHE B 157 11.68 12.89 12.47
N THR B 158 12.51 13.76 11.91
CA THR B 158 13.73 13.31 11.23
C THR B 158 14.94 13.31 12.15
N TRP B 159 14.87 14.06 13.24
CA TRP B 159 15.94 14.08 14.24
C TRP B 159 16.36 12.69 14.77
N PRO B 160 15.41 11.75 14.97
CA PRO B 160 15.90 10.48 15.51
C PRO B 160 16.93 9.79 14.59
N LEU B 161 16.78 9.94 13.28
CA LEU B 161 17.76 9.37 12.33
C LEU B 161 19.08 10.17 12.32
N ILE B 162 18.96 11.49 12.38
CA ILE B 162 20.11 12.38 12.34
C ILE B 162 21.01 12.20 13.56
N ALA B 163 20.40 11.89 14.71
CA ALA B 163 21.12 11.75 15.96
C ALA B 163 21.64 10.30 16.20
N ALA B 164 21.09 9.36 15.46
CA ALA B 164 21.43 7.95 15.66
C ALA B 164 22.94 7.68 15.71
N ASP B 165 23.66 8.15 14.70
CA ASP B 165 25.11 7.91 14.58
C ASP B 165 25.98 9.01 15.22
N GLY B 166 25.37 9.93 15.98
CA GLY B 166 26.19 10.90 16.70
C GLY B 166 25.86 12.39 16.65
N GLY B 167 24.84 12.77 15.89
CA GLY B 167 24.38 14.15 15.92
C GLY B 167 23.79 14.53 17.26
N TYR B 168 24.00 15.77 17.69
CA TYR B 168 23.39 16.26 18.92
C TYR B 168 23.07 17.74 18.77
N ALA B 169 22.21 18.26 19.63
CA ALA B 169 21.82 19.65 19.60
C ALA B 169 22.88 20.51 20.25
N PHE B 170 22.79 20.64 21.58
CA PHE B 170 23.81 21.31 22.36
C PHE B 170 24.53 20.29 23.25
N LYS B 171 25.84 20.37 23.31
CA LYS B 171 26.64 19.41 24.06
C LYS B 171 26.24 19.38 25.53
N TYR B 172 25.99 18.18 26.04
CA TYR B 172 25.68 17.99 27.45
C TYR B 172 26.83 17.24 28.09
N ALA B 173 27.48 17.86 29.05
CA ALA B 173 28.62 17.25 29.71
C ALA B 173 28.70 17.73 31.13
N ALA B 174 28.82 16.79 32.05
CA ALA B 174 28.90 17.05 33.49
C ALA B 174 27.74 17.92 34.00
N GLY B 175 26.53 17.61 33.55
CA GLY B 175 25.33 18.19 34.14
C GLY B 175 24.80 19.49 33.54
N LYS B 176 25.45 20.01 32.48
CA LYS B 176 25.01 21.30 31.89
C LYS B 176 25.05 21.32 30.37
N TYR B 177 24.31 22.24 29.76
CA TYR B 177 24.33 22.40 28.30
C TYR B 177 25.26 23.53 27.83
N ASP B 178 26.25 23.17 27.01
CA ASP B 178 27.18 24.13 26.42
C ASP B 178 26.54 24.76 25.18
N ILE B 179 26.08 26.00 25.29
CA ILE B 179 25.23 26.49 24.21
C ILE B 179 26.00 26.97 22.97
N LYS B 180 27.33 26.92 23.02
CA LYS B 180 28.15 27.26 21.84
C LYS B 180 28.87 26.01 21.27
N ASP B 181 28.43 24.84 21.71
CA ASP B 181 28.90 23.55 21.21
C ASP B 181 27.73 22.80 20.59
N VAL B 182 27.62 22.91 19.27
CA VAL B 182 26.49 22.37 18.53
C VAL B 182 26.95 21.18 17.69
N GLY B 183 26.13 20.13 17.65
CA GLY B 183 26.56 18.89 17.03
C GLY B 183 25.72 18.46 15.85
N VAL B 184 25.19 19.43 15.11
CA VAL B 184 24.32 19.08 13.99
C VAL B 184 25.11 18.96 12.70
N ASP B 185 26.41 19.20 12.78
CA ASP B 185 27.25 19.15 11.59
C ASP B 185 28.46 18.20 11.77
N ASN B 186 28.34 17.22 12.66
CA ASN B 186 29.43 16.26 12.80
C ASN B 186 29.22 15.05 11.89
N ALA B 187 30.12 14.06 11.96
CA ALA B 187 30.07 12.91 11.06
C ALA B 187 28.74 12.17 11.15
N GLY B 188 28.27 11.96 12.37
CA GLY B 188 27.03 11.23 12.59
C GLY B 188 25.81 11.91 12.02
N ALA B 189 25.73 13.22 12.17
CA ALA B 189 24.61 13.99 11.63
C ALA B 189 24.57 13.96 10.12
N LYS B 190 25.73 14.18 9.48
CA LYS B 190 25.82 14.12 8.03
C LYS B 190 25.39 12.74 7.52
N ALA B 191 25.86 11.70 8.19
CA ALA B 191 25.52 10.35 7.77
C ALA B 191 24.02 10.12 7.80
N GLY B 192 23.37 10.58 8.88
CA GLY B 192 21.94 10.38 9.04
C GLY B 192 21.12 11.17 8.04
N LEU B 193 21.47 12.44 7.86
CA LEU B 193 20.71 13.26 6.93
C LEU B 193 20.90 12.75 5.50
N THR B 194 22.13 12.32 5.20
CA THR B 194 22.44 11.78 3.89
C THR B 194 21.57 10.56 3.59
N PHE B 195 21.39 9.70 4.59
CA PHE B 195 20.57 8.51 4.37
C PHE B 195 19.13 8.91 4.06
N LEU B 196 18.64 9.94 4.75
CA LEU B 196 17.27 10.39 4.52
C LEU B 196 17.14 10.99 3.11
N VAL B 197 18.10 11.84 2.75
CA VAL B 197 18.13 12.46 1.43
C VAL B 197 18.19 11.36 0.34
N ASP B 198 19.00 10.34 0.59
CA ASP B 198 19.09 9.23 -0.36
C ASP B 198 17.77 8.45 -0.47
N LEU B 199 17.04 8.26 0.64
CA LEU B 199 15.72 7.62 0.57
C LEU B 199 14.81 8.39 -0.38
N ILE B 200 14.93 9.71 -0.35
CA ILE B 200 14.16 10.58 -1.23
C ILE B 200 14.69 10.48 -2.66
N LYS B 201 16.00 10.60 -2.83
CA LYS B 201 16.57 10.52 -4.17
C LYS B 201 16.23 9.20 -4.84
N ASN B 202 16.21 8.13 -4.05
CA ASN B 202 15.92 6.79 -4.56
C ASN B 202 14.43 6.45 -4.53
N LYS B 203 13.59 7.47 -4.48
CA LYS B 203 12.15 7.34 -4.65
C LYS B 203 11.44 6.45 -3.61
N HIS B 204 11.93 6.44 -2.37
CA HIS B 204 11.28 5.66 -1.32
C HIS B 204 10.35 6.51 -0.44
N MET B 205 10.43 7.83 -0.63
CA MET B 205 9.48 8.76 -0.02
CA MET B 205 9.48 8.76 -0.03
C MET B 205 9.62 10.11 -0.72
N ASN B 206 8.49 10.78 -0.93
CA ASN B 206 8.46 12.09 -1.57
C ASN B 206 8.88 13.20 -0.61
N ALA B 207 9.66 14.14 -1.12
CA ALA B 207 10.15 15.28 -0.32
C ALA B 207 9.07 16.05 0.42
N ASP B 208 7.84 16.02 -0.09
CA ASP B 208 6.80 16.90 0.46
C ASP B 208 5.85 16.19 1.43
N THR B 209 6.18 14.95 1.81
CA THR B 209 5.33 14.23 2.76
C THR B 209 5.25 14.96 4.09
N ASP B 210 4.03 15.21 4.56
CA ASP B 210 3.86 15.91 5.81
C ASP B 210 3.01 15.09 6.77
N TYR B 211 2.57 15.71 7.86
CA TYR B 211 1.81 14.99 8.88
C TYR B 211 0.54 14.34 8.31
N SER B 212 -0.31 15.15 7.67
CA SER B 212 -1.61 14.63 7.23
C SER B 212 -1.50 13.61 6.09
N ILE B 213 -0.54 13.80 5.20
CA ILE B 213 -0.32 12.87 4.10
C ILE B 213 0.14 11.51 4.64
N ALA B 214 1.10 11.52 5.55
CA ALA B 214 1.58 10.28 6.16
C ALA B 214 0.47 9.61 6.96
N GLU B 215 -0.22 10.38 7.78
CA GLU B 215 -1.29 9.83 8.62
C GLU B 215 -2.38 9.15 7.77
N ALA B 216 -2.85 9.84 6.73
CA ALA B 216 -3.87 9.29 5.86
C ALA B 216 -3.38 8.02 5.18
N ALA B 217 -2.15 8.05 4.65
CA ALA B 217 -1.58 6.90 3.97
C ALA B 217 -1.48 5.70 4.89
N PHE B 218 -1.13 5.93 6.15
CA PHE B 218 -0.97 4.78 7.03
C PHE B 218 -2.33 4.25 7.46
N ASN B 219 -3.25 5.12 7.82
CA ASN B 219 -4.53 4.70 8.39
C ASN B 219 -5.49 4.11 7.35
N LYS B 220 -5.15 4.28 6.07
CA LYS B 220 -5.91 3.69 4.97
C LYS B 220 -5.20 2.46 4.41
N GLY B 221 -4.12 2.07 5.09
CA GLY B 221 -3.40 0.85 4.76
C GLY B 221 -2.59 0.88 3.47
N GLU B 222 -2.13 2.07 3.08
CA GLU B 222 -1.40 2.23 1.82
C GLU B 222 0.11 2.14 2.04
N THR B 223 0.54 2.39 3.28
CA THR B 223 1.96 2.26 3.64
C THR B 223 2.10 1.38 4.90
N ALA B 224 3.19 0.62 4.98
CA ALA B 224 3.32 -0.40 6.02
C ALA B 224 3.79 0.20 7.34
N MET B 225 4.38 1.39 7.28
CA MET B 225 4.98 1.99 8.48
C MET B 225 4.83 3.50 8.53
N THR B 226 4.77 4.03 9.73
CA THR B 226 4.85 5.48 9.93
C THR B 226 5.63 5.71 11.21
N ILE B 227 5.95 6.98 11.49
CA ILE B 227 6.62 7.36 12.72
C ILE B 227 5.80 8.45 13.37
N ASN B 228 5.36 8.20 14.60
CA ASN B 228 4.51 9.14 15.29
C ASN B 228 4.47 8.88 16.77
N GLY B 229 3.83 9.80 17.49
CA GLY B 229 3.73 9.74 18.93
C GLY B 229 2.37 9.28 19.38
N PRO B 230 2.16 9.23 20.70
CA PRO B 230 0.97 8.63 21.30
C PRO B 230 -0.32 9.31 20.86
N TRP B 231 -0.28 10.62 20.62
CA TRP B 231 -1.49 11.36 20.25
C TRP B 231 -2.10 10.80 18.98
N ALA B 232 -1.29 10.15 18.15
CA ALA B 232 -1.75 9.66 16.85
C ALA B 232 -2.43 8.29 16.89
N TRP B 233 -2.35 7.59 18.03
CA TRP B 233 -2.93 6.25 18.18
C TRP B 233 -4.46 6.22 18.02
N SER B 234 -5.13 7.21 18.59
CA SER B 234 -6.59 7.34 18.54
C SER B 234 -7.15 7.18 17.11
N ASN B 235 -6.60 7.92 16.17
CA ASN B 235 -7.08 7.87 14.79
C ASN B 235 -6.85 6.52 14.14
N ILE B 236 -5.76 5.84 14.50
CA ILE B 236 -5.48 4.53 13.95
C ILE B 236 -6.46 3.51 14.52
N ASP B 237 -6.83 3.67 15.79
CA ASP B 237 -7.82 2.78 16.39
C ASP B 237 -9.12 2.84 15.61
N THR B 238 -9.51 4.05 15.25
CA THR B 238 -10.70 4.30 14.45
C THR B 238 -10.60 3.62 13.09
N SER B 239 -9.40 3.61 12.51
CA SER B 239 -9.19 3.01 11.21
C SER B 239 -9.25 1.47 11.31
N ALA B 240 -9.23 0.81 10.15
CA ALA B 240 -9.34 -0.65 10.09
C ALA B 240 -7.98 -1.31 10.23
N VAL B 241 -6.94 -0.49 10.34
CA VAL B 241 -5.58 -0.99 10.43
C VAL B 241 -5.31 -1.64 11.78
N ASN B 242 -4.78 -2.86 11.73
CA ASN B 242 -4.20 -3.51 12.91
C ASN B 242 -2.69 -3.29 12.98
N TYR B 243 -2.36 -2.49 13.98
CA TYR B 243 -1.06 -1.85 14.08
C TYR B 243 -0.27 -2.25 15.31
N GLY B 244 1.05 -2.24 15.21
CA GLY B 244 1.89 -2.39 16.37
C GLY B 244 2.66 -1.10 16.59
N VAL B 245 3.16 -0.92 17.81
CA VAL B 245 3.99 0.22 18.17
C VAL B 245 5.28 -0.34 18.72
N THR B 246 6.41 0.00 18.10
CA THR B 246 7.63 -0.73 18.41
C THR B 246 8.86 0.16 18.35
N VAL B 247 10.03 -0.43 18.64
CA VAL B 247 11.28 0.31 18.65
C VAL B 247 11.62 0.85 17.26
N LEU B 248 12.16 2.07 17.21
CA LEU B 248 12.58 2.65 15.94
C LEU B 248 13.74 1.85 15.35
N PRO B 249 13.90 1.87 14.01
CA PRO B 249 14.99 1.10 13.41
C PRO B 249 16.34 1.70 13.73
N THR B 250 17.40 0.88 13.67
CA THR B 250 18.74 1.37 13.94
C THR B 250 19.40 1.95 12.69
N PHE B 251 20.46 2.72 12.89
CA PHE B 251 21.25 3.26 11.79
C PHE B 251 22.72 3.08 12.13
N LYS B 252 23.45 2.44 11.21
CA LYS B 252 24.85 2.04 11.43
C LYS B 252 25.01 1.30 12.76
N GLY B 253 24.05 0.44 13.06
CA GLY B 253 24.08 -0.38 14.26
C GLY B 253 23.64 0.31 15.54
N GLN B 254 23.29 1.59 15.43
CA GLN B 254 22.95 2.43 16.58
C GLN B 254 21.48 2.73 16.65
N PRO B 255 20.90 2.75 17.87
CA PRO B 255 19.48 3.08 18.00
C PRO B 255 19.17 4.47 17.46
N SER B 256 17.97 4.63 16.91
CA SER B 256 17.46 5.95 16.60
C SER B 256 17.25 6.68 17.94
N LYS B 257 17.55 7.97 17.97
CA LYS B 257 17.47 8.71 19.23
C LYS B 257 16.48 9.86 19.12
N PRO B 258 15.20 9.59 19.39
CA PRO B 258 14.25 10.70 19.32
C PRO B 258 14.49 11.72 20.44
N PHE B 259 14.21 12.99 20.20
CA PHE B 259 14.16 13.96 21.29
C PHE B 259 12.84 13.76 22.03
N VAL B 260 12.95 13.49 23.32
CA VAL B 260 11.80 13.20 24.15
C VAL B 260 11.15 14.45 24.72
N GLY B 261 9.84 14.56 24.51
CA GLY B 261 9.07 15.69 24.97
C GLY B 261 8.27 15.38 26.22
N VAL B 262 8.20 16.32 27.14
CA VAL B 262 7.29 16.20 28.26
C VAL B 262 6.24 17.30 28.09
N LEU B 263 5.03 16.88 27.73
CA LEU B 263 3.92 17.82 27.65
C LEU B 263 3.82 18.47 29.01
N SER B 264 3.79 19.81 29.01
CA SER B 264 3.88 20.56 30.25
C SER B 264 2.91 21.74 30.23
N ALA B 265 2.53 22.20 31.42
CA ALA B 265 1.61 23.33 31.53
C ALA B 265 2.25 24.41 32.39
N GLY B 266 2.45 25.57 31.79
CA GLY B 266 2.98 26.72 32.50
C GLY B 266 1.89 27.73 32.79
N ILE B 267 2.12 28.56 33.79
CA ILE B 267 1.17 29.55 34.18
C ILE B 267 1.73 30.91 33.76
N ASN B 268 0.91 31.66 33.01
CA ASN B 268 1.24 33.03 32.57
C ASN B 268 1.67 33.93 33.74
N ALA B 269 2.85 34.55 33.67
CA ALA B 269 3.24 35.54 34.69
C ALA B 269 2.23 36.69 34.78
N ALA B 270 1.54 36.98 33.68
CA ALA B 270 0.52 38.02 33.69
C ALA B 270 -0.85 37.55 34.21
N SER B 271 -0.99 36.29 34.58
CA SER B 271 -2.31 35.85 35.07
C SER B 271 -2.67 36.46 36.42
N PRO B 272 -3.92 36.93 36.54
CA PRO B 272 -4.45 37.41 37.82
C PRO B 272 -5.05 36.28 38.67
N ASN B 273 -4.92 35.04 38.19
CA ASN B 273 -5.47 33.86 38.86
C ASN B 273 -4.47 32.69 38.91
N LYS B 274 -3.26 33.00 39.33
CA LYS B 274 -2.20 32.01 39.44
C LYS B 274 -2.55 30.88 40.40
N GLU B 275 -3.17 31.20 41.53
CA GLU B 275 -3.47 30.17 42.52
C GLU B 275 -4.60 29.25 42.05
N LEU B 276 -5.58 29.82 41.35
CA LEU B 276 -6.63 29.01 40.75
C LEU B 276 -6.08 28.09 39.65
N ALA B 277 -5.17 28.62 38.84
CA ALA B 277 -4.54 27.82 37.79
C ALA B 277 -3.78 26.64 38.41
N LYS B 278 -3.07 26.88 39.50
CA LYS B 278 -2.37 25.81 40.23
C LYS B 278 -3.36 24.76 40.74
N GLU B 279 -4.48 25.25 41.24
CA GLU B 279 -5.57 24.41 41.74
C GLU B 279 -6.07 23.51 40.60
N PHE B 280 -6.34 24.13 39.45
CA PHE B 280 -6.75 23.34 38.29
C PHE B 280 -5.73 22.26 37.89
N LEU B 281 -4.46 22.64 37.79
CA LEU B 281 -3.45 21.71 37.29
C LEU B 281 -3.20 20.59 38.31
N GLU B 282 -3.04 20.97 39.58
CA GLU B 282 -2.66 19.99 40.60
C GLU B 282 -3.82 19.09 40.99
N ASN B 283 -5.00 19.68 41.15
CA ASN B 283 -6.08 18.99 41.83
C ASN B 283 -7.20 18.56 40.90
N TYR B 284 -7.12 18.93 39.64
CA TYR B 284 -8.17 18.56 38.71
C TYR B 284 -7.59 17.78 37.54
N LEU B 285 -6.62 18.35 36.86
CA LEU B 285 -6.01 17.67 35.72
C LEU B 285 -5.12 16.50 36.17
N LEU B 286 -4.23 16.72 37.13
CA LEU B 286 -3.23 15.73 37.49
C LEU B 286 -3.81 14.77 38.53
N THR B 287 -4.91 14.14 38.14
CA THR B 287 -5.62 13.12 38.90
C THR B 287 -5.85 11.96 37.95
N ASP B 288 -6.23 10.79 38.45
CA ASP B 288 -6.60 9.68 37.55
C ASP B 288 -7.67 10.13 36.58
N GLU B 289 -8.73 10.70 37.15
CA GLU B 289 -9.93 11.05 36.39
C GLU B 289 -9.64 12.16 35.36
N GLY B 290 -8.87 13.16 35.75
CA GLY B 290 -8.51 14.23 34.83
C GLY B 290 -7.70 13.74 33.65
N LEU B 291 -6.61 13.01 33.92
CA LEU B 291 -5.75 12.52 32.87
C LEU B 291 -6.51 11.54 32.01
N GLU B 292 -7.40 10.76 32.62
CA GLU B 292 -8.15 9.77 31.85
C GLU B 292 -9.04 10.46 30.83
N ALA B 293 -9.67 11.55 31.24
CA ALA B 293 -10.52 12.33 30.32
C ALA B 293 -9.70 12.79 29.11
N VAL B 294 -8.49 13.27 29.35
CA VAL B 294 -7.64 13.76 28.27
C VAL B 294 -7.11 12.60 27.44
N ASN B 295 -6.63 11.56 28.13
CA ASN B 295 -6.06 10.40 27.48
C ASN B 295 -7.05 9.65 26.56
N LYS B 296 -8.32 9.60 26.95
CA LYS B 296 -9.34 8.91 26.15
C LYS B 296 -9.70 9.70 24.91
N ASP B 297 -9.42 10.99 24.92
CA ASP B 297 -9.59 11.82 23.74
C ASP B 297 -8.41 11.56 22.79
N LYS B 298 -7.22 11.94 23.21
CA LYS B 298 -5.99 11.58 22.51
C LYS B 298 -4.96 11.06 23.53
N PRO B 299 -4.36 9.89 23.26
CA PRO B 299 -3.43 9.35 24.26
C PRO B 299 -2.23 10.27 24.55
N LEU B 300 -1.93 10.39 25.84
CA LEU B 300 -0.91 11.31 26.34
C LEU B 300 0.52 10.78 26.24
N GLY B 301 0.65 9.47 26.23
CA GLY B 301 1.94 8.83 26.35
C GLY B 301 2.03 8.27 27.77
N ALA B 302 3.26 8.20 28.28
CA ALA B 302 3.46 7.77 29.65
C ALA B 302 3.32 8.96 30.58
N VAL B 303 2.24 8.99 31.36
CA VAL B 303 1.87 10.17 32.14
C VAL B 303 2.80 10.39 33.34
N ALA B 304 2.88 11.66 33.77
CA ALA B 304 3.78 12.03 34.84
C ALA B 304 3.24 11.58 36.20
N LEU B 305 1.92 11.43 36.29
CA LEU B 305 1.30 11.05 37.56
C LEU B 305 1.48 9.54 37.80
N LYS B 306 2.17 9.22 38.89
CA LYS B 306 2.54 7.83 39.20
C LYS B 306 1.36 6.87 39.24
N SER B 307 0.30 7.25 39.93
CA SER B 307 -0.83 6.34 40.16
C SER B 307 -1.51 5.94 38.84
N TYR B 308 -1.70 6.91 37.95
CA TYR B 308 -2.35 6.62 36.69
C TYR B 308 -1.39 5.97 35.69
N GLU B 309 -0.11 6.34 35.73
CA GLU B 309 0.86 5.66 34.89
C GLU B 309 0.94 4.17 35.22
N GLU B 310 0.77 3.84 36.50
CA GLU B 310 0.83 2.43 36.88
C GLU B 310 -0.28 1.60 36.25
N GLU B 311 -1.42 2.24 35.97
CA GLU B 311 -2.49 1.59 35.24
C GLU B 311 -2.14 1.49 33.77
N LEU B 312 -1.61 2.56 33.20
CA LEU B 312 -1.28 2.59 31.78
C LEU B 312 -0.13 1.69 31.39
N ALA B 313 0.75 1.40 32.35
CA ALA B 313 1.99 0.66 32.09
C ALA B 313 1.79 -0.76 31.50
N LYS B 314 0.60 -1.33 31.67
CA LYS B 314 0.24 -2.64 31.11
CA LYS B 314 0.25 -2.64 31.11
C LYS B 314 0.10 -2.61 29.59
N ASP B 315 0.04 -1.40 29.04
CA ASP B 315 -0.13 -1.22 27.60
C ASP B 315 1.23 -1.37 26.89
N PRO B 316 1.36 -2.34 25.97
CA PRO B 316 2.62 -2.52 25.24
C PRO B 316 3.03 -1.26 24.45
N ARG B 317 2.04 -0.50 24.00
CA ARG B 317 2.30 0.79 23.33
C ARG B 317 2.98 1.78 24.25
N ILE B 318 2.59 1.78 25.53
CA ILE B 318 3.26 2.62 26.54
C ILE B 318 4.68 2.12 26.79
N ALA B 319 4.83 0.80 26.89
CA ALA B 319 6.14 0.19 27.07
C ALA B 319 7.08 0.52 25.90
N ALA B 320 6.55 0.46 24.68
CA ALA B 320 7.33 0.83 23.49
C ALA B 320 7.69 2.32 23.49
N THR B 321 6.78 3.16 23.98
CA THR B 321 7.07 4.58 24.06
C THR B 321 8.26 4.81 25.00
N MET B 322 8.23 4.15 26.17
CA MET B 322 9.31 4.31 27.16
C MET B 322 10.63 3.74 26.66
N GLU B 323 10.56 2.68 25.86
CA GLU B 323 11.77 2.09 25.26
C GLU B 323 12.44 3.08 24.30
N ASN B 324 11.64 3.70 23.44
CA ASN B 324 12.22 4.67 22.50
C ASN B 324 12.69 5.91 23.26
N ALA B 325 12.01 6.23 24.36
CA ALA B 325 12.37 7.42 25.14
C ALA B 325 13.73 7.20 25.74
N GLN B 326 13.95 6.00 26.24
CA GLN B 326 15.19 5.67 26.93
C GLN B 326 16.36 5.62 25.95
N LYS B 327 16.10 5.24 24.69
CA LYS B 327 17.15 5.24 23.67
C LYS B 327 17.43 6.66 23.17
N GLY B 328 16.46 7.54 23.32
CA GLY B 328 16.62 8.92 22.90
C GLY B 328 17.22 9.82 23.97
N GLU B 329 16.95 11.11 23.86
CA GLU B 329 17.40 12.07 24.87
C GLU B 329 16.25 12.99 25.26
N ILE B 330 16.23 13.42 26.51
CA ILE B 330 15.31 14.46 26.93
C ILE B 330 15.67 15.75 26.18
N MET B 331 14.67 16.47 25.69
CA MET B 331 14.94 17.76 25.07
C MET B 331 15.50 18.69 26.13
N PRO B 332 16.52 19.49 25.76
CA PRO B 332 16.86 20.59 26.66
C PRO B 332 15.67 21.54 26.69
N ASN B 333 15.51 22.29 27.78
CA ASN B 333 14.46 23.31 27.84
C ASN B 333 15.02 24.74 27.73
N ILE B 334 16.26 24.87 27.31
CA ILE B 334 16.95 26.15 27.37
C ILE B 334 16.44 27.11 26.28
N PRO B 335 16.61 28.43 26.50
CA PRO B 335 16.03 29.40 25.56
C PRO B 335 16.49 29.21 24.14
N GLN B 336 17.71 28.71 23.95
CA GLN B 336 18.28 28.55 22.61
C GLN B 336 17.69 27.38 21.81
N MET B 337 16.74 26.64 22.38
CA MET B 337 16.19 25.48 21.68
C MET B 337 15.38 25.82 20.44
N SER B 338 14.64 26.92 20.45
CA SER B 338 13.87 27.28 19.27
C SER B 338 14.83 27.62 18.13
N ALA B 339 15.95 28.28 18.42
CA ALA B 339 16.97 28.57 17.41
C ALA B 339 17.49 27.28 16.81
N PHE B 340 17.73 26.29 17.67
CA PHE B 340 18.16 24.98 17.21
C PHE B 340 17.14 24.37 16.26
N TRP B 341 15.88 24.35 16.69
CA TRP B 341 14.82 23.72 15.89
C TRP B 341 14.67 24.41 14.53
N TYR B 342 14.67 25.74 14.55
CA TYR B 342 14.50 26.50 13.31
C TYR B 342 15.64 26.21 12.33
N ALA B 343 16.86 26.13 12.85
CA ALA B 343 18.04 25.86 12.03
C ALA B 343 18.00 24.47 11.40
N VAL B 344 17.60 23.46 12.18
CA VAL B 344 17.56 22.11 11.63
C VAL B 344 16.38 21.93 10.67
N ARG B 345 15.27 22.61 10.95
CA ARG B 345 14.11 22.52 10.06
C ARG B 345 14.49 22.96 8.64
N THR B 346 15.17 24.09 8.56
CA THR B 346 15.60 24.64 7.28
C THR B 346 16.64 23.74 6.59
N ALA B 347 17.55 23.19 7.39
CA ALA B 347 18.63 22.36 6.87
C ALA B 347 18.09 21.08 6.23
N VAL B 348 17.15 20.43 6.90
CA VAL B 348 16.61 19.20 6.35
C VAL B 348 15.86 19.51 5.06
N ILE B 349 15.01 20.55 5.09
CA ILE B 349 14.25 20.93 3.90
C ILE B 349 15.15 21.30 2.71
N ASN B 350 16.18 22.11 2.94
CA ASN B 350 17.10 22.51 1.88
C ASN B 350 17.89 21.34 1.29
N ALA B 351 18.25 20.38 2.14
CA ALA B 351 19.03 19.24 1.68
C ALA B 351 18.12 18.23 0.98
N ALA B 352 16.89 18.12 1.47
CA ALA B 352 15.95 17.14 0.93
C ALA B 352 15.46 17.53 -0.46
N SER B 353 15.56 18.82 -0.76
CA SER B 353 15.07 19.37 -2.02
C SER B 353 16.23 19.79 -2.94
N GLY B 354 17.44 19.37 -2.57
CA GLY B 354 18.63 19.60 -3.37
C GLY B 354 19.07 21.04 -3.55
N ARG B 355 18.52 21.96 -2.77
CA ARG B 355 18.96 23.35 -2.86
C ARG B 355 20.36 23.53 -2.25
N GLN B 356 20.69 22.71 -1.26
CA GLN B 356 22.06 22.64 -0.75
C GLN B 356 22.49 21.18 -0.59
N THR B 357 23.81 20.94 -0.56
CA THR B 357 24.33 19.63 -0.18
C THR B 357 24.05 19.40 1.30
N VAL B 358 24.24 18.17 1.76
CA VAL B 358 24.07 17.86 3.17
C VAL B 358 25.10 18.64 3.99
N ASP B 359 26.33 18.66 3.50
CA ASP B 359 27.40 19.38 4.16
C ASP B 359 27.08 20.86 4.33
N ALA B 360 26.60 21.48 3.25
CA ALA B 360 26.27 22.89 3.27
C ALA B 360 25.10 23.20 4.19
N ALA B 361 24.04 22.41 4.10
CA ALA B 361 22.85 22.65 4.91
C ALA B 361 23.16 22.49 6.41
N LEU B 362 23.91 21.45 6.76
CA LEU B 362 24.26 21.23 8.16
C LEU B 362 25.29 22.23 8.69
N ALA B 363 26.27 22.58 7.86
CA ALA B 363 27.24 23.61 8.24
C ALA B 363 26.49 24.89 8.58
N ALA B 364 25.50 25.24 7.77
CA ALA B 364 24.69 26.41 8.01
C ALA B 364 23.89 26.27 9.30
N ALA B 365 23.25 25.11 9.50
CA ALA B 365 22.50 24.86 10.71
C ALA B 365 23.36 25.02 11.96
N GLN B 366 24.59 24.51 11.93
CA GLN B 366 25.44 24.60 13.11
C GLN B 366 25.68 26.04 13.51
N THR B 367 25.96 26.87 12.52
CA THR B 367 26.11 28.29 12.76
C THR B 367 24.83 28.87 13.36
N ASN B 368 23.70 28.65 12.68
CA ASN B 368 22.42 29.25 13.06
C ASN B 368 21.93 28.82 14.46
N ALA B 369 22.18 27.57 14.81
CA ALA B 369 21.68 27.00 16.06
C ALA B 369 22.34 27.66 17.26
N ALA B 370 23.53 28.21 17.05
CA ALA B 370 24.31 28.86 18.11
C ALA B 370 24.23 30.39 18.03
N ALA B 371 23.33 30.89 17.19
CA ALA B 371 23.31 32.32 16.81
C ALA B 371 22.23 33.17 17.50
N SER B 372 21.37 32.54 18.31
CA SER B 372 20.28 33.22 19.02
C SER B 372 20.67 34.57 19.63
N ASN B 373 21.59 34.55 20.58
CA ASN B 373 21.94 35.76 21.32
C ASN B 373 22.78 36.78 20.56
N ILE B 374 23.75 36.32 19.78
CA ILE B 374 24.51 37.26 18.95
C ILE B 374 23.57 37.93 17.94
N ASN B 375 22.57 37.20 17.46
CA ASN B 375 21.62 37.80 16.51
C ASN B 375 20.78 38.91 17.11
N LYS B 376 20.46 38.79 18.38
CA LYS B 376 19.70 39.82 19.08
C LYS B 376 20.53 41.11 19.21
N ALA B 377 21.84 40.95 19.40
CA ALA B 377 22.74 42.10 19.48
C ALA B 377 22.87 42.78 18.11
N LYS B 378 22.93 41.97 17.06
CA LYS B 378 23.02 42.53 15.70
C LYS B 378 21.78 43.38 15.36
N VAL B 379 20.61 42.92 15.78
CA VAL B 379 19.38 43.67 15.60
C VAL B 379 19.35 44.96 16.44
N ALA B 380 19.78 44.89 17.69
CA ALA B 380 19.86 46.08 18.52
C ALA B 380 20.79 47.11 17.87
N SER B 381 21.88 46.63 17.26
CA SER B 381 22.82 47.52 16.58
C SER B 381 22.22 48.22 15.37
N VAL B 382 21.56 47.46 14.50
CA VAL B 382 20.93 48.04 13.32
C VAL B 382 19.86 49.08 13.70
N GLU B 383 19.09 48.79 14.74
CA GLU B 383 18.07 49.70 15.22
C GLU B 383 18.68 51.01 15.71
N SER B 384 19.83 50.90 16.36
CA SER B 384 20.53 52.09 16.83
C SER B 384 21.08 52.90 15.65
N ASP B 385 21.66 52.23 14.66
CA ASP B 385 22.07 52.93 13.44
C ASP B 385 20.88 53.60 12.77
N TYR B 386 19.79 52.85 12.63
CA TYR B 386 18.60 53.35 11.93
C TYR B 386 18.06 54.61 12.57
N SER B 387 17.95 54.62 13.90
CA SER B 387 17.43 55.79 14.61
C SER B 387 18.35 56.97 14.42
N SER B 388 19.66 56.75 14.54
CA SER B 388 20.65 57.81 14.37
C SER B 388 20.54 58.44 12.99
N VAL B 389 20.37 57.60 11.98
CA VAL B 389 20.32 58.07 10.60
C VAL B 389 19.00 58.78 10.31
N LYS B 390 17.91 58.26 10.85
CA LYS B 390 16.60 58.85 10.70
C LYS B 390 16.57 60.26 11.32
N SER B 391 17.04 60.33 12.56
CA SER B 391 17.04 61.60 13.27
C SER B 391 17.88 62.61 12.50
N ALA B 392 19.05 62.17 12.06
CA ALA B 392 19.95 63.07 11.31
C ALA B 392 19.35 63.57 9.99
N ALA B 393 18.75 62.67 9.22
CA ALA B 393 18.18 63.03 7.93
C ALA B 393 16.99 63.98 8.11
N LEU B 394 16.22 63.78 9.17
CA LEU B 394 15.09 64.67 9.47
C LEU B 394 15.58 66.05 9.92
N SER B 395 16.70 66.09 10.64
CA SER B 395 17.27 67.36 11.07
C SER B 395 17.89 68.09 9.88
N TYR B 396 18.52 67.32 8.98
CA TYR B 396 19.03 67.84 7.72
C TYR B 396 17.90 68.49 6.92
N TYR B 397 16.79 67.76 6.78
CA TYR B 397 15.68 68.21 5.93
C TYR B 397 15.04 69.46 6.55
N SER B 398 14.91 69.46 7.88
CA SER B 398 14.47 70.65 8.64
C SER B 398 15.33 71.90 8.41
N ASP B 399 16.65 71.73 8.43
CA ASP B 399 17.55 72.87 8.28
C ASP B 399 17.56 73.42 6.86
N THR B 400 17.47 72.52 5.88
CA THR B 400 17.84 72.87 4.52
C THR B 400 16.70 72.87 3.52
N ASN B 401 15.59 72.23 3.88
CA ASN B 401 14.51 71.91 2.96
C ASN B 401 14.95 71.05 1.78
N LYS B 402 16.12 70.41 1.91
CA LYS B 402 16.67 69.54 0.87
C LYS B 402 16.77 68.10 1.37
N ILE B 403 16.59 67.15 0.46
CA ILE B 403 16.61 65.72 0.80
C ILE B 403 18.03 65.12 0.77
N PRO B 404 18.50 64.61 1.91
CA PRO B 404 19.87 64.09 1.91
C PRO B 404 19.96 62.74 1.20
N VAL B 405 20.64 62.69 0.06
CA VAL B 405 20.84 61.42 -0.64
C VAL B 405 22.31 61.17 -0.93
N THR B 406 22.70 59.91 -1.01
CA THR B 406 24.03 59.55 -1.46
C THR B 406 24.18 60.02 -2.90
N PRO B 407 25.08 61.00 -3.16
CA PRO B 407 25.28 61.53 -4.50
C PRO B 407 25.67 60.44 -5.51
N ASP B 408 25.38 60.72 -6.78
CA ASP B 408 25.54 59.75 -7.86
C ASP B 408 26.87 58.99 -7.85
N GLY B 409 27.95 59.72 -7.58
CA GLY B 409 29.27 59.15 -7.64
C GLY B 409 29.75 58.33 -6.44
N GLN B 410 29.19 58.61 -5.26
CA GLN B 410 29.74 58.02 -4.04
C GLN B 410 28.96 56.83 -3.48
N THR B 411 29.43 56.39 -2.32
CA THR B 411 28.82 55.35 -1.53
C THR B 411 28.61 55.96 -0.14
N GLY B 412 27.75 55.37 0.67
CA GLY B 412 27.69 55.74 2.08
C GLY B 412 26.92 56.99 2.49
N LEU B 413 27.15 57.41 3.73
CA LEU B 413 26.30 58.40 4.39
C LEU B 413 26.99 59.76 4.63
N SER B 414 28.03 60.05 3.86
CA SER B 414 28.81 61.29 3.96
C SER B 414 27.96 62.56 3.98
N VAL B 415 26.84 62.55 3.27
CA VAL B 415 26.01 63.74 3.21
C VAL B 415 25.51 64.13 4.58
N LEU B 416 25.38 63.17 5.49
CA LEU B 416 24.85 63.43 6.82
C LEU B 416 25.95 63.62 7.86
N GLU B 417 27.19 63.69 7.38
CA GLU B 417 28.37 63.77 8.26
C GLU B 417 28.25 64.78 9.41
N THR B 418 27.78 65.99 9.10
CA THR B 418 27.72 67.06 10.09
C THR B 418 26.50 66.94 11.01
N TYR B 419 25.68 65.92 10.78
CA TYR B 419 24.51 65.67 11.60
C TYR B 419 24.64 64.45 12.50
N MET B 420 25.78 63.74 12.38
CA MET B 420 25.98 62.51 13.15
C MET B 420 27.30 62.49 13.93
N GLU B 421 27.29 61.82 15.07
CA GLU B 421 28.49 61.69 15.89
C GLU B 421 29.58 60.94 15.18
N SER B 422 29.14 59.95 14.44
CA SER B 422 30.00 59.04 13.74
C SER B 422 29.22 58.54 12.54
N LEU B 423 29.91 58.21 11.46
CA LEU B 423 29.22 57.73 10.27
C LEU B 423 29.13 56.21 10.25
N PRO B 424 27.92 55.65 10.34
CA PRO B 424 27.80 54.21 10.14
C PRO B 424 28.19 53.88 8.71
N ASP B 425 28.67 52.67 8.48
CA ASP B 425 29.21 52.28 7.19
C ASP B 425 28.51 50.99 6.75
N LYS B 426 28.75 49.91 7.47
CA LYS B 426 28.03 48.67 7.24
C LYS B 426 27.15 48.33 8.45
N ALA B 427 25.98 47.77 8.18
CA ALA B 427 25.10 47.31 9.23
C ALA B 427 25.66 46.05 9.87
N ASP B 428 25.32 45.85 11.13
CA ASP B 428 25.78 44.71 11.89
C ASP B 428 25.19 43.42 11.32
N ILE B 429 24.05 43.52 10.64
CA ILE B 429 23.45 42.36 9.96
C ILE B 429 24.02 42.18 8.55
N GLY B 430 25.05 42.96 8.22
CA GLY B 430 25.69 42.91 6.92
C GLY B 430 25.19 43.98 5.96
N GLY B 431 26.05 44.45 5.06
CA GLY B 431 25.66 45.36 3.98
C GLY B 431 25.95 46.85 4.21
N LYS B 432 26.48 47.51 3.18
CA LYS B 432 26.82 48.92 3.22
C LYS B 432 25.59 49.81 3.19
N TYR B 433 25.59 50.84 4.04
CA TYR B 433 24.49 51.79 4.10
C TYR B 433 24.51 52.76 2.92
N LYS B 434 23.33 53.14 2.45
CA LYS B 434 23.23 54.10 1.35
C LYS B 434 21.88 54.80 1.45
N LEU B 435 21.86 56.11 1.18
CA LEU B 435 20.62 56.88 1.12
C LEU B 435 20.08 57.01 -0.30
N ILE B 436 18.86 56.53 -0.54
CA ILE B 436 18.26 56.61 -1.87
C ILE B 436 16.85 57.19 -1.86
N LYS B 437 16.43 57.69 -3.02
CA LYS B 437 15.05 58.12 -3.20
C LYS B 437 14.23 57.01 -3.83
N VAL B 438 13.06 56.75 -3.27
CA VAL B 438 12.08 55.86 -3.88
C VAL B 438 10.75 56.61 -3.97
N GLY B 439 10.38 57.02 -5.17
CA GLY B 439 9.24 57.90 -5.35
C GLY B 439 9.54 59.17 -4.58
N ASN B 440 8.62 59.60 -3.73
CA ASN B 440 8.89 60.78 -2.92
C ASN B 440 9.24 60.38 -1.48
N LYS B 441 9.97 59.28 -1.36
CA LYS B 441 10.43 58.80 -0.05
C LYS B 441 11.95 58.81 0.03
N LEU B 442 12.47 59.09 1.22
CA LEU B 442 13.87 58.84 1.52
C LEU B 442 13.99 57.47 2.18
N VAL B 443 14.86 56.63 1.63
CA VAL B 443 14.98 55.26 2.08
C VAL B 443 16.42 54.92 2.46
N LEU B 444 16.58 54.23 3.58
CA LEU B 444 17.89 53.70 3.92
C LEU B 444 18.06 52.33 3.24
N GLN B 445 18.95 52.29 2.26
CA GLN B 445 19.33 51.02 1.65
C GLN B 445 20.44 50.38 2.47
N ILE B 446 20.26 49.11 2.79
CA ILE B 446 21.29 48.36 3.50
C ILE B 446 21.81 47.22 2.61
N GLY B 447 23.07 47.35 2.21
CA GLY B 447 23.71 46.34 1.39
C GLY B 447 23.38 46.40 -0.10
N THR B 448 23.80 45.34 -0.79
CA THR B 448 23.50 45.11 -2.20
C THR B 448 23.18 43.62 -2.33
N ASN B 449 22.80 43.16 -3.52
CA ASN B 449 22.61 41.72 -3.69
C ASN B 449 23.98 41.02 -3.86
N ASP B 450 25.01 41.80 -4.13
CA ASP B 450 26.41 41.36 -4.01
C ASP B 450 26.76 41.05 -2.55
N GLU B 451 26.63 42.05 -1.69
CA GLU B 451 26.82 41.89 -0.24
C GLU B 451 25.66 42.53 0.50
N GLY B 452 24.73 41.72 0.96
CA GLY B 452 23.55 42.24 1.62
C GLY B 452 23.41 41.83 3.08
N VAL B 453 22.18 41.83 3.56
CA VAL B 453 21.93 41.47 4.94
C VAL B 453 21.60 39.98 5.06
N THR B 454 21.75 39.47 6.27
CA THR B 454 21.24 38.16 6.64
C THR B 454 20.34 38.31 7.86
N LEU B 455 19.10 37.85 7.72
CA LEU B 455 18.14 37.83 8.81
C LEU B 455 17.51 36.44 8.97
N THR B 456 17.32 36.03 10.22
CA THR B 456 16.47 34.89 10.52
C THR B 456 15.07 35.44 10.77
N GLU B 457 14.07 34.56 10.83
CA GLU B 457 12.71 34.98 11.10
C GLU B 457 12.59 35.64 12.46
N ALA B 458 13.38 35.17 13.42
CA ALA B 458 13.41 35.78 14.74
C ALA B 458 13.88 37.24 14.66
N GLN B 459 14.90 37.47 13.84
CA GLN B 459 15.46 38.81 13.71
C GLN B 459 14.47 39.73 13.00
N SER B 460 13.86 39.24 11.93
CA SER B 460 12.89 40.02 11.19
C SER B 460 11.72 40.44 12.09
N ALA B 461 11.34 39.56 13.00
CA ALA B 461 10.23 39.81 13.91
C ALA B 461 10.60 40.85 14.95
N LYS B 462 11.84 40.79 15.43
CA LYS B 462 12.29 41.74 16.43
C LYS B 462 12.40 43.13 15.80
N LEU B 463 12.98 43.17 14.61
CA LEU B 463 13.12 44.40 13.84
C LEU B 463 11.76 45.04 13.58
N LEU B 464 10.83 44.24 13.06
CA LEU B 464 9.47 44.70 12.79
C LEU B 464 8.78 45.26 14.02
N SER B 465 8.86 44.53 15.12
CA SER B 465 8.26 44.96 16.37
C SER B 465 8.80 46.30 16.87
N ASP B 466 10.11 46.52 16.71
CA ASP B 466 10.72 47.72 17.27
C ASP B 466 10.65 48.91 16.33
N ILE B 467 10.70 48.66 15.03
CA ILE B 467 10.68 49.76 14.08
C ILE B 467 9.26 50.08 13.65
N GLY B 468 8.46 49.04 13.45
CA GLY B 468 7.06 49.21 13.13
C GLY B 468 6.70 48.77 11.73
N GLU B 469 5.42 48.88 11.40
CA GLU B 469 4.92 48.47 10.10
C GLU B 469 5.10 49.56 9.05
N ASN B 470 5.06 49.15 7.78
CA ASN B 470 5.16 50.06 6.63
C ASN B 470 6.48 50.82 6.56
N LYS B 471 7.57 50.19 7.02
CA LYS B 471 8.87 50.85 7.01
C LYS B 471 9.96 49.96 6.38
N ILE B 472 9.87 48.65 6.61
CA ILE B 472 10.91 47.72 6.15
C ILE B 472 10.49 46.86 4.95
N TYR B 473 11.29 46.92 3.89
CA TYR B 473 10.98 46.20 2.65
C TYR B 473 12.21 45.45 2.13
N THR B 474 11.96 44.41 1.33
CA THR B 474 13.01 43.57 0.78
C THR B 474 13.19 43.82 -0.71
N SER B 475 12.34 44.68 -1.28
CA SER B 475 12.50 45.13 -2.66
C SER B 475 11.90 46.49 -2.86
N VAL B 476 12.38 47.20 -3.88
CA VAL B 476 11.80 48.48 -4.29
C VAL B 476 11.90 48.64 -5.80
N THR B 477 11.20 49.63 -6.32
CA THR B 477 11.43 50.10 -7.68
C THR B 477 11.86 51.55 -7.59
N ALA B 478 12.00 52.20 -8.74
CA ALA B 478 12.39 53.60 -8.75
C ALA B 478 11.33 54.45 -8.06
N ASP B 479 10.08 54.04 -8.16
CA ASP B 479 8.96 54.86 -7.71
C ASP B 479 8.16 54.23 -6.57
N ASN B 480 8.37 52.94 -6.31
CA ASN B 480 7.56 52.26 -5.31
C ASN B 480 8.31 51.30 -4.38
N LEU B 481 7.87 51.27 -3.14
CA LEU B 481 8.26 50.24 -2.18
C LEU B 481 7.66 48.92 -2.64
N GLY B 482 8.38 47.82 -2.46
CA GLY B 482 7.91 46.52 -2.90
C GLY B 482 7.46 45.64 -1.76
N ASN B 483 8.04 44.44 -1.65
CA ASN B 483 7.68 43.46 -0.61
C ASN B 483 8.01 43.89 0.80
N PRO B 484 6.99 44.03 1.65
CA PRO B 484 7.27 44.34 3.04
C PRO B 484 7.98 43.18 3.74
N LEU B 485 8.75 43.48 4.78
CA LEU B 485 9.29 42.45 5.64
C LEU B 485 8.19 41.98 6.57
N THR B 486 8.08 40.67 6.76
CA THR B 486 7.12 40.10 7.70
C THR B 486 7.84 39.34 8.80
N SER B 487 7.13 39.05 9.89
CA SER B 487 7.74 38.38 11.04
C SER B 487 8.11 36.93 10.75
N ASN B 488 7.78 36.45 9.54
CA ASN B 488 8.14 35.11 9.11
C ASN B 488 9.08 35.14 7.91
N THR B 489 9.76 36.26 7.71
CA THR B 489 10.65 36.39 6.56
C THR B 489 12.08 36.11 6.95
N LYS B 490 12.81 35.43 6.08
CA LYS B 490 14.23 35.22 6.28
C LYS B 490 14.97 35.75 5.07
N VAL B 491 16.15 36.33 5.30
CA VAL B 491 16.91 36.93 4.23
C VAL B 491 18.30 36.31 4.14
N ASP B 492 18.72 35.92 2.96
CA ASP B 492 20.04 35.36 2.81
C ASP B 492 20.86 36.17 1.84
N ASN B 493 21.72 37.02 2.39
CA ASN B 493 22.61 37.88 1.60
C ASN B 493 21.87 38.68 0.54
N LYS B 494 20.90 39.50 0.98
CA LYS B 494 20.16 40.37 0.06
C LYS B 494 19.98 41.77 0.62
N VAL B 495 19.63 42.73 -0.24
CA VAL B 495 19.41 44.12 0.17
C VAL B 495 18.20 44.26 1.09
N LEU B 496 18.28 45.21 2.02
CA LEU B 496 17.13 45.57 2.84
C LEU B 496 16.90 47.07 2.70
N TYR B 497 15.65 47.50 2.82
CA TYR B 497 15.27 48.92 2.70
C TYR B 497 14.48 49.36 3.91
N ILE B 498 14.85 50.49 4.50
CA ILE B 498 14.04 51.03 5.58
C ILE B 498 13.68 52.49 5.34
N VAL B 499 12.38 52.77 5.32
CA VAL B 499 11.89 54.14 5.08
C VAL B 499 12.36 55.08 6.18
N LEU B 500 12.99 56.19 5.78
CA LEU B 500 13.40 57.25 6.71
C LEU B 500 12.43 58.42 6.73
N ILE B 501 12.02 58.87 5.54
CA ILE B 501 11.06 59.95 5.39
C ILE B 501 9.98 59.55 4.39
N ASP B 502 8.73 59.59 4.82
CA ASP B 502 7.59 59.12 4.03
C ASP B 502 7.20 59.99 2.83
N ASN B 503 7.36 61.29 3.00
CA ASN B 503 6.94 62.26 1.98
C ASN B 503 8.00 63.35 1.86
N THR B 504 8.70 63.37 0.74
CA THR B 504 9.79 64.33 0.56
C THR B 504 9.40 65.51 -0.35
N VAL B 505 8.11 65.62 -0.66
CA VAL B 505 7.64 66.76 -1.44
C VAL B 505 7.50 67.96 -0.54
N MET B 506 8.24 69.00 -0.87
CA MET B 506 8.12 70.23 -0.10
C MET B 506 6.80 70.97 -0.36
N ASP B 507 6.23 71.50 0.71
CA ASP B 507 4.99 72.26 0.67
C ASP B 507 5.30 73.69 1.18
N SER B 508 5.42 74.63 0.26
CA SER B 508 5.85 76.00 0.60
C SER B 508 4.77 76.82 1.29
N THR B 509 3.62 76.19 1.55
CA THR B 509 2.53 76.85 2.28
C THR B 509 2.50 76.38 3.73
N LYS B 510 3.40 75.47 4.08
CA LYS B 510 3.43 74.88 5.43
C LYS B 510 2.05 74.43 5.91
N GLY B 511 1.37 73.65 5.07
CA GLY B 511 0.08 73.08 5.44
C GLY B 511 -1.11 74.01 5.33
N SER B 512 -0.92 75.19 4.72
CA SER B 512 -2.01 76.13 4.47
C SER B 512 -2.82 75.72 3.24
N MET C 1 4.53 -8.69 -66.99
CA MET C 1 4.97 -9.14 -65.67
C MET C 1 5.01 -7.95 -64.75
N LYS C 2 4.80 -8.18 -63.46
CA LYS C 2 4.93 -7.10 -62.49
C LYS C 2 5.23 -7.69 -61.14
N ILE C 3 5.62 -6.84 -60.20
CA ILE C 3 5.97 -7.31 -58.87
C ILE C 3 4.85 -7.08 -57.87
N GLU C 4 4.96 -7.77 -56.73
CA GLU C 4 4.13 -7.53 -55.56
C GLU C 4 5.07 -7.50 -54.35
N GLU C 5 4.56 -7.04 -53.21
CA GLU C 5 5.35 -6.86 -51.99
C GLU C 5 6.50 -5.86 -52.21
N GLY C 6 6.28 -4.87 -53.08
CA GLY C 6 7.25 -3.80 -53.26
C GLY C 6 6.70 -2.48 -52.76
N LYS C 7 5.95 -2.53 -51.67
CA LYS C 7 5.11 -1.41 -51.24
C LYS C 7 4.99 -1.39 -49.73
N LEU C 8 5.25 -0.25 -49.08
CA LEU C 8 4.95 -0.13 -47.67
C LEU C 8 3.59 0.53 -47.50
N VAL C 9 2.74 -0.03 -46.64
CA VAL C 9 1.47 0.60 -46.35
C VAL C 9 1.52 1.17 -44.92
N ILE C 10 1.12 2.43 -44.76
CA ILE C 10 1.11 3.08 -43.45
C ILE C 10 -0.29 3.51 -43.03
N TRP C 11 -0.61 3.23 -41.76
CA TRP C 11 -1.82 3.78 -41.14
C TRP C 11 -1.46 4.87 -40.14
N ILE C 12 -2.19 5.98 -40.19
CA ILE C 12 -2.03 7.10 -39.27
C ILE C 12 -3.40 7.74 -39.10
N ASN C 13 -3.71 8.23 -37.91
CA ASN C 13 -5.02 8.85 -37.66
C ASN C 13 -5.28 10.11 -38.49
N GLY C 14 -6.55 10.32 -38.84
CA GLY C 14 -6.94 11.42 -39.70
C GLY C 14 -6.67 12.82 -39.17
N ASP C 15 -6.37 12.96 -37.88
CA ASP C 15 -6.11 14.30 -37.34
C ASP C 15 -4.62 14.60 -37.38
N LYS C 16 -3.84 13.69 -37.96
CA LYS C 16 -2.40 13.94 -38.07
C LYS C 16 -1.99 14.38 -39.49
N GLY C 17 -0.71 14.71 -39.64
CA GLY C 17 -0.20 15.32 -40.84
C GLY C 17 0.04 14.29 -41.93
N TYR C 18 -1.02 13.65 -42.41
CA TYR C 18 -0.80 12.50 -43.28
C TYR C 18 -0.34 12.85 -44.71
N ASN C 19 -0.60 14.07 -45.24
CA ASN C 19 -0.09 14.25 -46.61
C ASN C 19 1.35 14.67 -46.47
N GLY C 20 1.65 15.31 -45.35
CA GLY C 20 3.03 15.61 -45.02
C GLY C 20 3.87 14.33 -44.99
N LEU C 21 3.34 13.32 -44.32
CA LEU C 21 3.99 12.01 -44.26
C LEU C 21 4.13 11.36 -45.64
N ALA C 22 3.14 11.58 -46.51
CA ALA C 22 3.22 11.02 -47.86
C ALA C 22 4.38 11.63 -48.66
N GLU C 23 4.72 12.89 -48.39
CA GLU C 23 5.88 13.50 -49.03
C GLU C 23 7.17 12.82 -48.61
N VAL C 24 7.24 12.38 -47.36
CA VAL C 24 8.39 11.58 -46.93
C VAL C 24 8.38 10.25 -47.70
N GLY C 25 7.20 9.67 -47.87
CA GLY C 25 7.07 8.44 -48.61
C GLY C 25 7.53 8.57 -50.07
N LYS C 26 7.21 9.69 -50.70
CA LYS C 26 7.66 9.92 -52.09
C LYS C 26 9.19 9.99 -52.17
N LYS C 27 9.82 10.56 -51.16
CA LYS C 27 11.28 10.63 -51.16
C LYS C 27 11.87 9.25 -50.95
N PHE C 28 11.26 8.47 -50.06
CA PHE C 28 11.70 7.10 -49.85
C PHE C 28 11.57 6.32 -51.17
N GLU C 29 10.47 6.50 -51.88
CA GLU C 29 10.27 5.78 -53.15
C GLU C 29 11.35 6.15 -54.17
N LYS C 30 11.68 7.43 -54.21
CA LYS C 30 12.68 7.94 -55.16
C LYS C 30 14.03 7.28 -54.95
N ASP C 31 14.41 7.08 -53.68
CA ASP C 31 15.72 6.52 -53.33
C ASP C 31 15.75 4.99 -53.48
N THR C 32 14.65 4.34 -53.15
CA THR C 32 14.66 2.87 -53.03
C THR C 32 13.84 2.10 -54.07
N GLY C 33 12.89 2.77 -54.71
CA GLY C 33 11.97 2.10 -55.61
C GLY C 33 10.75 1.52 -54.91
N ILE C 34 10.68 1.63 -53.58
CA ILE C 34 9.53 1.10 -52.85
C ILE C 34 8.47 2.17 -52.64
N LYS C 35 7.30 1.91 -53.19
CA LYS C 35 6.18 2.83 -53.02
C LYS C 35 5.77 2.88 -51.54
N VAL C 36 5.39 4.07 -51.07
CA VAL C 36 4.82 4.19 -49.74
C VAL C 36 3.41 4.75 -49.84
N THR C 37 2.45 4.01 -49.30
CA THR C 37 1.06 4.45 -49.35
C THR C 37 0.58 4.78 -47.94
N VAL C 38 0.12 6.00 -47.76
CA VAL C 38 -0.33 6.45 -46.46
C VAL C 38 -1.85 6.51 -46.42
N GLU C 39 -2.43 5.80 -45.48
CA GLU C 39 -3.88 5.76 -45.32
C GLU C 39 -4.25 6.23 -43.94
N HIS C 40 -5.46 6.76 -43.80
CA HIS C 40 -5.95 7.14 -42.48
C HIS C 40 -7.34 6.55 -42.23
N PRO C 41 -7.40 5.22 -42.04
CA PRO C 41 -8.69 4.56 -41.84
C PRO C 41 -9.40 5.06 -40.58
N ASP C 42 -10.73 4.96 -40.56
CA ASP C 42 -11.50 5.10 -39.34
C ASP C 42 -11.19 3.96 -38.36
N LYS C 43 -11.17 4.29 -37.07
CA LYS C 43 -10.95 3.32 -36.00
C LYS C 43 -9.75 2.41 -36.26
N LEU C 44 -8.69 2.98 -36.82
CA LEU C 44 -7.53 2.20 -37.24
C LEU C 44 -6.93 1.42 -36.08
N GLU C 45 -7.03 1.98 -34.87
CA GLU C 45 -6.40 1.39 -33.71
C GLU C 45 -7.17 0.14 -33.25
N GLU C 46 -8.44 0.06 -33.62
CA GLU C 46 -9.27 -1.11 -33.36
C GLU C 46 -9.15 -2.14 -34.48
N LYS C 47 -9.04 -1.64 -35.71
CA LYS C 47 -8.89 -2.51 -36.88
C LYS C 47 -7.57 -3.27 -36.87
N PHE C 48 -6.50 -2.62 -36.41
CA PHE C 48 -5.16 -3.22 -36.50
C PHE C 48 -5.08 -4.59 -35.85
N PRO C 49 -5.53 -4.72 -34.58
CA PRO C 49 -5.36 -6.08 -34.04
C PRO C 49 -6.26 -7.13 -34.71
N GLN C 50 -7.26 -6.73 -35.48
CA GLN C 50 -8.08 -7.75 -36.12
C GLN C 50 -7.79 -8.00 -37.60
N VAL C 51 -6.85 -7.25 -38.19
CA VAL C 51 -6.45 -7.54 -39.59
C VAL C 51 -4.95 -7.52 -39.82
N ALA C 52 -4.17 -7.40 -38.74
CA ALA C 52 -2.73 -7.18 -38.87
C ALA C 52 -2.03 -8.23 -39.72
N ALA C 53 -2.38 -9.50 -39.56
CA ALA C 53 -1.68 -10.56 -40.29
C ALA C 53 -2.39 -10.95 -41.59
N THR C 54 -3.47 -10.23 -41.92
CA THR C 54 -4.10 -10.41 -43.22
C THR C 54 -3.32 -9.60 -44.26
N GLY C 55 -3.78 -9.65 -45.50
CA GLY C 55 -3.16 -8.87 -46.54
C GLY C 55 -3.49 -7.39 -46.48
N ASP C 56 -4.48 -7.02 -45.67
CA ASP C 56 -4.90 -5.63 -45.58
C ASP C 56 -4.30 -4.87 -44.40
N GLY C 57 -3.44 -5.53 -43.61
CA GLY C 57 -2.80 -4.86 -42.49
C GLY C 57 -1.73 -3.90 -42.98
N PRO C 58 -1.50 -2.80 -42.24
CA PRO C 58 -0.41 -1.89 -42.63
C PRO C 58 0.94 -2.48 -42.26
N ASP C 59 1.98 -2.05 -42.94
CA ASP C 59 3.33 -2.41 -42.57
C ASP C 59 3.78 -1.61 -41.33
N ILE C 60 3.31 -0.37 -41.27
CA ILE C 60 3.63 0.56 -40.19
C ILE C 60 2.33 1.12 -39.62
N ILE C 61 2.15 1.07 -38.31
CA ILE C 61 0.98 1.70 -37.72
C ILE C 61 1.40 2.82 -36.76
N PHE C 62 0.79 3.99 -36.95
CA PHE C 62 0.97 5.12 -36.05
C PHE C 62 -0.19 5.26 -35.06
N TRP C 63 0.15 5.51 -33.80
CA TRP C 63 -0.82 5.87 -32.78
C TRP C 63 -0.06 6.43 -31.59
N ALA C 64 -0.75 7.00 -30.61
CA ALA C 64 -0.09 7.30 -29.35
C ALA C 64 0.36 5.96 -28.74
N HIS C 65 1.46 6.01 -27.99
CA HIS C 65 2.12 4.82 -27.45
C HIS C 65 1.25 3.96 -26.55
N ASP C 66 0.17 4.53 -26.01
CA ASP C 66 -0.67 3.78 -25.06
C ASP C 66 -1.33 2.53 -25.64
N ARG C 67 -1.52 2.48 -26.96
CA ARG C 67 -2.07 1.25 -27.59
C ARG C 67 -1.08 0.10 -27.73
N PHE C 68 0.21 0.40 -27.70
CA PHE C 68 1.19 -0.53 -28.27
C PHE C 68 1.52 -1.74 -27.39
N GLY C 69 1.42 -1.63 -26.07
CA GLY C 69 1.67 -2.79 -25.22
C GLY C 69 0.67 -3.91 -25.46
N GLY C 70 -0.59 -3.55 -25.66
CA GLY C 70 -1.60 -4.51 -26.04
C GLY C 70 -1.28 -5.22 -27.36
N TYR C 71 -0.84 -4.45 -28.35
CA TYR C 71 -0.44 -5.02 -29.65
C TYR C 71 0.75 -5.96 -29.46
N ALA C 72 1.68 -5.51 -28.63
CA ALA C 72 2.92 -6.25 -28.37
C ALA C 72 2.63 -7.59 -27.67
N GLN C 73 1.75 -7.54 -26.68
CA GLN C 73 1.33 -8.74 -25.95
C GLN C 73 0.64 -9.76 -26.86
N SER C 74 -0.11 -9.28 -27.84
CA SER C 74 -0.77 -10.14 -28.81
C SER C 74 0.19 -10.63 -29.91
N GLY C 75 1.46 -10.19 -29.84
CA GLY C 75 2.46 -10.61 -30.79
C GLY C 75 2.40 -9.94 -32.16
N LEU C 76 1.75 -8.78 -32.23
CA LEU C 76 1.49 -8.14 -33.50
C LEU C 76 2.62 -7.24 -34.01
N LEU C 77 3.62 -6.98 -33.17
CA LEU C 77 4.66 -6.00 -33.48
C LEU C 77 6.05 -6.60 -33.56
N ALA C 78 6.82 -6.17 -34.56
CA ALA C 78 8.24 -6.51 -34.63
C ALA C 78 8.97 -5.76 -33.53
N GLU C 79 9.94 -6.41 -32.90
CA GLU C 79 10.78 -5.70 -31.91
C GLU C 79 11.71 -4.72 -32.61
N ILE C 80 11.80 -3.50 -32.10
CA ILE C 80 12.76 -2.65 -32.77
C ILE C 80 14.02 -2.51 -31.93
N THR C 81 15.13 -2.56 -32.65
CA THR C 81 16.45 -2.68 -32.07
C THR C 81 17.37 -1.69 -32.77
N PRO C 82 17.16 -0.39 -32.54
CA PRO C 82 18.04 0.55 -33.24
C PRO C 82 19.44 0.52 -32.65
N ALA C 83 20.41 0.90 -33.48
CA ALA C 83 21.77 1.06 -33.00
C ALA C 83 21.83 2.12 -31.90
N ALA C 84 22.86 2.03 -31.08
CA ALA C 84 23.04 2.94 -29.96
C ALA C 84 23.08 4.39 -30.44
N ALA C 85 23.68 4.62 -31.60
CA ALA C 85 23.82 5.98 -32.12
C ALA C 85 22.49 6.56 -32.57
N PHE C 86 21.60 5.72 -33.10
CA PHE C 86 20.29 6.24 -33.44
C PHE C 86 19.47 6.51 -32.16
N GLN C 87 19.58 5.63 -31.18
CA GLN C 87 18.83 5.84 -29.94
C GLN C 87 19.22 7.18 -29.30
N ASP C 88 20.49 7.52 -29.37
CA ASP C 88 21.02 8.80 -28.89
C ASP C 88 20.42 10.05 -29.58
N LYS C 89 19.83 9.87 -30.75
CA LYS C 89 19.24 11.00 -31.48
C LYS C 89 17.90 11.44 -30.88
N LEU C 90 17.30 10.57 -30.09
CA LEU C 90 15.93 10.79 -29.61
C LEU C 90 15.94 10.95 -28.09
N TYR C 91 15.01 11.73 -27.54
CA TYR C 91 14.99 11.95 -26.09
C TYR C 91 14.70 10.64 -25.34
N PRO C 92 15.54 10.32 -24.33
CA PRO C 92 15.37 9.17 -23.44
C PRO C 92 13.95 9.04 -22.91
N PHE C 93 13.34 10.17 -22.61
CA PHE C 93 11.95 10.24 -22.18
C PHE C 93 11.02 9.56 -23.18
N THR C 94 11.26 9.77 -24.47
CA THR C 94 10.32 9.27 -25.47
C THR C 94 10.56 7.77 -25.71
N TRP C 95 11.81 7.30 -25.61
CA TRP C 95 12.08 5.86 -25.69
C TRP C 95 11.38 5.11 -24.56
N ASP C 96 11.38 5.70 -23.37
CA ASP C 96 10.69 5.13 -22.21
C ASP C 96 9.22 4.84 -22.50
N ALA C 97 8.57 5.73 -23.26
CA ALA C 97 7.17 5.56 -23.59
C ALA C 97 6.91 4.32 -24.44
N VAL C 98 7.89 3.92 -25.27
CA VAL C 98 7.67 2.81 -26.17
C VAL C 98 8.42 1.55 -25.73
N ARG C 99 8.81 1.51 -24.45
CA ARG C 99 9.43 0.32 -23.88
C ARG C 99 8.39 -0.49 -23.14
N TYR C 100 8.36 -1.80 -23.40
CA TYR C 100 7.37 -2.66 -22.79
C TYR C 100 8.02 -3.99 -22.48
N ASN C 101 7.99 -4.36 -21.21
CA ASN C 101 8.66 -5.57 -20.73
C ASN C 101 10.10 -5.62 -21.19
N GLY C 102 10.78 -4.49 -21.06
CA GLY C 102 12.21 -4.37 -21.35
C GLY C 102 12.57 -4.29 -22.83
N LYS C 103 11.58 -4.37 -23.72
CA LYS C 103 11.84 -4.27 -25.15
C LYS C 103 11.21 -3.02 -25.76
N LEU C 104 11.89 -2.46 -26.76
CA LEU C 104 11.32 -1.36 -27.56
C LEU C 104 10.35 -1.93 -28.59
N ILE C 105 9.13 -1.39 -28.63
CA ILE C 105 8.09 -1.95 -29.47
C ILE C 105 7.57 -0.98 -30.52
N ALA C 106 8.17 0.20 -30.57
CA ALA C 106 7.82 1.21 -31.57
C ALA C 106 8.88 2.31 -31.61
N TYR C 107 8.82 3.13 -32.66
CA TYR C 107 9.67 4.33 -32.72
C TYR C 107 8.88 5.53 -32.20
N PRO C 108 9.44 6.26 -31.22
CA PRO C 108 8.72 7.44 -30.74
C PRO C 108 8.90 8.59 -31.70
N ILE C 109 7.86 9.39 -31.92
CA ILE C 109 7.91 10.46 -32.92
C ILE C 109 7.80 11.85 -32.28
N ALA C 110 6.82 12.01 -31.40
CA ALA C 110 6.52 13.33 -30.83
C ALA C 110 5.71 13.26 -29.55
N VAL C 111 5.99 14.21 -28.64
CA VAL C 111 5.25 14.34 -27.39
C VAL C 111 4.03 15.23 -27.55
N GLU C 112 2.86 14.68 -27.22
CA GLU C 112 1.58 15.39 -27.30
C GLU C 112 1.00 15.63 -25.94
N ALA C 113 0.60 16.88 -25.67
CA ALA C 113 -0.13 17.21 -24.46
C ALA C 113 -1.20 18.22 -24.80
N LEU C 114 -2.36 18.07 -24.17
CA LEU C 114 -3.41 19.06 -24.28
C LEU C 114 -3.00 20.37 -23.63
N SER C 115 -3.41 21.47 -24.24
CA SER C 115 -3.21 22.79 -23.67
C SER C 115 -4.51 23.55 -23.70
N LEU C 116 -4.58 24.63 -22.93
CA LEU C 116 -5.66 25.60 -23.05
C LEU C 116 -5.35 26.53 -24.23
N ILE C 117 -6.27 26.58 -25.19
CA ILE C 117 -6.14 27.44 -26.36
C ILE C 117 -7.22 28.49 -26.23
N TYR C 118 -6.85 29.76 -26.35
CA TYR C 118 -7.85 30.80 -26.11
C TYR C 118 -7.75 31.89 -27.18
N ASN C 119 -8.85 32.61 -27.34
CA ASN C 119 -8.98 33.66 -28.34
C ASN C 119 -8.50 34.98 -27.72
N LYS C 120 -7.33 35.44 -28.14
CA LYS C 120 -6.67 36.60 -27.52
C LYS C 120 -7.50 37.89 -27.68
N ASP C 121 -8.30 37.94 -28.73
CA ASP C 121 -9.16 39.10 -29.00
C ASP C 121 -10.38 39.17 -28.07
N LEU C 122 -10.97 38.01 -27.76
CA LEU C 122 -12.13 37.93 -26.87
C LEU C 122 -11.72 37.89 -25.41
N LEU C 123 -10.53 37.36 -25.15
CA LEU C 123 -10.12 37.06 -23.80
C LEU C 123 -8.61 37.30 -23.64
N PRO C 124 -8.23 38.56 -23.40
CA PRO C 124 -6.81 38.86 -23.28
C PRO C 124 -6.12 38.17 -22.10
N ASN C 125 -6.81 38.00 -20.98
CA ASN C 125 -6.25 37.29 -19.84
C ASN C 125 -7.05 36.03 -19.50
N PRO C 126 -6.61 34.86 -20.00
CA PRO C 126 -7.30 33.59 -19.76
C PRO C 126 -7.37 33.22 -18.27
N PRO C 127 -8.41 32.47 -17.87
CA PRO C 127 -8.57 32.10 -16.46
C PRO C 127 -7.48 31.14 -16.00
N LYS C 128 -6.94 31.38 -14.81
CA LYS C 128 -5.96 30.45 -14.24
C LYS C 128 -6.66 29.27 -13.53
N THR C 129 -7.93 29.41 -13.16
CA THR C 129 -8.65 28.31 -12.50
C THR C 129 -9.90 27.86 -13.24
N TRP C 130 -10.28 26.60 -13.03
CA TRP C 130 -11.55 26.08 -13.50
C TRP C 130 -12.72 26.75 -12.78
N GLU C 131 -12.52 27.03 -11.50
CA GLU C 131 -13.61 27.54 -10.65
C GLU C 131 -14.14 28.88 -11.12
N GLU C 132 -13.33 29.66 -11.83
CA GLU C 132 -13.79 30.97 -12.26
C GLU C 132 -14.46 30.91 -13.63
N ILE C 133 -14.50 29.74 -14.26
CA ILE C 133 -15.09 29.67 -15.59
C ILE C 133 -16.64 29.83 -15.64
N PRO C 134 -17.38 29.32 -14.64
CA PRO C 134 -18.82 29.67 -14.61
C PRO C 134 -19.10 31.20 -14.66
N ALA C 135 -18.41 31.97 -13.82
CA ALA C 135 -18.59 33.43 -13.80
C ALA C 135 -18.13 34.06 -15.12
N LEU C 136 -17.04 33.53 -15.66
CA LEU C 136 -16.52 33.99 -16.93
C LEU C 136 -17.52 33.70 -18.06
N ASP C 137 -18.11 32.51 -18.06
CA ASP C 137 -19.12 32.17 -19.06
C ASP C 137 -20.34 33.09 -18.94
N LYS C 138 -20.77 33.37 -17.73
CA LYS C 138 -21.91 34.26 -17.51
C LYS C 138 -21.64 35.64 -18.12
N GLU C 139 -20.44 36.15 -17.92
CA GLU C 139 -20.02 37.42 -18.50
C GLU C 139 -19.98 37.41 -20.04
N LEU C 140 -19.52 36.30 -20.62
CA LEU C 140 -19.42 36.18 -22.07
C LEU C 140 -20.78 35.90 -22.73
N LYS C 141 -21.69 35.26 -22.00
CA LYS C 141 -23.03 35.00 -22.53
C LYS C 141 -23.78 36.33 -22.71
N ALA C 142 -23.45 37.31 -21.87
CA ALA C 142 -24.00 38.66 -21.99
C ALA C 142 -23.47 39.37 -23.24
N LYS C 143 -22.38 38.86 -23.82
CA LYS C 143 -21.84 39.37 -25.07
C LYS C 143 -22.08 38.38 -26.21
N GLY C 144 -22.94 37.40 -25.97
CA GLY C 144 -23.28 36.43 -27.00
C GLY C 144 -22.18 35.45 -27.31
N LYS C 145 -21.27 35.25 -26.36
CA LYS C 145 -20.20 34.27 -26.53
C LYS C 145 -20.31 33.21 -25.42
N SER C 146 -19.57 32.12 -25.53
CA SER C 146 -19.42 31.19 -24.42
C SER C 146 -17.96 31.16 -23.96
N ALA C 147 -17.72 30.66 -22.74
CA ALA C 147 -16.37 30.60 -22.20
C ALA C 147 -15.51 29.55 -22.90
N LEU C 148 -16.04 28.33 -22.99
CA LEU C 148 -15.21 27.19 -23.32
C LEU C 148 -16.00 26.06 -23.97
N MET C 149 -15.46 25.55 -25.06
CA MET C 149 -16.00 24.35 -25.66
C MET C 149 -14.86 23.40 -26.05
N PHE C 150 -15.04 22.12 -25.71
CA PHE C 150 -14.08 21.12 -26.07
C PHE C 150 -14.75 19.73 -26.18
N ASN C 151 -14.10 18.81 -26.86
CA ASN C 151 -14.67 17.49 -27.09
C ASN C 151 -14.95 16.70 -25.81
N LEU C 152 -16.24 16.60 -25.46
CA LEU C 152 -16.66 15.86 -24.27
C LEU C 152 -16.91 14.38 -24.54
N GLN C 153 -16.76 13.93 -25.78
CA GLN C 153 -17.06 12.55 -26.14
C GLN C 153 -15.88 11.60 -25.87
N GLU C 154 -14.67 12.15 -25.91
CA GLU C 154 -13.46 11.38 -25.69
C GLU C 154 -12.86 11.72 -24.36
N PRO C 155 -12.67 10.70 -23.49
CA PRO C 155 -12.18 10.89 -22.13
C PRO C 155 -10.79 11.54 -22.07
N TYR C 156 -10.01 11.38 -23.15
CA TYR C 156 -8.74 12.07 -23.30
C TYR C 156 -8.82 13.56 -22.93
N PHE C 157 -9.93 14.19 -23.29
CA PHE C 157 -10.08 15.63 -23.11
C PHE C 157 -10.59 16.01 -21.71
N THR C 158 -11.38 15.15 -21.09
CA THR C 158 -11.90 15.42 -19.74
C THR C 158 -10.97 14.95 -18.64
N TRP C 159 -10.18 13.91 -18.93
CA TRP C 159 -9.22 13.38 -17.95
C TRP C 159 -8.33 14.41 -17.22
N PRO C 160 -7.78 15.42 -17.94
CA PRO C 160 -6.95 16.39 -17.20
C PRO C 160 -7.63 16.97 -15.96
N LEU C 161 -8.93 17.23 -16.04
CA LEU C 161 -9.71 17.75 -14.92
C LEU C 161 -10.04 16.64 -13.89
N ILE C 162 -10.34 15.44 -14.37
CA ILE C 162 -10.62 14.32 -13.46
C ILE C 162 -9.39 13.99 -12.61
N ALA C 163 -8.20 14.08 -13.20
CA ALA C 163 -6.97 13.74 -12.52
C ALA C 163 -6.35 14.86 -11.66
N ALA C 164 -6.80 16.09 -11.87
CA ALA C 164 -6.21 17.25 -11.17
C ALA C 164 -6.20 17.09 -9.64
N ASP C 165 -7.34 16.72 -9.07
CA ASP C 165 -7.42 16.63 -7.61
C ASP C 165 -7.14 15.22 -7.09
N GLY C 166 -6.78 14.29 -7.98
CA GLY C 166 -6.35 12.99 -7.50
C GLY C 166 -6.70 11.74 -8.29
N GLY C 167 -7.60 11.85 -9.27
CA GLY C 167 -7.93 10.69 -10.08
C GLY C 167 -6.69 10.11 -10.76
N TYR C 168 -6.62 8.79 -10.89
CA TYR C 168 -5.54 8.15 -11.62
C TYR C 168 -6.03 6.87 -12.28
N ALA C 169 -5.25 6.38 -13.24
CA ALA C 169 -5.61 5.19 -13.98
C ALA C 169 -5.18 3.97 -13.16
N PHE C 170 -3.94 3.58 -13.30
CA PHE C 170 -3.37 2.46 -12.54
C PHE C 170 -2.26 2.94 -11.63
N LYS C 171 -2.27 2.52 -10.37
CA LYS C 171 -1.21 2.91 -9.44
C LYS C 171 0.17 2.54 -9.99
N TYR C 172 1.07 3.51 -9.96
CA TYR C 172 2.42 3.35 -10.43
C TYR C 172 3.39 3.38 -9.26
N ALA C 173 4.35 2.47 -9.28
CA ALA C 173 5.37 2.41 -8.26
C ALA C 173 6.54 1.60 -8.81
N ALA C 174 7.72 2.19 -8.77
CA ALA C 174 8.96 1.50 -9.13
C ALA C 174 8.93 0.87 -10.52
N GLY C 175 8.59 1.66 -11.53
CA GLY C 175 8.60 1.21 -12.91
C GLY C 175 7.43 0.33 -13.31
N LYS C 176 6.52 0.06 -12.37
CA LYS C 176 5.47 -0.91 -12.58
C LYS C 176 4.06 -0.41 -12.34
N TYR C 177 3.13 -0.80 -13.21
CA TYR C 177 1.71 -0.44 -13.03
C TYR C 177 0.93 -1.58 -12.39
N ASP C 178 0.24 -1.23 -11.31
CA ASP C 178 -0.54 -2.20 -10.56
CA ASP C 178 -0.56 -2.17 -10.53
C ASP C 178 -1.94 -2.27 -11.16
N ILE C 179 -2.19 -3.31 -11.96
CA ILE C 179 -3.39 -3.34 -12.78
C ILE C 179 -4.68 -3.64 -12.03
N LYS C 180 -4.61 -3.91 -10.73
CA LYS C 180 -5.84 -4.03 -9.96
C LYS C 180 -6.00 -2.88 -8.95
N ASP C 181 -5.19 -1.83 -9.09
CA ASP C 181 -5.34 -0.64 -8.24
C ASP C 181 -5.73 0.53 -9.13
N VAL C 182 -7.03 0.76 -9.27
CA VAL C 182 -7.56 1.75 -10.21
C VAL C 182 -8.01 2.98 -9.43
N GLY C 183 -7.73 4.17 -9.95
CA GLY C 183 -8.03 5.39 -9.21
C GLY C 183 -9.06 6.32 -9.81
N VAL C 184 -10.01 5.78 -10.57
CA VAL C 184 -10.99 6.62 -11.23
C VAL C 184 -12.20 6.89 -10.34
N ASP C 185 -12.22 6.30 -9.15
CA ASP C 185 -13.38 6.47 -8.29
C ASP C 185 -13.00 6.96 -6.88
N ASN C 186 -11.87 7.66 -6.74
CA ASN C 186 -11.52 8.23 -5.44
C ASN C 186 -12.09 9.65 -5.29
N ALA C 187 -11.77 10.30 -4.17
CA ALA C 187 -12.32 11.61 -3.87
C ALA C 187 -12.01 12.62 -4.98
N GLY C 188 -10.76 12.62 -5.44
CA GLY C 188 -10.29 13.54 -6.46
C GLY C 188 -10.99 13.40 -7.81
N ALA C 189 -11.10 12.15 -8.29
CA ALA C 189 -11.81 11.85 -9.52
C ALA C 189 -13.27 12.29 -9.46
N LYS C 190 -13.91 11.97 -8.34
CA LYS C 190 -15.31 12.35 -8.13
C LYS C 190 -15.48 13.87 -8.14
N ALA C 191 -14.59 14.57 -7.46
CA ALA C 191 -14.62 16.03 -7.41
C ALA C 191 -14.46 16.64 -8.80
N GLY C 192 -13.54 16.11 -9.59
CA GLY C 192 -13.28 16.64 -10.93
C GLY C 192 -14.44 16.41 -11.87
N LEU C 193 -14.98 15.20 -11.90
CA LEU C 193 -16.11 14.89 -12.75
C LEU C 193 -17.38 15.63 -12.32
N THR C 194 -17.55 15.81 -11.01
CA THR C 194 -18.69 16.57 -10.52
C THR C 194 -18.62 18.02 -11.01
N PHE C 195 -17.42 18.59 -11.04
CA PHE C 195 -17.28 19.97 -11.52
C PHE C 195 -17.68 20.04 -12.98
N LEU C 196 -17.28 19.03 -13.75
CA LEU C 196 -17.63 18.96 -15.17
C LEU C 196 -19.13 18.82 -15.38
N VAL C 197 -19.76 17.94 -14.60
CA VAL C 197 -21.21 17.77 -14.68
C VAL C 197 -21.94 19.04 -14.24
N ASP C 198 -21.46 19.69 -13.19
CA ASP C 198 -22.08 20.92 -12.74
C ASP C 198 -21.96 22.03 -13.79
N LEU C 199 -20.83 22.07 -14.51
CA LEU C 199 -20.68 23.02 -15.62
C LEU C 199 -21.80 22.82 -16.65
N ILE C 200 -22.10 21.57 -16.93
CA ILE C 200 -23.15 21.22 -17.87
C ILE C 200 -24.54 21.51 -17.29
N LYS C 201 -24.78 21.12 -16.04
CA LYS C 201 -26.09 21.37 -15.41
C LYS C 201 -26.43 22.85 -15.37
N ASN C 202 -25.41 23.67 -15.19
CA ASN C 202 -25.59 25.11 -15.09
C ASN C 202 -25.47 25.78 -16.45
N LYS C 203 -25.52 24.97 -17.51
CA LYS C 203 -25.53 25.44 -18.90
C LYS C 203 -24.27 26.22 -19.32
N HIS C 204 -23.14 25.91 -18.71
CA HIS C 204 -21.90 26.50 -19.19
C HIS C 204 -21.25 25.60 -20.25
N MET C 205 -21.82 24.40 -20.42
CA MET C 205 -21.42 23.45 -21.47
C MET C 205 -22.55 22.50 -21.86
N ASN C 206 -22.44 21.97 -23.07
CA ASN C 206 -23.41 20.99 -23.57
C ASN C 206 -22.79 19.61 -23.64
N ALA C 207 -23.47 18.64 -23.04
CA ALA C 207 -22.97 17.27 -22.96
C ALA C 207 -22.72 16.64 -24.33
N ASP C 208 -23.30 17.22 -25.39
CA ASP C 208 -23.16 16.66 -26.73
C ASP C 208 -21.99 17.24 -27.53
N THR C 209 -21.35 18.28 -27.01
CA THR C 209 -20.19 18.87 -27.69
C THR C 209 -19.15 17.79 -28.01
N ASP C 210 -18.78 17.70 -29.28
CA ASP C 210 -17.79 16.72 -29.71
C ASP C 210 -16.64 17.49 -30.35
N TYR C 211 -15.73 16.78 -31.00
CA TYR C 211 -14.54 17.42 -31.58
C TYR C 211 -14.86 18.46 -32.66
N SER C 212 -15.65 18.09 -33.65
CA SER C 212 -16.00 19.00 -34.75
C SER C 212 -16.72 20.26 -34.27
N ILE C 213 -17.71 20.08 -33.39
CA ILE C 213 -18.51 21.18 -32.85
C ILE C 213 -17.64 22.19 -32.09
N ALA C 214 -16.77 21.68 -31.21
CA ALA C 214 -15.90 22.56 -30.44
C ALA C 214 -14.91 23.28 -31.34
N GLU C 215 -14.34 22.54 -32.29
CA GLU C 215 -13.35 23.13 -33.19
C GLU C 215 -13.98 24.22 -34.05
N ALA C 216 -15.15 23.94 -34.61
CA ALA C 216 -15.85 24.93 -35.42
C ALA C 216 -16.20 26.18 -34.61
N ALA C 217 -16.73 25.98 -33.41
CA ALA C 217 -17.10 27.08 -32.53
C ALA C 217 -15.92 28.00 -32.18
N PHE C 218 -14.78 27.41 -31.81
CA PHE C 218 -13.62 28.20 -31.47
C PHE C 218 -13.02 28.90 -32.70
N ASN C 219 -12.96 28.18 -33.81
CA ASN C 219 -12.28 28.69 -35.00
C ASN C 219 -13.14 29.71 -35.74
N LYS C 220 -14.41 29.80 -35.37
CA LYS C 220 -15.30 30.86 -35.91
C LYS C 220 -15.55 31.98 -34.89
N GLY C 221 -14.80 31.98 -33.79
CA GLY C 221 -14.86 33.05 -32.82
C GLY C 221 -16.10 33.06 -31.96
N GLU C 222 -16.74 31.90 -31.80
CA GLU C 222 -17.98 31.83 -31.04
C GLU C 222 -17.76 31.51 -29.57
N THR C 223 -16.66 30.81 -29.27
CA THR C 223 -16.33 30.47 -27.88
C THR C 223 -14.91 30.98 -27.62
N ALA C 224 -14.63 31.40 -26.39
CA ALA C 224 -13.38 32.09 -26.10
C ALA C 224 -12.22 31.12 -25.88
N MET C 225 -12.55 29.86 -25.58
CA MET C 225 -11.52 28.90 -25.25
C MET C 225 -11.86 27.52 -25.75
N THR C 226 -10.82 26.72 -25.99
CA THR C 226 -10.99 25.31 -26.28
C THR C 226 -9.82 24.55 -25.63
N ILE C 227 -9.88 23.22 -25.68
CA ILE C 227 -8.81 22.38 -25.15
C ILE C 227 -8.45 21.41 -26.26
N ASN C 228 -7.20 21.47 -26.70
CA ASN C 228 -6.74 20.63 -27.78
C ASN C 228 -5.23 20.47 -27.84
N GLY C 229 -4.77 19.54 -28.68
CA GLY C 229 -3.37 19.24 -28.83
C GLY C 229 -2.78 19.94 -30.04
N PRO C 230 -1.47 19.80 -30.26
CA PRO C 230 -0.72 20.52 -31.30
C PRO C 230 -1.26 20.33 -32.71
N TRP C 231 -1.85 19.17 -32.99
CA TRP C 231 -2.37 18.88 -34.34
C TRP C 231 -3.47 19.84 -34.77
N ALA C 232 -4.12 20.48 -33.80
CA ALA C 232 -5.24 21.37 -34.08
C ALA C 232 -4.83 22.78 -34.44
N TRP C 233 -3.58 23.14 -34.16
CA TRP C 233 -3.10 24.51 -34.38
C TRP C 233 -3.23 24.90 -35.86
N SER C 234 -3.04 23.92 -36.74
CA SER C 234 -3.02 24.18 -38.18
C SER C 234 -4.33 24.82 -38.63
N ASN C 235 -5.44 24.21 -38.25
CA ASN C 235 -6.75 24.73 -38.63
C ASN C 235 -7.05 26.09 -38.02
N ILE C 236 -6.52 26.34 -36.82
CA ILE C 236 -6.75 27.66 -36.20
C ILE C 236 -5.97 28.71 -36.95
N ASP C 237 -4.76 28.36 -37.39
CA ASP C 237 -3.95 29.25 -38.22
C ASP C 237 -4.74 29.75 -39.43
N THR C 238 -5.43 28.84 -40.10
CA THR C 238 -6.16 29.18 -41.32
C THR C 238 -7.37 30.05 -41.01
N SER C 239 -7.91 29.93 -39.80
CA SER C 239 -9.03 30.78 -39.39
C SER C 239 -8.58 32.21 -39.11
N ALA C 240 -9.54 33.06 -38.74
CA ALA C 240 -9.27 34.45 -38.43
C ALA C 240 -8.88 34.66 -36.98
N VAL C 241 -8.74 33.57 -36.23
CA VAL C 241 -8.63 33.69 -34.78
C VAL C 241 -7.18 33.93 -34.36
N ASN C 242 -6.99 35.00 -33.59
CA ASN C 242 -5.71 35.27 -32.94
C ASN C 242 -5.70 34.52 -31.62
N TYR C 243 -4.97 33.40 -31.57
CA TYR C 243 -5.04 32.50 -30.43
C TYR C 243 -3.74 32.43 -29.64
N GLY C 244 -3.87 32.00 -28.39
CA GLY C 244 -2.73 31.73 -27.54
C GLY C 244 -2.84 30.30 -27.04
N VAL C 245 -1.69 29.71 -26.72
CA VAL C 245 -1.64 28.36 -26.17
C VAL C 245 -0.99 28.46 -24.80
N THR C 246 -1.68 27.99 -23.76
CA THR C 246 -1.25 28.23 -22.40
C THR C 246 -1.55 27.08 -21.44
N VAL C 247 -1.18 27.27 -20.18
CA VAL C 247 -1.45 26.29 -19.11
C VAL C 247 -2.92 26.03 -18.96
N LEU C 248 -3.26 24.76 -18.74
CA LEU C 248 -4.60 24.38 -18.38
C LEU C 248 -4.96 25.01 -17.05
N PRO C 249 -6.26 25.32 -16.85
CA PRO C 249 -6.67 25.92 -15.58
C PRO C 249 -6.44 24.94 -14.42
N THR C 250 -6.22 25.45 -13.21
CA THR C 250 -6.07 24.58 -12.05
C THR C 250 -7.44 24.18 -11.53
N PHE C 251 -7.49 23.11 -10.74
CA PHE C 251 -8.72 22.71 -10.07
C PHE C 251 -8.41 22.44 -8.61
N LYS C 252 -9.12 23.11 -7.71
CA LYS C 252 -8.87 23.07 -6.27
C LYS C 252 -7.41 23.34 -5.99
N GLY C 253 -6.86 24.31 -6.73
CA GLY C 253 -5.48 24.73 -6.53
C GLY C 253 -4.43 23.86 -7.20
N GLN C 254 -4.85 22.74 -7.78
CA GLN C 254 -3.93 21.77 -8.38
C GLN C 254 -3.93 21.86 -9.90
N PRO C 255 -2.75 21.69 -10.53
CA PRO C 255 -2.73 21.72 -12.00
C PRO C 255 -3.60 20.63 -12.60
N SER C 256 -4.21 20.94 -13.73
CA SER C 256 -4.81 19.90 -14.56
C SER C 256 -3.69 18.97 -15.02
N LYS C 257 -4.00 17.67 -15.06
CA LYS C 257 -3.00 16.64 -15.32
C LYS C 257 -3.41 15.84 -16.56
N PRO C 258 -3.03 16.34 -17.75
CA PRO C 258 -3.38 15.63 -18.98
C PRO C 258 -2.65 14.30 -19.09
N PHE C 259 -3.25 13.29 -19.71
CA PHE C 259 -2.46 12.11 -20.05
C PHE C 259 -1.63 12.42 -21.29
N VAL C 260 -0.31 12.34 -21.15
CA VAL C 260 0.62 12.67 -22.22
C VAL C 260 0.77 11.50 -23.20
N GLY C 261 0.65 11.77 -24.48
CA GLY C 261 0.78 10.74 -25.48
C GLY C 261 2.04 10.96 -26.28
N VAL C 262 2.74 9.87 -26.58
CA VAL C 262 3.86 9.98 -27.52
C VAL C 262 3.43 9.34 -28.84
N LEU C 263 3.29 10.16 -29.88
CA LEU C 263 3.00 9.61 -31.21
C LEU C 263 4.12 8.64 -31.56
N SER C 264 3.75 7.40 -31.88
CA SER C 264 4.70 6.33 -32.08
C SER C 264 4.41 5.54 -33.35
N ALA C 265 5.44 4.92 -33.91
CA ALA C 265 5.28 4.12 -35.11
C ALA C 265 5.81 2.70 -34.88
N GLY C 266 4.90 1.73 -34.96
CA GLY C 266 5.24 0.33 -34.78
C GLY C 266 5.30 -0.36 -36.13
N ILE C 267 6.07 -1.45 -36.18
CA ILE C 267 6.21 -2.22 -37.41
C ILE C 267 5.46 -3.55 -37.22
N ASN C 268 4.63 -3.89 -38.19
CA ASN C 268 3.87 -5.15 -38.21
C ASN C 268 4.79 -6.39 -38.17
N ALA C 269 4.59 -7.26 -37.18
CA ALA C 269 5.37 -8.48 -37.09
C ALA C 269 5.18 -9.38 -38.33
N ALA C 270 4.09 -9.16 -39.06
CA ALA C 270 3.79 -9.96 -40.26
C ALA C 270 4.22 -9.29 -41.57
N SER C 271 4.86 -8.14 -41.49
CA SER C 271 5.26 -7.43 -42.70
C SER C 271 6.41 -8.17 -43.38
N PRO C 272 6.36 -8.31 -44.70
CA PRO C 272 7.47 -8.90 -45.43
C PRO C 272 8.60 -7.91 -45.71
N ASN C 273 8.44 -6.67 -45.27
CA ASN C 273 9.46 -5.65 -45.48
C ASN C 273 9.84 -4.91 -44.20
N LYS C 274 10.19 -5.66 -43.18
CA LYS C 274 10.42 -5.04 -41.88
C LYS C 274 11.62 -4.10 -41.88
N GLU C 275 12.70 -4.50 -42.54
CA GLU C 275 13.93 -3.71 -42.54
C GLU C 275 13.72 -2.44 -43.36
N LEU C 276 12.96 -2.51 -44.44
CA LEU C 276 12.59 -1.33 -45.23
C LEU C 276 11.77 -0.35 -44.39
N ALA C 277 10.83 -0.88 -43.61
CA ALA C 277 10.06 -0.06 -42.67
C ALA C 277 10.96 0.68 -41.68
N LYS C 278 11.97 -0.02 -41.16
CA LYS C 278 12.94 0.56 -40.23
C LYS C 278 13.76 1.64 -40.89
N GLU C 279 14.13 1.40 -42.15
CA GLU C 279 14.87 2.41 -42.90
C GLU C 279 14.03 3.65 -43.06
N PHE C 280 12.78 3.46 -43.46
CA PHE C 280 11.88 4.59 -43.66
C PHE C 280 11.75 5.43 -42.38
N LEU C 281 11.54 4.77 -41.25
CA LEU C 281 11.30 5.48 -39.99
C LEU C 281 12.57 6.13 -39.43
N GLU C 282 13.67 5.39 -39.39
CA GLU C 282 14.93 5.92 -38.85
C GLU C 282 15.57 6.98 -39.73
N ASN C 283 15.73 6.68 -41.01
CA ASN C 283 16.56 7.51 -41.87
C ASN C 283 15.79 8.41 -42.83
N TYR C 284 14.46 8.34 -42.83
CA TYR C 284 13.69 9.27 -43.65
C TYR C 284 12.74 10.13 -42.82
N LEU C 285 11.91 9.51 -41.97
CA LEU C 285 10.99 10.29 -41.13
C LEU C 285 11.73 11.01 -39.98
N LEU C 286 12.47 10.25 -39.16
CA LEU C 286 13.13 10.87 -38.01
C LEU C 286 14.39 11.63 -38.41
N THR C 287 14.17 12.61 -39.27
CA THR C 287 15.21 13.54 -39.69
C THR C 287 14.58 14.93 -39.60
N ASP C 288 15.40 15.98 -39.61
CA ASP C 288 14.85 17.34 -39.64
C ASP C 288 13.81 17.48 -40.77
N GLU C 289 14.21 17.05 -41.96
CA GLU C 289 13.41 17.25 -43.17
C GLU C 289 12.10 16.47 -43.12
N GLY C 290 12.19 15.20 -42.71
CA GLY C 290 11.01 14.36 -42.64
C GLY C 290 10.00 14.88 -41.63
N LEU C 291 10.48 15.24 -40.44
CA LEU C 291 9.59 15.73 -39.40
C LEU C 291 9.01 17.09 -39.77
N GLU C 292 9.83 17.94 -40.40
CA GLU C 292 9.35 19.23 -40.88
C GLU C 292 8.18 19.08 -41.86
N ALA C 293 8.29 18.12 -42.78
CA ALA C 293 7.22 17.89 -43.76
C ALA C 293 5.91 17.52 -43.07
N VAL C 294 5.98 16.59 -42.12
CA VAL C 294 4.78 16.25 -41.36
C VAL C 294 4.33 17.45 -40.51
N ASN C 295 5.25 18.06 -39.79
CA ASN C 295 4.94 19.15 -38.87
C ASN C 295 4.28 20.36 -39.57
N LYS C 296 4.72 20.65 -40.79
CA LYS C 296 4.14 21.76 -41.56
C LYS C 296 2.70 21.46 -42.00
N ASP C 297 2.36 20.17 -42.11
CA ASP C 297 1.02 19.74 -42.43
C ASP C 297 0.13 19.91 -41.19
N LYS C 298 0.37 19.08 -40.17
CA LYS C 298 -0.23 19.25 -38.85
C LYS C 298 0.89 19.19 -37.79
N PRO C 299 0.97 20.21 -36.93
CA PRO C 299 2.07 20.21 -35.96
C PRO C 299 2.11 18.94 -35.09
N LEU C 300 3.31 18.45 -34.87
CA LEU C 300 3.55 17.21 -34.12
C LEU C 300 3.53 17.38 -32.60
N GLY C 301 3.82 18.59 -32.12
CA GLY C 301 4.07 18.80 -30.71
C GLY C 301 5.58 18.86 -30.51
N ALA C 302 6.05 18.43 -29.35
CA ALA C 302 7.48 18.41 -29.08
C ALA C 302 8.11 17.13 -29.60
N VAL C 303 8.87 17.24 -30.69
CA VAL C 303 9.29 16.03 -31.41
C VAL C 303 10.39 15.27 -30.68
N ALA C 304 10.45 13.96 -30.93
CA ALA C 304 11.35 13.11 -30.16
C ALA C 304 12.79 13.32 -30.62
N LEU C 305 12.95 13.79 -31.86
CA LEU C 305 14.27 14.04 -32.43
C LEU C 305 14.86 15.34 -31.87
N LYS C 306 15.96 15.20 -31.14
CA LYS C 306 16.60 16.31 -30.44
C LYS C 306 16.96 17.47 -31.37
N SER C 307 17.57 17.16 -32.52
CA SER C 307 18.08 18.23 -33.37
C SER C 307 16.94 19.12 -33.88
N TYR C 308 15.81 18.53 -34.24
CA TYR C 308 14.69 19.30 -34.73
C TYR C 308 13.89 19.95 -33.58
N GLU C 309 13.80 19.25 -32.46
CA GLU C 309 13.16 19.83 -31.27
C GLU C 309 13.88 21.09 -30.80
N GLU C 310 15.21 21.11 -30.91
CA GLU C 310 15.97 22.31 -30.52
C GLU C 310 15.61 23.48 -31.41
N GLU C 311 15.20 23.20 -32.64
CA GLU C 311 14.70 24.25 -33.53
C GLU C 311 13.29 24.69 -33.13
N LEU C 312 12.43 23.72 -32.80
CA LEU C 312 11.04 24.01 -32.45
C LEU C 312 10.88 24.65 -31.06
N ALA C 313 11.86 24.45 -30.20
CA ALA C 313 11.78 24.87 -28.78
C ALA C 313 11.47 26.35 -28.58
N LYS C 314 11.83 27.17 -29.56
CA LYS C 314 11.68 28.62 -29.42
C LYS C 314 10.22 29.04 -29.56
N ASP C 315 9.37 28.14 -30.04
CA ASP C 315 7.95 28.41 -30.20
C ASP C 315 7.24 28.36 -28.85
N PRO C 316 6.57 29.47 -28.45
CA PRO C 316 5.89 29.51 -27.15
C PRO C 316 4.80 28.43 -27.03
N ARG C 317 4.29 27.97 -28.16
CA ARG C 317 3.24 26.96 -28.19
C ARG C 317 3.84 25.62 -27.79
N ILE C 318 5.09 25.42 -28.17
CA ILE C 318 5.82 24.22 -27.78
C ILE C 318 6.20 24.29 -26.30
N ALA C 319 6.66 25.44 -25.85
CA ALA C 319 6.97 25.60 -24.42
C ALA C 319 5.73 25.33 -23.57
N ALA C 320 4.58 25.77 -24.06
CA ALA C 320 3.29 25.54 -23.38
C ALA C 320 2.88 24.07 -23.36
N THR C 321 3.12 23.38 -24.47
CA THR C 321 2.85 21.94 -24.55
C THR C 321 3.71 21.19 -23.55
N MET C 322 4.99 21.54 -23.46
CA MET C 322 5.87 20.90 -22.49
CA MET C 322 5.88 20.89 -22.50
C MET C 322 5.51 21.24 -21.05
N GLU C 323 5.00 22.45 -20.82
CA GLU C 323 4.56 22.81 -19.47
C GLU C 323 3.39 21.93 -19.03
N ASN C 324 2.37 21.88 -19.88
CA ASN C 324 1.24 21.02 -19.61
C ASN C 324 1.64 19.54 -19.53
N ALA C 325 2.57 19.10 -20.39
CA ALA C 325 3.07 17.71 -20.30
C ALA C 325 3.72 17.40 -18.96
N GLN C 326 4.50 18.34 -18.43
CA GLN C 326 5.24 18.09 -17.19
C GLN C 326 4.27 18.01 -16.01
N LYS C 327 3.17 18.74 -16.14
CA LYS C 327 2.16 18.78 -15.09
C LYS C 327 1.27 17.55 -15.14
N GLY C 328 1.21 16.92 -16.32
CA GLY C 328 0.45 15.70 -16.50
C GLY C 328 1.29 14.47 -16.25
N GLU C 329 0.87 13.33 -16.81
CA GLU C 329 1.63 12.07 -16.64
C GLU C 329 1.67 11.33 -17.98
N ILE C 330 2.79 10.65 -18.25
CA ILE C 330 2.89 9.76 -19.38
C ILE C 330 1.82 8.66 -19.28
N MET C 331 1.16 8.38 -20.39
CA MET C 331 0.19 7.28 -20.41
C MET C 331 0.93 5.99 -20.17
N PRO C 332 0.32 5.07 -19.40
CA PRO C 332 0.80 3.70 -19.45
C PRO C 332 0.64 3.16 -20.88
N ASN C 333 1.49 2.21 -21.30
CA ASN C 333 1.32 1.52 -22.58
C ASN C 333 0.84 0.08 -22.41
N ILE C 334 0.51 -0.28 -21.18
CA ILE C 334 0.17 -1.67 -20.86
C ILE C 334 -1.13 -2.14 -21.53
N PRO C 335 -1.28 -3.46 -21.76
CA PRO C 335 -2.45 -3.97 -22.48
C PRO C 335 -3.76 -3.49 -21.87
N GLN C 336 -3.78 -3.28 -20.55
CA GLN C 336 -5.00 -2.92 -19.83
C GLN C 336 -5.48 -1.48 -20.10
N MET C 337 -4.67 -0.69 -20.80
CA MET C 337 -5.03 0.72 -21.04
C MET C 337 -6.31 0.89 -21.81
N SER C 338 -6.57 0.01 -22.78
CA SER C 338 -7.75 0.28 -23.59
C SER C 338 -8.99 0.03 -22.74
N ALA C 339 -8.93 -0.97 -21.84
CA ALA C 339 -10.02 -1.23 -20.89
C ALA C 339 -10.32 -0.01 -20.03
N PHE C 340 -9.26 0.62 -19.54
CA PHE C 340 -9.40 1.85 -18.78
C PHE C 340 -10.11 2.93 -19.62
N TRP C 341 -9.70 3.12 -20.87
CA TRP C 341 -10.26 4.18 -21.69
C TRP C 341 -11.74 3.98 -22.02
N TYR C 342 -12.10 2.75 -22.39
CA TYR C 342 -13.49 2.44 -22.70
C TYR C 342 -14.36 2.65 -21.47
N ALA C 343 -13.80 2.32 -20.32
CA ALA C 343 -14.50 2.42 -19.05
C ALA C 343 -14.78 3.89 -18.70
N VAL C 344 -13.76 4.73 -18.80
CA VAL C 344 -13.90 6.12 -18.43
C VAL C 344 -14.78 6.89 -19.44
N ARG C 345 -14.66 6.51 -20.71
CA ARG C 345 -15.51 7.06 -21.75
C ARG C 345 -16.97 6.98 -21.38
N THR C 346 -17.40 5.79 -20.98
CA THR C 346 -18.78 5.54 -20.64
C THR C 346 -19.19 6.31 -19.39
N ALA C 347 -18.31 6.31 -18.39
CA ALA C 347 -18.57 7.01 -17.14
C ALA C 347 -18.83 8.50 -17.40
N VAL C 348 -17.99 9.11 -18.22
CA VAL C 348 -18.09 10.55 -18.45
C VAL C 348 -19.38 10.85 -19.20
N ILE C 349 -19.61 10.10 -20.27
CA ILE C 349 -20.84 10.26 -21.05
C ILE C 349 -22.09 10.06 -20.19
N ASN C 350 -22.12 9.00 -19.39
CA ASN C 350 -23.31 8.74 -18.58
C ASN C 350 -23.53 9.80 -17.50
N ALA C 351 -22.43 10.29 -16.93
CA ALA C 351 -22.53 11.29 -15.89
C ALA C 351 -22.87 12.65 -16.50
N ALA C 352 -22.31 12.94 -17.67
CA ALA C 352 -22.53 14.23 -18.32
C ALA C 352 -23.99 14.37 -18.77
N SER C 353 -24.58 13.25 -19.16
CA SER C 353 -25.94 13.25 -19.71
C SER C 353 -27.03 13.07 -18.66
N GLY C 354 -26.64 12.83 -17.41
CA GLY C 354 -27.61 12.65 -16.33
C GLY C 354 -28.16 11.24 -16.21
N ARG C 355 -27.61 10.32 -16.98
CA ARG C 355 -28.04 8.93 -16.94
C ARG C 355 -27.64 8.24 -15.63
N GLN C 356 -26.44 8.54 -15.16
CA GLN C 356 -25.96 8.04 -13.87
C GLN C 356 -25.38 9.20 -13.07
N THR C 357 -25.47 9.11 -11.75
CA THR C 357 -24.76 10.05 -10.88
C THR C 357 -23.25 9.90 -11.12
N VAL C 358 -22.49 10.90 -10.70
CA VAL C 358 -21.03 10.83 -10.79
C VAL C 358 -20.54 9.60 -10.03
N ASP C 359 -21.04 9.40 -8.82
CA ASP C 359 -20.59 8.29 -7.99
C ASP C 359 -20.86 6.93 -8.65
N ALA C 360 -22.07 6.76 -9.19
CA ALA C 360 -22.44 5.49 -9.82
C ALA C 360 -21.60 5.22 -11.07
N ALA C 361 -21.47 6.22 -11.92
CA ALA C 361 -20.68 6.11 -13.15
C ALA C 361 -19.22 5.77 -12.88
N LEU C 362 -18.61 6.39 -11.87
CA LEU C 362 -17.19 6.18 -11.58
C LEU C 362 -16.95 4.85 -10.88
N ALA C 363 -17.93 4.40 -10.09
CA ALA C 363 -17.84 3.10 -9.46
C ALA C 363 -17.83 1.99 -10.54
N ALA C 364 -18.68 2.13 -11.56
CA ALA C 364 -18.70 1.15 -12.65
C ALA C 364 -17.40 1.20 -13.47
N ALA C 365 -16.90 2.40 -13.72
CA ALA C 365 -15.62 2.57 -14.42
C ALA C 365 -14.46 1.92 -13.69
N GLN C 366 -14.44 2.08 -12.36
CA GLN C 366 -13.35 1.51 -11.57
C GLN C 366 -13.32 -0.01 -11.72
N THR C 367 -14.51 -0.62 -11.68
CA THR C 367 -14.62 -2.07 -11.91
C THR C 367 -14.23 -2.47 -13.33
N ASN C 368 -14.81 -1.83 -14.33
CA ASN C 368 -14.53 -2.18 -15.72
C ASN C 368 -13.05 -2.00 -16.12
N ALA C 369 -12.42 -0.97 -15.59
CA ALA C 369 -11.03 -0.68 -15.94
C ALA C 369 -10.11 -1.82 -15.52
N ALA C 370 -10.47 -2.52 -14.46
CA ALA C 370 -9.67 -3.60 -13.91
C ALA C 370 -10.12 -4.98 -14.43
N ALA C 371 -11.01 -5.01 -15.40
CA ALA C 371 -11.71 -6.25 -15.75
C ALA C 371 -11.21 -6.99 -17.00
N SER C 372 -10.19 -6.48 -17.68
CA SER C 372 -9.81 -7.00 -19.00
CA SER C 372 -9.88 -7.01 -19.01
C SER C 372 -9.49 -8.49 -18.96
N ASN C 373 -8.69 -8.90 -17.98
CA ASN C 373 -8.23 -10.29 -17.92
C ASN C 373 -9.30 -11.26 -17.42
N ILE C 374 -10.06 -10.88 -16.39
CA ILE C 374 -11.19 -11.69 -15.94
C ILE C 374 -12.24 -11.78 -17.06
N ASN C 375 -12.40 -10.72 -17.85
CA ASN C 375 -13.37 -10.77 -18.93
C ASN C 375 -13.03 -11.81 -20.01
N LYS C 376 -11.73 -12.08 -20.20
CA LYS C 376 -11.30 -13.14 -21.12
C LYS C 376 -11.63 -14.53 -20.59
N ALA C 377 -11.58 -14.69 -19.27
CA ALA C 377 -11.97 -15.97 -18.64
C ALA C 377 -13.46 -16.21 -18.84
N LYS C 378 -14.25 -15.16 -18.65
CA LYS C 378 -15.69 -15.28 -18.78
C LYS C 378 -16.08 -15.72 -20.20
N VAL C 379 -15.44 -15.11 -21.20
CA VAL C 379 -15.69 -15.45 -22.59
C VAL C 379 -15.24 -16.89 -22.92
N ALA C 380 -14.08 -17.30 -22.42
CA ALA C 380 -13.62 -18.69 -22.55
C ALA C 380 -14.64 -19.68 -21.99
N SER C 381 -15.21 -19.36 -20.83
CA SER C 381 -16.21 -20.22 -20.20
C SER C 381 -17.48 -20.36 -21.04
N VAL C 382 -17.97 -19.26 -21.61
CA VAL C 382 -19.21 -19.32 -22.37
C VAL C 382 -18.95 -20.10 -23.66
N GLU C 383 -17.75 -19.95 -24.21
CA GLU C 383 -17.38 -20.72 -25.40
C GLU C 383 -17.40 -22.22 -25.15
N SER C 384 -16.90 -22.62 -23.99
CA SER C 384 -16.89 -24.02 -23.59
C SER C 384 -18.32 -24.55 -23.36
N ASP C 385 -19.17 -23.78 -22.65
CA ASP C 385 -20.60 -24.10 -22.49
C ASP C 385 -21.26 -24.23 -23.84
N TYR C 386 -21.02 -23.24 -24.69
CA TYR C 386 -21.56 -23.23 -26.04
C TYR C 386 -21.22 -24.48 -26.85
N SER C 387 -19.93 -24.84 -26.89
CA SER C 387 -19.53 -26.06 -27.62
C SER C 387 -20.18 -27.31 -27.06
N SER C 388 -20.17 -27.45 -25.74
CA SER C 388 -20.74 -28.60 -25.07
C SER C 388 -22.22 -28.79 -25.39
N VAL C 389 -22.97 -27.70 -25.33
CA VAL C 389 -24.40 -27.73 -25.63
C VAL C 389 -24.67 -28.03 -27.12
N LYS C 390 -23.87 -27.40 -27.98
CA LYS C 390 -23.98 -27.62 -29.42
C LYS C 390 -23.71 -29.08 -29.79
N SER C 391 -22.61 -29.64 -29.29
CA SER C 391 -22.32 -31.06 -29.54
C SER C 391 -23.45 -31.96 -29.03
N ALA C 392 -23.91 -31.69 -27.80
CA ALA C 392 -25.01 -32.46 -27.22
C ALA C 392 -26.30 -32.37 -28.04
N ALA C 393 -26.65 -31.17 -28.50
CA ALA C 393 -27.85 -31.01 -29.31
C ALA C 393 -27.71 -31.73 -30.65
N LEU C 394 -26.51 -31.67 -31.24
CA LEU C 394 -26.27 -32.33 -32.51
C LEU C 394 -26.31 -33.86 -32.37
N SER C 395 -25.70 -34.37 -31.30
CA SER C 395 -25.75 -35.80 -31.01
C SER C 395 -27.18 -36.28 -30.70
N TYR C 396 -27.92 -35.49 -29.94
CA TYR C 396 -29.32 -35.77 -29.63
C TYR C 396 -30.13 -35.89 -30.92
N TYR C 397 -29.95 -34.90 -31.79
CA TYR C 397 -30.67 -34.84 -33.06
C TYR C 397 -30.31 -36.05 -33.94
N SER C 398 -29.02 -36.36 -34.00
CA SER C 398 -28.54 -37.52 -34.76
C SER C 398 -29.17 -38.82 -34.26
N ASP C 399 -29.33 -38.96 -32.95
CA ASP C 399 -29.89 -40.19 -32.36
C ASP C 399 -31.39 -40.32 -32.59
N THR C 400 -32.12 -39.23 -32.42
CA THR C 400 -33.58 -39.30 -32.26
C THR C 400 -34.37 -38.75 -33.43
N ASN C 401 -33.69 -37.96 -34.25
CA ASN C 401 -34.32 -37.15 -35.30
C ASN C 401 -35.33 -36.12 -34.77
N LYS C 402 -35.22 -35.79 -33.48
CA LYS C 402 -36.09 -34.82 -32.82
C LYS C 402 -35.26 -33.64 -32.33
N ILE C 403 -35.90 -32.48 -32.21
CA ILE C 403 -35.23 -31.24 -31.79
C ILE C 403 -35.27 -31.07 -30.30
N PRO C 404 -34.10 -30.97 -29.67
CA PRO C 404 -34.13 -30.75 -28.23
C PRO C 404 -34.46 -29.29 -27.93
N VAL C 405 -35.59 -29.04 -27.28
CA VAL C 405 -36.00 -27.68 -26.94
C VAL C 405 -36.38 -27.66 -25.47
N THR C 406 -36.15 -26.54 -24.79
CA THR C 406 -36.67 -26.40 -23.43
C THR C 406 -38.20 -26.49 -23.52
N PRO C 407 -38.82 -27.34 -22.68
CA PRO C 407 -40.27 -27.50 -22.76
C PRO C 407 -41.00 -26.25 -22.27
N ASP C 408 -42.24 -26.05 -22.73
CA ASP C 408 -43.04 -24.87 -22.37
C ASP C 408 -43.19 -24.69 -20.85
N GLY C 409 -42.96 -23.47 -20.39
CA GLY C 409 -43.02 -23.16 -18.97
C GLY C 409 -41.68 -23.39 -18.28
N GLN C 410 -41.05 -24.51 -18.60
CA GLN C 410 -39.79 -24.88 -17.98
C GLN C 410 -38.64 -23.95 -18.35
N THR C 411 -37.51 -24.16 -17.70
CA THR C 411 -36.30 -23.39 -17.95
C THR C 411 -35.13 -24.35 -18.01
N GLY C 412 -34.03 -23.92 -18.64
CA GLY C 412 -32.80 -24.67 -18.59
C GLY C 412 -32.61 -25.73 -19.65
N LEU C 413 -31.62 -26.58 -19.43
CA LEU C 413 -31.11 -27.48 -20.46
C LEU C 413 -31.37 -28.96 -20.17
N SER C 414 -32.22 -29.25 -19.17
CA SER C 414 -32.54 -30.63 -18.78
C SER C 414 -32.82 -31.60 -19.93
N VAL C 415 -33.42 -31.12 -21.01
CA VAL C 415 -33.69 -32.01 -22.15
C VAL C 415 -32.40 -32.66 -22.69
N LEU C 416 -31.25 -31.97 -22.53
CA LEU C 416 -29.97 -32.52 -22.99
C LEU C 416 -29.17 -33.23 -21.90
N GLU C 417 -29.80 -33.52 -20.77
CA GLU C 417 -29.04 -33.97 -19.59
C GLU C 417 -28.27 -35.29 -19.82
N THR C 418 -28.84 -36.21 -20.60
CA THR C 418 -28.15 -37.49 -20.81
C THR C 418 -27.07 -37.37 -21.88
N TYR C 419 -26.90 -36.17 -22.45
CA TYR C 419 -25.89 -35.98 -23.48
C TYR C 419 -24.74 -35.11 -22.97
N MET C 420 -24.87 -34.65 -21.73
CA MET C 420 -23.91 -33.72 -21.19
C MET C 420 -23.29 -34.22 -19.90
N GLU C 421 -22.02 -33.87 -19.72
CA GLU C 421 -21.27 -34.25 -18.55
C GLU C 421 -21.84 -33.59 -17.30
N SER C 422 -22.26 -32.35 -17.46
CA SER C 422 -22.96 -31.63 -16.42
C SER C 422 -23.88 -30.62 -17.10
N LEU C 423 -24.82 -30.04 -16.37
CA LEU C 423 -25.79 -29.13 -17.01
C LEU C 423 -25.52 -27.67 -16.69
N PRO C 424 -24.99 -26.93 -17.67
CA PRO C 424 -24.81 -25.49 -17.46
C PRO C 424 -26.16 -24.82 -17.15
N ASP C 425 -26.13 -23.81 -16.30
CA ASP C 425 -27.34 -23.14 -15.86
C ASP C 425 -27.36 -21.70 -16.35
N LYS C 426 -26.34 -20.94 -15.96
CA LYS C 426 -26.19 -19.55 -16.38
C LYS C 426 -24.82 -19.37 -17.01
N ALA C 427 -24.73 -18.38 -17.88
CA ALA C 427 -23.47 -18.08 -18.57
C ALA C 427 -22.56 -17.27 -17.66
N ASP C 428 -21.25 -17.41 -17.88
CA ASP C 428 -20.29 -16.64 -17.09
C ASP C 428 -20.38 -15.15 -17.41
N ILE C 429 -21.00 -14.81 -18.54
CA ILE C 429 -21.21 -13.41 -18.90
C ILE C 429 -22.59 -12.94 -18.40
N GLY C 430 -23.28 -13.83 -17.70
CA GLY C 430 -24.62 -13.56 -17.20
C GLY C 430 -25.69 -14.16 -18.08
N GLY C 431 -26.81 -14.55 -17.47
CA GLY C 431 -27.99 -14.98 -18.20
C GLY C 431 -28.22 -16.47 -18.15
N LYS C 432 -29.47 -16.87 -17.88
CA LYS C 432 -29.86 -18.28 -17.87
C LYS C 432 -29.93 -18.82 -19.28
N TYR C 433 -29.41 -20.03 -19.47
CA TYR C 433 -29.51 -20.73 -20.75
C TYR C 433 -30.89 -21.35 -21.00
N LYS C 434 -31.30 -21.35 -22.26
CA LYS C 434 -32.58 -21.93 -22.64
C LYS C 434 -32.44 -22.36 -24.10
N LEU C 435 -33.08 -23.46 -24.48
CA LEU C 435 -33.09 -23.90 -25.87
C LEU C 435 -34.39 -23.49 -26.53
N ILE C 436 -34.31 -22.77 -27.63
CA ILE C 436 -35.53 -22.27 -28.29
C ILE C 436 -35.52 -22.55 -29.78
N LYS C 437 -36.72 -22.57 -30.36
CA LYS C 437 -36.89 -22.70 -31.79
C LYS C 437 -37.04 -21.33 -32.43
N VAL C 438 -36.28 -21.10 -33.49
CA VAL C 438 -36.43 -19.90 -34.32
C VAL C 438 -36.53 -20.33 -35.78
N GLY C 439 -37.74 -20.29 -36.32
CA GLY C 439 -37.99 -20.86 -37.63
C GLY C 439 -37.60 -22.32 -37.59
N ASN C 440 -36.74 -22.72 -38.50
CA ASN C 440 -36.24 -24.10 -38.49
C ASN C 440 -34.81 -24.17 -37.97
N LYS C 441 -34.51 -23.35 -36.97
CA LYS C 441 -33.21 -23.35 -36.32
C LYS C 441 -33.37 -23.71 -34.86
N LEU C 442 -32.37 -24.39 -34.30
CA LEU C 442 -32.25 -24.52 -32.85
C LEU C 442 -31.31 -23.44 -32.33
N VAL C 443 -31.76 -22.71 -31.31
CA VAL C 443 -31.01 -21.56 -30.84
C VAL C 443 -30.77 -21.61 -29.34
N LEU C 444 -29.55 -21.27 -28.92
CA LEU C 444 -29.25 -21.13 -27.51
C LEU C 444 -29.55 -19.70 -27.09
N GLN C 445 -30.59 -19.52 -26.28
CA GLN C 445 -30.90 -18.20 -25.74
C GLN C 445 -30.11 -18.04 -24.46
N ILE C 446 -29.47 -16.89 -24.28
CA ILE C 446 -28.75 -16.63 -23.04
C ILE C 446 -29.35 -15.41 -22.36
N GLY C 447 -29.99 -15.62 -21.22
CA GLY C 447 -30.58 -14.54 -20.47
C GLY C 447 -32.07 -14.36 -20.72
N THR C 448 -32.68 -13.56 -19.87
CA THR C 448 -34.07 -13.15 -20.01
C THR C 448 -34.08 -11.64 -19.78
N ASN C 449 -35.24 -11.01 -19.94
CA ASN C 449 -35.36 -9.54 -19.78
C ASN C 449 -34.73 -9.00 -18.49
N ASP C 450 -35.12 -9.58 -17.35
CA ASP C 450 -34.52 -9.25 -16.07
C ASP C 450 -32.98 -9.25 -16.12
N GLU C 451 -32.46 -10.38 -16.57
CA GLU C 451 -31.05 -10.70 -16.41
C GLU C 451 -30.47 -11.31 -17.69
N GLY C 452 -29.71 -10.53 -18.43
CA GLY C 452 -29.10 -11.00 -19.67
C GLY C 452 -27.59 -11.01 -19.57
N VAL C 453 -26.93 -10.90 -20.72
CA VAL C 453 -25.48 -10.91 -20.76
C VAL C 453 -24.92 -9.50 -20.72
N THR C 454 -23.69 -9.38 -20.23
CA THR C 454 -22.95 -8.16 -20.37
C THR C 454 -21.61 -8.46 -21.04
N LEU C 455 -21.32 -7.68 -22.07
CA LEU C 455 -20.12 -7.85 -22.88
C LEU C 455 -19.48 -6.49 -23.16
N THR C 456 -18.16 -6.41 -22.98
CA THR C 456 -17.40 -5.26 -23.45
C THR C 456 -17.12 -5.34 -24.95
N GLU C 457 -16.52 -4.30 -25.51
CA GLU C 457 -16.05 -4.32 -26.91
C GLU C 457 -15.17 -5.54 -27.13
N ALA C 458 -14.21 -5.70 -26.23
CA ALA C 458 -13.21 -6.74 -26.34
C ALA C 458 -13.80 -8.14 -26.24
N GLN C 459 -14.79 -8.31 -25.35
CA GLN C 459 -15.42 -9.61 -25.19
C GLN C 459 -16.23 -10.00 -26.42
N SER C 460 -16.95 -9.03 -26.98
CA SER C 460 -17.74 -9.30 -28.18
C SER C 460 -16.84 -9.72 -29.33
N ALA C 461 -15.70 -9.04 -29.44
CA ALA C 461 -14.73 -9.35 -30.48
C ALA C 461 -14.18 -10.76 -30.30
N LYS C 462 -13.79 -11.10 -29.08
CA LYS C 462 -13.20 -12.42 -28.82
C LYS C 462 -14.23 -13.52 -29.10
N LEU C 463 -15.46 -13.28 -28.66
CA LEU C 463 -16.55 -14.21 -28.89
C LEU C 463 -16.75 -14.49 -30.38
N LEU C 464 -16.80 -13.44 -31.18
CA LEU C 464 -17.01 -13.58 -32.63
C LEU C 464 -15.84 -14.28 -33.31
N SER C 465 -14.63 -13.93 -32.89
CA SER C 465 -13.41 -14.54 -33.39
C SER C 465 -13.37 -16.06 -33.16
N ASP C 466 -14.06 -16.53 -32.14
CA ASP C 466 -13.93 -17.91 -31.71
C ASP C 466 -15.12 -18.77 -32.13
N ILE C 467 -16.29 -18.16 -32.16
CA ILE C 467 -17.50 -18.88 -32.54
C ILE C 467 -17.77 -18.70 -34.03
N GLY C 468 -17.34 -17.58 -34.59
CA GLY C 468 -17.51 -17.34 -36.02
C GLY C 468 -18.68 -16.44 -36.35
N GLU C 469 -18.89 -16.20 -37.64
CA GLU C 469 -19.95 -15.30 -38.09
C GLU C 469 -21.26 -16.04 -38.30
N ASN C 470 -22.33 -15.28 -38.42
CA ASN C 470 -23.67 -15.79 -38.67
C ASN C 470 -24.13 -16.75 -37.60
N LYS C 471 -23.67 -16.53 -36.37
CA LYS C 471 -24.11 -17.39 -35.27
C LYS C 471 -24.64 -16.62 -34.07
N ILE C 472 -24.06 -15.47 -33.78
CA ILE C 472 -24.42 -14.69 -32.59
C ILE C 472 -25.29 -13.47 -32.90
N TYR C 473 -26.46 -13.40 -32.27
CA TYR C 473 -27.45 -12.36 -32.51
C TYR C 473 -28.02 -11.76 -31.22
N THR C 474 -28.50 -10.52 -31.31
CA THR C 474 -29.09 -9.82 -30.17
C THR C 474 -30.60 -9.73 -30.26
N SER C 475 -31.15 -10.16 -31.40
CA SER C 475 -32.60 -10.25 -31.52
C SER C 475 -32.97 -11.36 -32.48
N VAL C 476 -34.19 -11.84 -32.36
CA VAL C 476 -34.75 -12.83 -33.25
C VAL C 476 -36.20 -12.45 -33.52
N THR C 477 -36.77 -12.94 -34.61
CA THR C 477 -38.22 -12.94 -34.73
C THR C 477 -38.65 -14.35 -34.37
N ALA C 478 -39.86 -14.75 -34.71
CA ALA C 478 -40.30 -16.11 -34.42
C ALA C 478 -39.86 -17.05 -35.56
N ASP C 479 -39.48 -16.44 -36.69
CA ASP C 479 -39.06 -17.22 -37.85
C ASP C 479 -37.62 -16.94 -38.29
N ASN C 480 -37.03 -15.83 -37.87
CA ASN C 480 -35.67 -15.50 -38.33
C ASN C 480 -34.78 -14.90 -37.25
N LEU C 481 -33.47 -15.05 -37.44
CA LEU C 481 -32.50 -14.37 -36.59
C LEU C 481 -32.42 -12.93 -37.02
N GLY C 482 -32.24 -12.04 -36.06
CA GLY C 482 -32.29 -10.62 -36.36
C GLY C 482 -30.92 -9.98 -36.36
N ASN C 483 -30.66 -9.19 -35.33
CA ASN C 483 -29.52 -8.28 -35.30
C ASN C 483 -28.25 -9.00 -34.86
N PRO C 484 -27.28 -9.14 -35.76
CA PRO C 484 -26.04 -9.86 -35.44
C PRO C 484 -25.12 -9.08 -34.50
N LEU C 485 -24.50 -9.77 -33.56
CA LEU C 485 -23.43 -9.17 -32.76
C LEU C 485 -22.24 -8.81 -33.65
N THR C 486 -21.67 -7.63 -33.44
CA THR C 486 -20.46 -7.20 -34.16
C THR C 486 -19.30 -7.01 -33.19
N SER C 487 -18.07 -6.99 -33.70
CA SER C 487 -16.91 -6.85 -32.84
C SER C 487 -16.86 -5.49 -32.15
N ASN C 488 -17.66 -4.56 -32.67
CA ASN C 488 -17.82 -3.23 -32.06
C ASN C 488 -18.97 -3.14 -31.05
N THR C 489 -19.77 -4.20 -30.92
CA THR C 489 -20.93 -4.15 -30.03
C THR C 489 -20.54 -4.33 -28.56
N LYS C 490 -20.82 -3.31 -27.77
CA LYS C 490 -20.85 -3.41 -26.31
C LYS C 490 -22.27 -3.82 -25.92
N VAL C 491 -22.44 -4.66 -24.91
CA VAL C 491 -23.77 -5.15 -24.56
C VAL C 491 -24.02 -5.01 -23.06
N ASP C 492 -25.05 -4.27 -22.66
CA ASP C 492 -25.33 -4.10 -21.25
CA ASP C 492 -25.34 -4.09 -21.24
C ASP C 492 -26.65 -4.74 -20.84
N ASN C 493 -26.55 -5.94 -20.25
CA ASN C 493 -27.68 -6.65 -19.70
C ASN C 493 -28.77 -6.89 -20.76
N LYS C 494 -28.41 -7.62 -21.80
CA LYS C 494 -29.37 -7.97 -22.85
C LYS C 494 -29.35 -9.47 -23.10
N VAL C 495 -30.46 -9.98 -23.63
CA VAL C 495 -30.50 -11.37 -24.04
C VAL C 495 -29.61 -11.54 -25.27
N LEU C 496 -28.92 -12.68 -25.34
CA LEU C 496 -28.06 -13.03 -26.44
C LEU C 496 -28.57 -14.34 -27.04
N TYR C 497 -28.41 -14.51 -28.34
CA TYR C 497 -28.81 -15.75 -29.03
C TYR C 497 -27.65 -16.31 -29.82
N ILE C 498 -27.45 -17.63 -29.72
CA ILE C 498 -26.43 -18.28 -30.54
C ILE C 498 -27.00 -19.51 -31.24
N VAL C 499 -26.82 -19.57 -32.55
CA VAL C 499 -27.35 -20.68 -33.33
C VAL C 499 -26.63 -22.00 -33.01
N LEU C 500 -27.42 -23.04 -32.75
CA LEU C 500 -26.87 -24.36 -32.47
C LEU C 500 -27.01 -25.29 -33.68
N ILE C 501 -28.18 -25.26 -34.31
CA ILE C 501 -28.49 -26.04 -35.52
C ILE C 501 -29.20 -25.14 -36.53
N ASP C 502 -28.61 -24.97 -37.71
CA ASP C 502 -29.14 -24.08 -38.76
C ASP C 502 -30.44 -24.55 -39.37
N ASN C 503 -30.56 -25.86 -39.57
CA ASN C 503 -31.74 -26.40 -40.24
C ASN C 503 -32.21 -27.69 -39.62
N THR C 504 -33.39 -27.62 -39.01
CA THR C 504 -33.94 -28.76 -38.30
C THR C 504 -35.07 -29.46 -39.06
N VAL C 505 -35.27 -29.18 -40.35
CA VAL C 505 -36.33 -29.89 -41.05
C VAL C 505 -35.80 -31.26 -41.42
N MET C 506 -36.55 -32.30 -41.07
CA MET C 506 -36.12 -33.65 -41.38
C MET C 506 -36.22 -33.92 -42.88
N ASP C 507 -35.17 -34.52 -43.43
CA ASP C 507 -35.17 -34.96 -44.81
C ASP C 507 -35.08 -36.48 -44.83
N SER C 508 -36.21 -37.13 -45.06
CA SER C 508 -36.31 -38.59 -45.00
C SER C 508 -35.69 -39.30 -46.20
N THR C 509 -35.22 -38.52 -47.17
CA THR C 509 -34.53 -39.06 -48.33
C THR C 509 -33.01 -39.01 -48.12
N LYS C 510 -32.60 -38.43 -47.00
CA LYS C 510 -31.18 -38.21 -46.70
C LYS C 510 -30.43 -37.57 -47.87
N GLY C 511 -30.99 -36.50 -48.42
CA GLY C 511 -30.33 -35.72 -49.44
C GLY C 511 -30.39 -36.30 -50.84
N SER C 512 -31.37 -37.17 -51.09
CA SER C 512 -31.54 -37.73 -52.43
C SER C 512 -32.93 -37.45 -53.01
#